data_6HO1
# 
_entry.id   6HO1 
# 
_audit_conform.dict_name       mmcif_pdbx.dic 
_audit_conform.dict_version    5.383 
_audit_conform.dict_location   http://mmcif.pdb.org/dictionaries/ascii/mmcif_pdbx.dic 
# 
loop_
_database_2.database_id 
_database_2.database_code 
_database_2.pdbx_database_accession 
_database_2.pdbx_DOI 
PDB   6HO1         pdb_00006ho1 10.2210/pdb6ho1/pdb 
WWPDB D_1200011921 ?            ?                   
# 
loop_
_pdbx_audit_revision_history.ordinal 
_pdbx_audit_revision_history.data_content_type 
_pdbx_audit_revision_history.major_revision 
_pdbx_audit_revision_history.minor_revision 
_pdbx_audit_revision_history.revision_date 
1 'Structure model' 1 0 2018-12-26 
2 'Structure model' 1 1 2019-01-23 
3 'Structure model' 1 2 2024-01-24 
# 
_pdbx_audit_revision_details.ordinal             1 
_pdbx_audit_revision_details.revision_ordinal    1 
_pdbx_audit_revision_details.data_content_type   'Structure model' 
_pdbx_audit_revision_details.provider            repository 
_pdbx_audit_revision_details.type                'Initial release' 
_pdbx_audit_revision_details.description         ? 
_pdbx_audit_revision_details.details             ? 
# 
loop_
_pdbx_audit_revision_group.ordinal 
_pdbx_audit_revision_group.revision_ordinal 
_pdbx_audit_revision_group.data_content_type 
_pdbx_audit_revision_group.group 
1 2 'Structure model' 'Data collection'        
2 2 'Structure model' 'Database references'    
3 3 'Structure model' 'Data collection'        
4 3 'Structure model' 'Database references'    
5 3 'Structure model' 'Refinement description' 
# 
loop_
_pdbx_audit_revision_category.ordinal 
_pdbx_audit_revision_category.revision_ordinal 
_pdbx_audit_revision_category.data_content_type 
_pdbx_audit_revision_category.category 
1 2 'Structure model' citation                      
2 3 'Structure model' chem_comp_atom                
3 3 'Structure model' chem_comp_bond                
4 3 'Structure model' database_2                    
5 3 'Structure model' pdbx_initial_refinement_model 
# 
loop_
_pdbx_audit_revision_item.ordinal 
_pdbx_audit_revision_item.revision_ordinal 
_pdbx_audit_revision_item.data_content_type 
_pdbx_audit_revision_item.item 
1 2 'Structure model' '_citation.journal_volume'            
2 2 'Structure model' '_citation.page_first'                
3 2 'Structure model' '_citation.page_last'                 
4 3 'Structure model' '_database_2.pdbx_DOI'                
5 3 'Structure model' '_database_2.pdbx_database_accession' 
# 
_pdbx_database_status.status_code                     REL 
_pdbx_database_status.status_code_sf                  REL 
_pdbx_database_status.status_code_mr                  ? 
_pdbx_database_status.entry_id                        6HO1 
_pdbx_database_status.recvd_initial_deposition_date   2018-09-17 
_pdbx_database_status.SG_entry                        N 
_pdbx_database_status.deposit_site                    PDBE 
_pdbx_database_status.process_site                    PDBE 
_pdbx_database_status.status_code_cs                  ? 
_pdbx_database_status.methods_development_category    ? 
_pdbx_database_status.pdb_format_compatible           Y 
_pdbx_database_status.status_code_nmr_data            ? 
# 
loop_
_audit_author.name 
_audit_author.pdbx_ordinal 
_audit_author.identifier_ORCID 
'Wintjens, R.'  1 0000-0002-0234-7847 
'Wohlkonig, A.' 2 0000-0003-3103-5022 
# 
_citation.abstract                  ? 
_citation.abstract_id_CAS           ? 
_citation.book_id_ISBN              ? 
_citation.book_publisher            ? 
_citation.book_publisher_city       ? 
_citation.book_title                ? 
_citation.coordinate_linkage        ? 
_citation.country                   ? 
_citation.database_id_Medline       ? 
_citation.details                   ? 
_citation.id                        primary 
_citation.journal_abbrev            'Biochim Biophys Acta Proteins Proteom' 
_citation.journal_id_ASTM           ? 
_citation.journal_id_CSD            ? 
_citation.journal_id_ISSN           1878-1454 
_citation.journal_full              ? 
_citation.journal_issue             ? 
_citation.journal_volume            1867 
_citation.language                  ? 
_citation.page_first                248 
_citation.page_last                 258 
_citation.title                     
'A comprehensive analysis of the protein-ligand interactions in crystal structures of Mycobacterium tuberculosis EthR.' 
_citation.year                      2018 
_citation.database_id_CSD           ? 
_citation.pdbx_database_id_DOI      10.1016/j.bbapap.2018.12.003 
_citation.pdbx_database_id_PubMed   30553830 
_citation.unpublished_flag          ? 
# 
loop_
_citation_author.citation_id 
_citation_author.name 
_citation_author.ordinal 
_citation_author.identifier_ORCID 
primary 'Tanina, A.'     1  ? 
primary 'Wohlkonig, A.'  2  ? 
primary 'Soror, S.H.'    3  ? 
primary 'Flipo, M.'      4  ? 
primary 'Villemagne, B.' 5  ? 
primary 'Prevet, H.'     6  ? 
primary 'Deprez, B.'     7  ? 
primary 'Moune, M.'      8  ? 
primary 'Peree, H.'      9  ? 
primary 'Meyer, F.'      10 ? 
primary 'Baulard, A.R.'  11 ? 
primary 'Willand, N.'    12 ? 
primary 'Wintjens, R.'   13 ? 
# 
loop_
_entity.id 
_entity.type 
_entity.src_method 
_entity.pdbx_description 
_entity.formula_weight 
_entity.pdbx_number_of_molecules 
_entity.pdbx_ec 
_entity.pdbx_mutation 
_entity.pdbx_fragment 
_entity.details 
1 polymer     man 'HTH-type transcriptional regulator EthR'                                  24927.980 1  ? ? ? ? 
2 non-polymer syn GLYCEROL                                                                   92.094    1  ? ? ? ? 
3 non-polymer syn 'ethyl 2-[4-[4-(3-methylbutylsulfamoyl)phenyl]-1,3-thiazol-2-yl]ethanoate' 396.524   1  ? ? ? ? 
4 water       nat water                                                                      18.015    22 ? ? ? ? 
# 
_entity_poly.entity_id                      1 
_entity_poly.type                           'polypeptide(L)' 
_entity_poly.nstd_linkage                   no 
_entity_poly.nstd_monomer                   no 
_entity_poly.pdbx_seq_one_letter_code       
;MTTSAASQASLPMTTSAASQASLPRGRRTARPSGDDRELAILATAENLLEDRPLADISVDDLAKGAGISRPTFYFYFPSK
EAVLLTLLDRVVNQADMALQTLAENPADTDRENMWRTGINVFFETFGSHKAVTRAGQAARATSVEVAELWSTFMQKWIAY
TAAVIDAERDRGAAPRTLPAHELATALNLMNERTLFASFAGEQPSVPEARVLDTLVHIWVTSIYGENR
;
_entity_poly.pdbx_seq_one_letter_code_can   
;MTTSAASQASLPMTTSAASQASLPRGRRTARPSGDDRELAILATAENLLEDRPLADISVDDLAKGAGISRPTFYFYFPSK
EAVLLTLLDRVVNQADMALQTLAENPADTDRENMWRTGINVFFETFGSHKAVTRAGQAARATSVEVAELWSTFMQKWIAY
TAAVIDAERDRGAAPRTLPAHELATALNLMNERTLFASFAGEQPSVPEARVLDTLVHIWVTSIYGENR
;
_entity_poly.pdbx_strand_id                 A 
_entity_poly.pdbx_target_identifier         ? 
# 
loop_
_pdbx_entity_nonpoly.entity_id 
_pdbx_entity_nonpoly.name 
_pdbx_entity_nonpoly.comp_id 
2 GLYCEROL                                                                   GOL 
3 'ethyl 2-[4-[4-(3-methylbutylsulfamoyl)phenyl]-1,3-thiazol-2-yl]ethanoate' GFW 
4 water                                                                      HOH 
# 
loop_
_entity_poly_seq.entity_id 
_entity_poly_seq.num 
_entity_poly_seq.mon_id 
_entity_poly_seq.hetero 
1 1   MET n 
1 2   THR n 
1 3   THR n 
1 4   SER n 
1 5   ALA n 
1 6   ALA n 
1 7   SER n 
1 8   GLN n 
1 9   ALA n 
1 10  SER n 
1 11  LEU n 
1 12  PRO n 
1 13  MET n 
1 14  THR n 
1 15  THR n 
1 16  SER n 
1 17  ALA n 
1 18  ALA n 
1 19  SER n 
1 20  GLN n 
1 21  ALA n 
1 22  SER n 
1 23  LEU n 
1 24  PRO n 
1 25  ARG n 
1 26  GLY n 
1 27  ARG n 
1 28  ARG n 
1 29  THR n 
1 30  ALA n 
1 31  ARG n 
1 32  PRO n 
1 33  SER n 
1 34  GLY n 
1 35  ASP n 
1 36  ASP n 
1 37  ARG n 
1 38  GLU n 
1 39  LEU n 
1 40  ALA n 
1 41  ILE n 
1 42  LEU n 
1 43  ALA n 
1 44  THR n 
1 45  ALA n 
1 46  GLU n 
1 47  ASN n 
1 48  LEU n 
1 49  LEU n 
1 50  GLU n 
1 51  ASP n 
1 52  ARG n 
1 53  PRO n 
1 54  LEU n 
1 55  ALA n 
1 56  ASP n 
1 57  ILE n 
1 58  SER n 
1 59  VAL n 
1 60  ASP n 
1 61  ASP n 
1 62  LEU n 
1 63  ALA n 
1 64  LYS n 
1 65  GLY n 
1 66  ALA n 
1 67  GLY n 
1 68  ILE n 
1 69  SER n 
1 70  ARG n 
1 71  PRO n 
1 72  THR n 
1 73  PHE n 
1 74  TYR n 
1 75  PHE n 
1 76  TYR n 
1 77  PHE n 
1 78  PRO n 
1 79  SER n 
1 80  LYS n 
1 81  GLU n 
1 82  ALA n 
1 83  VAL n 
1 84  LEU n 
1 85  LEU n 
1 86  THR n 
1 87  LEU n 
1 88  LEU n 
1 89  ASP n 
1 90  ARG n 
1 91  VAL n 
1 92  VAL n 
1 93  ASN n 
1 94  GLN n 
1 95  ALA n 
1 96  ASP n 
1 97  MET n 
1 98  ALA n 
1 99  LEU n 
1 100 GLN n 
1 101 THR n 
1 102 LEU n 
1 103 ALA n 
1 104 GLU n 
1 105 ASN n 
1 106 PRO n 
1 107 ALA n 
1 108 ASP n 
1 109 THR n 
1 110 ASP n 
1 111 ARG n 
1 112 GLU n 
1 113 ASN n 
1 114 MET n 
1 115 TRP n 
1 116 ARG n 
1 117 THR n 
1 118 GLY n 
1 119 ILE n 
1 120 ASN n 
1 121 VAL n 
1 122 PHE n 
1 123 PHE n 
1 124 GLU n 
1 125 THR n 
1 126 PHE n 
1 127 GLY n 
1 128 SER n 
1 129 HIS n 
1 130 LYS n 
1 131 ALA n 
1 132 VAL n 
1 133 THR n 
1 134 ARG n 
1 135 ALA n 
1 136 GLY n 
1 137 GLN n 
1 138 ALA n 
1 139 ALA n 
1 140 ARG n 
1 141 ALA n 
1 142 THR n 
1 143 SER n 
1 144 VAL n 
1 145 GLU n 
1 146 VAL n 
1 147 ALA n 
1 148 GLU n 
1 149 LEU n 
1 150 TRP n 
1 151 SER n 
1 152 THR n 
1 153 PHE n 
1 154 MET n 
1 155 GLN n 
1 156 LYS n 
1 157 TRP n 
1 158 ILE n 
1 159 ALA n 
1 160 TYR n 
1 161 THR n 
1 162 ALA n 
1 163 ALA n 
1 164 VAL n 
1 165 ILE n 
1 166 ASP n 
1 167 ALA n 
1 168 GLU n 
1 169 ARG n 
1 170 ASP n 
1 171 ARG n 
1 172 GLY n 
1 173 ALA n 
1 174 ALA n 
1 175 PRO n 
1 176 ARG n 
1 177 THR n 
1 178 LEU n 
1 179 PRO n 
1 180 ALA n 
1 181 HIS n 
1 182 GLU n 
1 183 LEU n 
1 184 ALA n 
1 185 THR n 
1 186 ALA n 
1 187 LEU n 
1 188 ASN n 
1 189 LEU n 
1 190 MET n 
1 191 ASN n 
1 192 GLU n 
1 193 ARG n 
1 194 THR n 
1 195 LEU n 
1 196 PHE n 
1 197 ALA n 
1 198 SER n 
1 199 PHE n 
1 200 ALA n 
1 201 GLY n 
1 202 GLU n 
1 203 GLN n 
1 204 PRO n 
1 205 SER n 
1 206 VAL n 
1 207 PRO n 
1 208 GLU n 
1 209 ALA n 
1 210 ARG n 
1 211 VAL n 
1 212 LEU n 
1 213 ASP n 
1 214 THR n 
1 215 LEU n 
1 216 VAL n 
1 217 HIS n 
1 218 ILE n 
1 219 TRP n 
1 220 VAL n 
1 221 THR n 
1 222 SER n 
1 223 ILE n 
1 224 TYR n 
1 225 GLY n 
1 226 GLU n 
1 227 ASN n 
1 228 ARG n 
# 
_entity_src_gen.entity_id                          1 
_entity_src_gen.pdbx_src_id                        1 
_entity_src_gen.pdbx_alt_source_flag               sample 
_entity_src_gen.pdbx_seq_type                      'Biological sequence' 
_entity_src_gen.pdbx_beg_seq_num                   1 
_entity_src_gen.pdbx_end_seq_num                   228 
_entity_src_gen.gene_src_common_name               ? 
_entity_src_gen.gene_src_genus                     ? 
_entity_src_gen.pdbx_gene_src_gene                 'ethR, etaR, MT3970' 
_entity_src_gen.gene_src_species                   ? 
_entity_src_gen.gene_src_strain                    ? 
_entity_src_gen.gene_src_tissue                    ? 
_entity_src_gen.gene_src_tissue_fraction           ? 
_entity_src_gen.gene_src_details                   ? 
_entity_src_gen.pdbx_gene_src_fragment             ? 
_entity_src_gen.pdbx_gene_src_scientific_name      'Mycobacterium tuberculosis CDC1551' 
_entity_src_gen.pdbx_gene_src_ncbi_taxonomy_id     83331 
_entity_src_gen.pdbx_gene_src_variant              'CDC 1551 / Oshkosh' 
_entity_src_gen.pdbx_gene_src_cell_line            ? 
_entity_src_gen.pdbx_gene_src_atcc                 ? 
_entity_src_gen.pdbx_gene_src_organ                ? 
_entity_src_gen.pdbx_gene_src_organelle            ? 
_entity_src_gen.pdbx_gene_src_cell                 ? 
_entity_src_gen.pdbx_gene_src_cellular_location    ? 
_entity_src_gen.host_org_common_name               ? 
_entity_src_gen.pdbx_host_org_scientific_name      'Escherichia coli BL21' 
_entity_src_gen.pdbx_host_org_ncbi_taxonomy_id     511693 
_entity_src_gen.host_org_genus                     ? 
_entity_src_gen.pdbx_host_org_gene                 ? 
_entity_src_gen.pdbx_host_org_organ                ? 
_entity_src_gen.host_org_species                   ? 
_entity_src_gen.pdbx_host_org_tissue               ? 
_entity_src_gen.pdbx_host_org_tissue_fraction      ? 
_entity_src_gen.pdbx_host_org_strain               ? 
_entity_src_gen.pdbx_host_org_variant              ? 
_entity_src_gen.pdbx_host_org_cell_line            ? 
_entity_src_gen.pdbx_host_org_atcc                 ? 
_entity_src_gen.pdbx_host_org_culture_collection   ? 
_entity_src_gen.pdbx_host_org_cell                 ? 
_entity_src_gen.pdbx_host_org_organelle            ? 
_entity_src_gen.pdbx_host_org_cellular_location    ? 
_entity_src_gen.pdbx_host_org_vector_type          ? 
_entity_src_gen.pdbx_host_org_vector               ? 
_entity_src_gen.host_org_details                   ? 
_entity_src_gen.expression_system_id               ? 
_entity_src_gen.plasmid_name                       ? 
_entity_src_gen.plasmid_details                    ? 
_entity_src_gen.pdbx_description                   ? 
# 
loop_
_chem_comp.id 
_chem_comp.type 
_chem_comp.mon_nstd_flag 
_chem_comp.name 
_chem_comp.pdbx_synonyms 
_chem_comp.formula 
_chem_comp.formula_weight 
ALA 'L-peptide linking' y ALANINE                                                                    ? 'C3 H7 N O2'       89.093  
ARG 'L-peptide linking' y ARGININE                                                                   ? 'C6 H15 N4 O2 1'   175.209 
ASN 'L-peptide linking' y ASPARAGINE                                                                 ? 'C4 H8 N2 O3'      132.118 
ASP 'L-peptide linking' y 'ASPARTIC ACID'                                                            ? 'C4 H7 N O4'       133.103 
GFW non-polymer         . 'ethyl 2-[4-[4-(3-methylbutylsulfamoyl)phenyl]-1,3-thiazol-2-yl]ethanoate' ? 'C18 H24 N2 O4 S2' 396.524 
GLN 'L-peptide linking' y GLUTAMINE                                                                  ? 'C5 H10 N2 O3'     146.144 
GLU 'L-peptide linking' y 'GLUTAMIC ACID'                                                            ? 'C5 H9 N O4'       147.129 
GLY 'peptide linking'   y GLYCINE                                                                    ? 'C2 H5 N O2'       75.067  
GOL non-polymer         . GLYCEROL                                                                   
'GLYCERIN; PROPANE-1,2,3-TRIOL' 'C3 H8 O3'         92.094  
HIS 'L-peptide linking' y HISTIDINE                                                                  ? 'C6 H10 N3 O2 1'   156.162 
HOH non-polymer         . WATER                                                                      ? 'H2 O'             18.015  
ILE 'L-peptide linking' y ISOLEUCINE                                                                 ? 'C6 H13 N O2'      131.173 
LEU 'L-peptide linking' y LEUCINE                                                                    ? 'C6 H13 N O2'      131.173 
LYS 'L-peptide linking' y LYSINE                                                                     ? 'C6 H15 N2 O2 1'   147.195 
MET 'L-peptide linking' y METHIONINE                                                                 ? 'C5 H11 N O2 S'    149.211 
PHE 'L-peptide linking' y PHENYLALANINE                                                              ? 'C9 H11 N O2'      165.189 
PRO 'L-peptide linking' y PROLINE                                                                    ? 'C5 H9 N O2'       115.130 
SER 'L-peptide linking' y SERINE                                                                     ? 'C3 H7 N O3'       105.093 
THR 'L-peptide linking' y THREONINE                                                                  ? 'C4 H9 N O3'       119.119 
TRP 'L-peptide linking' y TRYPTOPHAN                                                                 ? 'C11 H12 N2 O2'    204.225 
TYR 'L-peptide linking' y TYROSINE                                                                   ? 'C9 H11 N O3'      181.189 
VAL 'L-peptide linking' y VALINE                                                                     ? 'C5 H11 N O2'      117.146 
# 
loop_
_pdbx_poly_seq_scheme.asym_id 
_pdbx_poly_seq_scheme.entity_id 
_pdbx_poly_seq_scheme.seq_id 
_pdbx_poly_seq_scheme.mon_id 
_pdbx_poly_seq_scheme.ndb_seq_num 
_pdbx_poly_seq_scheme.pdb_seq_num 
_pdbx_poly_seq_scheme.auth_seq_num 
_pdbx_poly_seq_scheme.pdb_mon_id 
_pdbx_poly_seq_scheme.auth_mon_id 
_pdbx_poly_seq_scheme.pdb_strand_id 
_pdbx_poly_seq_scheme.pdb_ins_code 
_pdbx_poly_seq_scheme.hetero 
A 1 1   MET 1   -11 ?   ?   ?   A . n 
A 1 2   THR 2   -10 ?   ?   ?   A . n 
A 1 3   THR 3   -9  ?   ?   ?   A . n 
A 1 4   SER 4   -8  ?   ?   ?   A . n 
A 1 5   ALA 5   -7  ?   ?   ?   A . n 
A 1 6   ALA 6   -6  ?   ?   ?   A . n 
A 1 7   SER 7   -5  ?   ?   ?   A . n 
A 1 8   GLN 8   -4  ?   ?   ?   A . n 
A 1 9   ALA 9   -3  ?   ?   ?   A . n 
A 1 10  SER 10  -2  ?   ?   ?   A . n 
A 1 11  LEU 11  -1  ?   ?   ?   A . n 
A 1 12  PRO 12  0   ?   ?   ?   A . n 
A 1 13  MET 13  1   ?   ?   ?   A . n 
A 1 14  THR 14  2   ?   ?   ?   A . n 
A 1 15  THR 15  3   ?   ?   ?   A . n 
A 1 16  SER 16  4   ?   ?   ?   A . n 
A 1 17  ALA 17  5   ?   ?   ?   A . n 
A 1 18  ALA 18  6   ?   ?   ?   A . n 
A 1 19  SER 19  7   ?   ?   ?   A . n 
A 1 20  GLN 20  8   ?   ?   ?   A . n 
A 1 21  ALA 21  9   ?   ?   ?   A . n 
A 1 22  SER 22  10  ?   ?   ?   A . n 
A 1 23  LEU 23  11  ?   ?   ?   A . n 
A 1 24  PRO 24  12  ?   ?   ?   A . n 
A 1 25  ARG 25  13  ?   ?   ?   A . n 
A 1 26  GLY 26  14  ?   ?   ?   A . n 
A 1 27  ARG 27  15  ?   ?   ?   A . n 
A 1 28  ARG 28  16  ?   ?   ?   A . n 
A 1 29  THR 29  17  ?   ?   ?   A . n 
A 1 30  ALA 30  18  ?   ?   ?   A . n 
A 1 31  ARG 31  19  ?   ?   ?   A . n 
A 1 32  PRO 32  20  ?   ?   ?   A . n 
A 1 33  SER 33  21  ?   ?   ?   A . n 
A 1 34  GLY 34  22  ?   ?   ?   A . n 
A 1 35  ASP 35  23  ?   ?   ?   A . n 
A 1 36  ASP 36  24  ?   ?   ?   A . n 
A 1 37  ARG 37  25  25  ARG ARG A . n 
A 1 38  GLU 38  26  26  GLU GLU A . n 
A 1 39  LEU 39  27  27  LEU LEU A . n 
A 1 40  ALA 40  28  28  ALA ALA A . n 
A 1 41  ILE 41  29  29  ILE ILE A . n 
A 1 42  LEU 42  30  30  LEU LEU A . n 
A 1 43  ALA 43  31  31  ALA ALA A . n 
A 1 44  THR 44  32  32  THR THR A . n 
A 1 45  ALA 45  33  33  ALA ALA A . n 
A 1 46  GLU 46  34  34  GLU GLU A . n 
A 1 47  ASN 47  35  35  ASN ASN A . n 
A 1 48  LEU 48  36  36  LEU LEU A . n 
A 1 49  LEU 49  37  37  LEU LEU A . n 
A 1 50  GLU 50  38  38  GLU GLU A . n 
A 1 51  ASP 51  39  39  ASP ASP A . n 
A 1 52  ARG 52  40  40  ARG ARG A . n 
A 1 53  PRO 53  41  41  PRO PRO A . n 
A 1 54  LEU 54  42  42  LEU LEU A . n 
A 1 55  ALA 55  43  43  ALA ALA A . n 
A 1 56  ASP 56  44  44  ASP ASP A . n 
A 1 57  ILE 57  45  45  ILE ILE A . n 
A 1 58  SER 58  46  46  SER SER A . n 
A 1 59  VAL 59  47  47  VAL VAL A . n 
A 1 60  ASP 60  48  48  ASP ASP A . n 
A 1 61  ASP 61  49  49  ASP ASP A . n 
A 1 62  LEU 62  50  50  LEU LEU A . n 
A 1 63  ALA 63  51  51  ALA ALA A . n 
A 1 64  LYS 64  52  52  LYS LYS A . n 
A 1 65  GLY 65  53  53  GLY GLY A . n 
A 1 66  ALA 66  54  54  ALA ALA A . n 
A 1 67  GLY 67  55  55  GLY GLY A . n 
A 1 68  ILE 68  56  56  ILE ILE A . n 
A 1 69  SER 69  57  57  SER SER A . n 
A 1 70  ARG 70  58  58  ARG ARG A . n 
A 1 71  PRO 71  59  59  PRO PRO A . n 
A 1 72  THR 72  60  60  THR THR A . n 
A 1 73  PHE 73  61  61  PHE PHE A . n 
A 1 74  TYR 74  62  62  TYR TYR A . n 
A 1 75  PHE 75  63  63  PHE PHE A . n 
A 1 76  TYR 76  64  64  TYR TYR A . n 
A 1 77  PHE 77  65  65  PHE PHE A . n 
A 1 78  PRO 78  66  66  PRO PRO A . n 
A 1 79  SER 79  67  67  SER SER A . n 
A 1 80  LYS 80  68  68  LYS LYS A . n 
A 1 81  GLU 81  69  69  GLU GLU A . n 
A 1 82  ALA 82  70  70  ALA ALA A . n 
A 1 83  VAL 83  71  71  VAL VAL A . n 
A 1 84  LEU 84  72  72  LEU LEU A . n 
A 1 85  LEU 85  73  73  LEU LEU A . n 
A 1 86  THR 86  74  74  THR THR A . n 
A 1 87  LEU 87  75  75  LEU LEU A . n 
A 1 88  LEU 88  76  76  LEU LEU A . n 
A 1 89  ASP 89  77  77  ASP ASP A . n 
A 1 90  ARG 90  78  78  ARG ARG A . n 
A 1 91  VAL 91  79  79  VAL VAL A . n 
A 1 92  VAL 92  80  80  VAL VAL A . n 
A 1 93  ASN 93  81  81  ASN ASN A . n 
A 1 94  GLN 94  82  82  GLN GLN A . n 
A 1 95  ALA 95  83  83  ALA ALA A . n 
A 1 96  ASP 96  84  84  ASP ASP A . n 
A 1 97  MET 97  85  85  MET MET A . n 
A 1 98  ALA 98  86  86  ALA ALA A . n 
A 1 99  LEU 99  87  87  LEU LEU A . n 
A 1 100 GLN 100 88  88  GLN GLN A . n 
A 1 101 THR 101 89  89  THR THR A . n 
A 1 102 LEU 102 90  90  LEU LEU A . n 
A 1 103 ALA 103 91  91  ALA ALA A . n 
A 1 104 GLU 104 92  92  GLU GLU A . n 
A 1 105 ASN 105 93  93  ASN ASN A . n 
A 1 106 PRO 106 94  ?   ?   ?   A . n 
A 1 107 ALA 107 95  ?   ?   ?   A . n 
A 1 108 ASP 108 96  ?   ?   ?   A . n 
A 1 109 THR 109 97  97  THR THR A . n 
A 1 110 ASP 110 98  98  ASP ASP A . n 
A 1 111 ARG 111 99  99  ARG ARG A . n 
A 1 112 GLU 112 100 100 GLU GLU A . n 
A 1 113 ASN 113 101 101 ASN ASN A . n 
A 1 114 MET 114 102 102 MET MET A . n 
A 1 115 TRP 115 103 103 TRP TRP A . n 
A 1 116 ARG 116 104 104 ARG ARG A . n 
A 1 117 THR 117 105 105 THR THR A . n 
A 1 118 GLY 118 106 106 GLY GLY A . n 
A 1 119 ILE 119 107 107 ILE ILE A . n 
A 1 120 ASN 120 108 108 ASN ASN A . n 
A 1 121 VAL 121 109 109 VAL VAL A . n 
A 1 122 PHE 122 110 110 PHE PHE A . n 
A 1 123 PHE 123 111 111 PHE PHE A . n 
A 1 124 GLU 124 112 112 GLU GLU A . n 
A 1 125 THR 125 113 113 THR THR A . n 
A 1 126 PHE 126 114 114 PHE PHE A . n 
A 1 127 GLY 127 115 115 GLY GLY A . n 
A 1 128 SER 128 116 116 SER SER A . n 
A 1 129 HIS 129 117 117 HIS HIS A . n 
A 1 130 LYS 130 118 118 LYS LYS A . n 
A 1 131 ALA 131 119 119 ALA ALA A . n 
A 1 132 VAL 132 120 120 VAL VAL A . n 
A 1 133 THR 133 121 121 THR THR A . n 
A 1 134 ARG 134 122 122 ARG ARG A . n 
A 1 135 ALA 135 123 123 ALA ALA A . n 
A 1 136 GLY 136 124 124 GLY GLY A . n 
A 1 137 GLN 137 125 125 GLN GLN A . n 
A 1 138 ALA 138 126 126 ALA ALA A . n 
A 1 139 ALA 139 127 127 ALA ALA A . n 
A 1 140 ARG 140 128 128 ARG ARG A . n 
A 1 141 ALA 141 129 129 ALA ALA A . n 
A 1 142 THR 142 130 130 THR THR A . n 
A 1 143 SER 143 131 131 SER SER A . n 
A 1 144 VAL 144 132 132 VAL VAL A . n 
A 1 145 GLU 145 133 133 GLU GLU A . n 
A 1 146 VAL 146 134 134 VAL VAL A . n 
A 1 147 ALA 147 135 135 ALA ALA A . n 
A 1 148 GLU 148 136 136 GLU GLU A . n 
A 1 149 LEU 149 137 137 LEU LEU A . n 
A 1 150 TRP 150 138 138 TRP TRP A . n 
A 1 151 SER 151 139 139 SER SER A . n 
A 1 152 THR 152 140 140 THR THR A . n 
A 1 153 PHE 153 141 141 PHE PHE A . n 
A 1 154 MET 154 142 142 MET MET A . n 
A 1 155 GLN 155 143 143 GLN GLN A . n 
A 1 156 LYS 156 144 144 LYS LYS A . n 
A 1 157 TRP 157 145 145 TRP TRP A . n 
A 1 158 ILE 158 146 146 ILE ILE A . n 
A 1 159 ALA 159 147 147 ALA ALA A . n 
A 1 160 TYR 160 148 148 TYR TYR A . n 
A 1 161 THR 161 149 149 THR THR A . n 
A 1 162 ALA 162 150 150 ALA ALA A . n 
A 1 163 ALA 163 151 151 ALA ALA A . n 
A 1 164 VAL 164 152 152 VAL VAL A . n 
A 1 165 ILE 165 153 153 ILE ILE A . n 
A 1 166 ASP 166 154 154 ASP ASP A . n 
A 1 167 ALA 167 155 155 ALA ALA A . n 
A 1 168 GLU 168 156 156 GLU GLU A . n 
A 1 169 ARG 169 157 157 ARG ARG A . n 
A 1 170 ASP 170 158 158 ASP ASP A . n 
A 1 171 ARG 171 159 159 ARG ARG A . n 
A 1 172 GLY 172 160 160 GLY GLY A . n 
A 1 173 ALA 173 161 161 ALA ALA A . n 
A 1 174 ALA 174 162 162 ALA ALA A . n 
A 1 175 PRO 175 163 163 PRO PRO A . n 
A 1 176 ARG 176 164 164 ARG ARG A . n 
A 1 177 THR 177 165 165 THR THR A . n 
A 1 178 LEU 178 166 166 LEU LEU A . n 
A 1 179 PRO 179 167 167 PRO PRO A . n 
A 1 180 ALA 180 168 168 ALA ALA A . n 
A 1 181 HIS 181 169 169 HIS HIS A . n 
A 1 182 GLU 182 170 170 GLU GLU A . n 
A 1 183 LEU 183 171 171 LEU LEU A . n 
A 1 184 ALA 184 172 172 ALA ALA A . n 
A 1 185 THR 185 173 173 THR THR A . n 
A 1 186 ALA 186 174 174 ALA ALA A . n 
A 1 187 LEU 187 175 175 LEU LEU A . n 
A 1 188 ASN 188 176 176 ASN ASN A . n 
A 1 189 LEU 189 177 177 LEU LEU A . n 
A 1 190 MET 190 178 178 MET MET A . n 
A 1 191 ASN 191 179 179 ASN ASN A . n 
A 1 192 GLU 192 180 180 GLU GLU A . n 
A 1 193 ARG 193 181 181 ARG ARG A . n 
A 1 194 THR 194 182 182 THR THR A . n 
A 1 195 LEU 195 183 183 LEU LEU A . n 
A 1 196 PHE 196 184 184 PHE PHE A . n 
A 1 197 ALA 197 185 185 ALA ALA A . n 
A 1 198 SER 198 186 186 SER SER A . n 
A 1 199 PHE 199 187 187 PHE PHE A . n 
A 1 200 ALA 200 188 188 ALA ALA A . n 
A 1 201 GLY 201 189 189 GLY GLY A . n 
A 1 202 GLU 202 190 190 GLU GLU A . n 
A 1 203 GLN 203 191 191 GLN GLN A . n 
A 1 204 PRO 204 192 192 PRO PRO A . n 
A 1 205 SER 205 193 193 SER SER A . n 
A 1 206 VAL 206 194 194 VAL VAL A . n 
A 1 207 PRO 207 195 195 PRO PRO A . n 
A 1 208 GLU 208 196 196 GLU GLU A . n 
A 1 209 ALA 209 197 197 ALA ALA A . n 
A 1 210 ARG 210 198 198 ARG ARG A . n 
A 1 211 VAL 211 199 199 VAL VAL A . n 
A 1 212 LEU 212 200 200 LEU LEU A . n 
A 1 213 ASP 213 201 201 ASP ASP A . n 
A 1 214 THR 214 202 202 THR THR A . n 
A 1 215 LEU 215 203 203 LEU LEU A . n 
A 1 216 VAL 216 204 204 VAL VAL A . n 
A 1 217 HIS 217 205 205 HIS HIS A . n 
A 1 218 ILE 218 206 206 ILE ILE A . n 
A 1 219 TRP 219 207 207 TRP TRP A . n 
A 1 220 VAL 220 208 208 VAL VAL A . n 
A 1 221 THR 221 209 209 THR THR A . n 
A 1 222 SER 222 210 210 SER SER A . n 
A 1 223 ILE 223 211 211 ILE ILE A . n 
A 1 224 TYR 224 212 212 TYR TYR A . n 
A 1 225 GLY 225 213 213 GLY GLY A . n 
A 1 226 GLU 226 214 214 GLU GLU A . n 
A 1 227 ASN 227 215 ?   ?   ?   A . n 
A 1 228 ARG 228 216 ?   ?   ?   A . n 
# 
loop_
_pdbx_nonpoly_scheme.asym_id 
_pdbx_nonpoly_scheme.entity_id 
_pdbx_nonpoly_scheme.mon_id 
_pdbx_nonpoly_scheme.ndb_seq_num 
_pdbx_nonpoly_scheme.pdb_seq_num 
_pdbx_nonpoly_scheme.auth_seq_num 
_pdbx_nonpoly_scheme.pdb_mon_id 
_pdbx_nonpoly_scheme.auth_mon_id 
_pdbx_nonpoly_scheme.pdb_strand_id 
_pdbx_nonpoly_scheme.pdb_ins_code 
B 2 GOL 1  301 301 GOL GOL A . 
C 3 GFW 1  302 301 GFW DRG A . 
D 4 HOH 1  401 17  HOH HOH A . 
D 4 HOH 2  402 16  HOH HOH A . 
D 4 HOH 3  403 10  HOH HOH A . 
D 4 HOH 4  404 14  HOH HOH A . 
D 4 HOH 5  405 9   HOH HOH A . 
D 4 HOH 6  406 4   HOH HOH A . 
D 4 HOH 7  407 7   HOH HOH A . 
D 4 HOH 8  408 11  HOH HOH A . 
D 4 HOH 9  409 15  HOH HOH A . 
D 4 HOH 10 410 5   HOH HOH A . 
D 4 HOH 11 411 6   HOH HOH A . 
D 4 HOH 12 412 22  HOH HOH A . 
D 4 HOH 13 413 21  HOH HOH A . 
D 4 HOH 14 414 3   HOH HOH A . 
D 4 HOH 15 415 1   HOH HOH A . 
D 4 HOH 16 416 19  HOH HOH A . 
D 4 HOH 17 417 18  HOH HOH A . 
D 4 HOH 18 418 2   HOH HOH A . 
D 4 HOH 19 419 13  HOH HOH A . 
D 4 HOH 20 420 20  HOH HOH A . 
D 4 HOH 21 421 12  HOH HOH A . 
D 4 HOH 22 422 8   HOH HOH A . 
# 
loop_
_software.citation_id 
_software.classification 
_software.compiler_name 
_software.compiler_version 
_software.contact_author 
_software.contact_author_email 
_software.date 
_software.description 
_software.dependencies 
_software.hardware 
_software.language 
_software.location 
_software.mods 
_software.name 
_software.os 
_software.os_version 
_software.type 
_software.version 
_software.pdbx_ordinal 
? refinement       ? ? ? ? ? ? ? ? ? ? ? REFMAC  ? ? ? 5.8.0232 1 
? 'data reduction' ? ? ? ? ? ? ? ? ? ? ? iMOSFLM ? ? ? .        2 
? phasing          ? ? ? ? ? ? ? ? ? ? ? MOLREP  ? ? ? .        3 
# 
_cell.angle_alpha                  90.00 
_cell.angle_alpha_esd              ? 
_cell.angle_beta                   90.00 
_cell.angle_beta_esd               ? 
_cell.angle_gamma                  90.00 
_cell.angle_gamma_esd              ? 
_cell.entry_id                     6HO1 
_cell.details                      ? 
_cell.formula_units_Z              ? 
_cell.length_a                     121.970 
_cell.length_a_esd                 ? 
_cell.length_b                     121.970 
_cell.length_b_esd                 ? 
_cell.length_c                     33.670 
_cell.length_c_esd                 ? 
_cell.volume                       ? 
_cell.volume_esd                   ? 
_cell.Z_PDB                        8 
_cell.reciprocal_angle_alpha       ? 
_cell.reciprocal_angle_beta        ? 
_cell.reciprocal_angle_gamma       ? 
_cell.reciprocal_angle_alpha_esd   ? 
_cell.reciprocal_angle_beta_esd    ? 
_cell.reciprocal_angle_gamma_esd   ? 
_cell.reciprocal_length_a          ? 
_cell.reciprocal_length_b          ? 
_cell.reciprocal_length_c          ? 
_cell.reciprocal_length_a_esd      ? 
_cell.reciprocal_length_b_esd      ? 
_cell.reciprocal_length_c_esd      ? 
_cell.pdbx_unique_axis             ? 
# 
_symmetry.entry_id                         6HO1 
_symmetry.cell_setting                     ? 
_symmetry.Int_Tables_number                92 
_symmetry.space_group_name_Hall            ? 
_symmetry.space_group_name_H-M             'P 41 21 2' 
_symmetry.pdbx_full_space_group_name_H-M   ? 
# 
_exptl.absorpt_coefficient_mu     ? 
_exptl.absorpt_correction_T_max   ? 
_exptl.absorpt_correction_T_min   ? 
_exptl.absorpt_correction_type    ? 
_exptl.absorpt_process_details    ? 
_exptl.entry_id                   6HO1 
_exptl.crystals_number            1 
_exptl.details                    ? 
_exptl.method                     'X-RAY DIFFRACTION' 
_exptl.method_details             ? 
# 
_exptl_crystal.colour                      ? 
_exptl_crystal.density_diffrn              ? 
_exptl_crystal.density_Matthews            2.42 
_exptl_crystal.density_method              ? 
_exptl_crystal.density_percent_sol         49.27 
_exptl_crystal.description                 ? 
_exptl_crystal.F_000                       ? 
_exptl_crystal.id                          1 
_exptl_crystal.preparation                 ? 
_exptl_crystal.size_max                    ? 
_exptl_crystal.size_mid                    ? 
_exptl_crystal.size_min                    ? 
_exptl_crystal.size_rad                    ? 
_exptl_crystal.colour_lustre               ? 
_exptl_crystal.colour_modifier             ? 
_exptl_crystal.colour_primary              ? 
_exptl_crystal.density_meas                ? 
_exptl_crystal.density_meas_esd            ? 
_exptl_crystal.density_meas_gt             ? 
_exptl_crystal.density_meas_lt             ? 
_exptl_crystal.density_meas_temp           ? 
_exptl_crystal.density_meas_temp_esd       ? 
_exptl_crystal.density_meas_temp_gt        ? 
_exptl_crystal.density_meas_temp_lt        ? 
_exptl_crystal.pdbx_crystal_image_url      ? 
_exptl_crystal.pdbx_crystal_image_format   ? 
_exptl_crystal.pdbx_mosaicity              ? 
_exptl_crystal.pdbx_mosaicity_esd          ? 
# 
_exptl_crystal_grow.apparatus       ? 
_exptl_crystal_grow.atmosphere      ? 
_exptl_crystal_grow.crystal_id      1 
_exptl_crystal_grow.details         ? 
_exptl_crystal_grow.method          'VAPOR DIFFUSION' 
_exptl_crystal_grow.method_ref      ? 
_exptl_crystal_grow.pH              6.7 
_exptl_crystal_grow.pressure        ? 
_exptl_crystal_grow.pressure_esd    ? 
_exptl_crystal_grow.seeding         ? 
_exptl_crystal_grow.seeding_ref     ? 
_exptl_crystal_grow.temp            293 
_exptl_crystal_grow.temp_details    ? 
_exptl_crystal_grow.temp_esd        ? 
_exptl_crystal_grow.time            ? 
_exptl_crystal_grow.pdbx_details    '1.4-1.6 ammonium sulfate, 15% glycerol, 100 mM MES' 
_exptl_crystal_grow.pdbx_pH_range   ? 
# 
_diffrn.ambient_environment              ? 
_diffrn.ambient_temp                     100 
_diffrn.ambient_temp_details             ? 
_diffrn.ambient_temp_esd                 ? 
_diffrn.crystal_id                       1 
_diffrn.crystal_support                  ? 
_diffrn.crystal_treatment                ? 
_diffrn.details                          ? 
_diffrn.id                               1 
_diffrn.ambient_pressure                 ? 
_diffrn.ambient_pressure_esd             ? 
_diffrn.ambient_pressure_gt              ? 
_diffrn.ambient_pressure_lt              ? 
_diffrn.ambient_temp_gt                  ? 
_diffrn.ambient_temp_lt                  ? 
_diffrn.pdbx_serial_crystal_experiment   ? 
# 
_diffrn_detector.details                      ? 
_diffrn_detector.detector                     PIXEL 
_diffrn_detector.diffrn_id                    1 
_diffrn_detector.type                         'DECTRIS PILATUS 6M' 
_diffrn_detector.area_resol_mean              ? 
_diffrn_detector.dtime                        ? 
_diffrn_detector.pdbx_frames_total            ? 
_diffrn_detector.pdbx_collection_time_total   ? 
_diffrn_detector.pdbx_collection_date         2010-12-06 
_diffrn_detector.pdbx_frequency               ? 
# 
_diffrn_radiation.collimation                      ? 
_diffrn_radiation.diffrn_id                        1 
_diffrn_radiation.filter_edge                      ? 
_diffrn_radiation.inhomogeneity                    ? 
_diffrn_radiation.monochromator                    ? 
_diffrn_radiation.polarisn_norm                    ? 
_diffrn_radiation.polarisn_ratio                   ? 
_diffrn_radiation.probe                            ? 
_diffrn_radiation.type                             ? 
_diffrn_radiation.xray_symbol                      ? 
_diffrn_radiation.wavelength_id                    1 
_diffrn_radiation.pdbx_monochromatic_or_laue_m_l   M 
_diffrn_radiation.pdbx_wavelength_list             ? 
_diffrn_radiation.pdbx_wavelength                  ? 
_diffrn_radiation.pdbx_diffrn_protocol             'SINGLE WAVELENGTH' 
_diffrn_radiation.pdbx_analyzer                    ? 
_diffrn_radiation.pdbx_scattering_type             x-ray 
# 
_diffrn_radiation_wavelength.id           1 
_diffrn_radiation_wavelength.wavelength   1 
_diffrn_radiation_wavelength.wt           1.0 
# 
_diffrn_source.current                     ? 
_diffrn_source.details                     ? 
_diffrn_source.diffrn_id                   1 
_diffrn_source.power                       ? 
_diffrn_source.size                        ? 
_diffrn_source.source                      SYNCHROTRON 
_diffrn_source.target                      ? 
_diffrn_source.type                        'SLS BEAMLINE X06SA' 
_diffrn_source.voltage                     ? 
_diffrn_source.take-off_angle              ? 
_diffrn_source.pdbx_wavelength_list        1 
_diffrn_source.pdbx_wavelength             ? 
_diffrn_source.pdbx_synchrotron_beamline   X06SA 
_diffrn_source.pdbx_synchrotron_site       SLS 
# 
_reflns.B_iso_Wilson_estimate            ? 
_reflns.entry_id                         6HO1 
_reflns.data_reduction_details           ? 
_reflns.data_reduction_method            ? 
_reflns.d_resolution_high                2.00 
_reflns.d_resolution_low                 43.12 
_reflns.details                          ? 
_reflns.limit_h_max                      ? 
_reflns.limit_h_min                      ? 
_reflns.limit_k_max                      ? 
_reflns.limit_k_min                      ? 
_reflns.limit_l_max                      ? 
_reflns.limit_l_min                      ? 
_reflns.number_all                       ? 
_reflns.number_obs                       17801 
_reflns.observed_criterion               ? 
_reflns.observed_criterion_F_max         ? 
_reflns.observed_criterion_F_min         ? 
_reflns.observed_criterion_I_max         ? 
_reflns.observed_criterion_I_min         ? 
_reflns.observed_criterion_sigma_F       ? 
_reflns.observed_criterion_sigma_I       ? 
_reflns.percent_possible_obs             99.8 
_reflns.R_free_details                   ? 
_reflns.Rmerge_F_all                     ? 
_reflns.Rmerge_F_obs                     ? 
_reflns.Friedel_coverage                 ? 
_reflns.number_gt                        ? 
_reflns.threshold_expression             ? 
_reflns.pdbx_redundancy                  10.5 
_reflns.pdbx_Rmerge_I_obs                0.098 
_reflns.pdbx_Rmerge_I_all                ? 
_reflns.pdbx_Rsym_value                  ? 
_reflns.pdbx_netI_over_av_sigmaI         ? 
_reflns.pdbx_netI_over_sigmaI            18.2 
_reflns.pdbx_res_netI_over_av_sigmaI_2   ? 
_reflns.pdbx_res_netI_over_sigmaI_2      ? 
_reflns.pdbx_chi_squared                 ? 
_reflns.pdbx_scaling_rejects             ? 
_reflns.pdbx_d_res_high_opt              ? 
_reflns.pdbx_d_res_low_opt               ? 
_reflns.pdbx_d_res_opt_method            ? 
_reflns.phase_calculation_details        ? 
_reflns.pdbx_Rrim_I_all                  ? 
_reflns.pdbx_Rpim_I_all                  ? 
_reflns.pdbx_d_opt                       ? 
_reflns.pdbx_number_measured_all         ? 
_reflns.pdbx_diffrn_id                   1 
_reflns.pdbx_ordinal                     1 
_reflns.pdbx_CC_half                     ? 
_reflns.pdbx_R_split                     ? 
# 
_reflns_shell.d_res_high                  2.00 
_reflns_shell.d_res_low                   2.12 
_reflns_shell.meanI_over_sigI_all         ? 
_reflns_shell.meanI_over_sigI_obs         2.8 
_reflns_shell.number_measured_all         ? 
_reflns_shell.number_measured_obs         ? 
_reflns_shell.number_possible             ? 
_reflns_shell.number_unique_all           ? 
_reflns_shell.number_unique_obs           2776 
_reflns_shell.percent_possible_all        98.9 
_reflns_shell.percent_possible_obs        ? 
_reflns_shell.Rmerge_F_all                ? 
_reflns_shell.Rmerge_F_obs                ? 
_reflns_shell.Rmerge_I_all                ? 
_reflns_shell.Rmerge_I_obs                0.952 
_reflns_shell.meanI_over_sigI_gt          ? 
_reflns_shell.meanI_over_uI_all           ? 
_reflns_shell.meanI_over_uI_gt            ? 
_reflns_shell.number_measured_gt          ? 
_reflns_shell.number_unique_gt            ? 
_reflns_shell.percent_possible_gt         ? 
_reflns_shell.Rmerge_F_gt                 ? 
_reflns_shell.Rmerge_I_gt                 ? 
_reflns_shell.pdbx_redundancy             10.7 
_reflns_shell.pdbx_Rsym_value             ? 
_reflns_shell.pdbx_chi_squared            ? 
_reflns_shell.pdbx_netI_over_sigmaI_all   ? 
_reflns_shell.pdbx_netI_over_sigmaI_obs   ? 
_reflns_shell.pdbx_Rrim_I_all             ? 
_reflns_shell.pdbx_Rpim_I_all             ? 
_reflns_shell.pdbx_rejects                ? 
_reflns_shell.pdbx_ordinal                1 
_reflns_shell.pdbx_diffrn_id              1 
_reflns_shell.pdbx_CC_half                ? 
_reflns_shell.pdbx_R_split                ? 
# 
_refine.aniso_B[1][1]                            -0.01 
_refine.aniso_B[1][2]                            0.00 
_refine.aniso_B[1][3]                            0.00 
_refine.aniso_B[2][2]                            -0.01 
_refine.aniso_B[2][3]                            0.00 
_refine.aniso_B[3][3]                            0.02 
_refine.B_iso_max                                ? 
_refine.B_iso_mean                               37.918 
_refine.B_iso_min                                ? 
_refine.correlation_coeff_Fo_to_Fc               0.956 
_refine.correlation_coeff_Fo_to_Fc_free          0.937 
_refine.details                                  'HYDROGENS HAVE BEEN ADDED IN THE RIDING POSITIONS' 
_refine.diff_density_max                         ? 
_refine.diff_density_max_esd                     ? 
_refine.diff_density_min                         ? 
_refine.diff_density_min_esd                     ? 
_refine.diff_density_rms                         ? 
_refine.diff_density_rms_esd                     ? 
_refine.entry_id                                 6HO1 
_refine.pdbx_refine_id                           'X-RAY DIFFRACTION' 
_refine.ls_abs_structure_details                 ? 
_refine.ls_abs_structure_Flack                   ? 
_refine.ls_abs_structure_Flack_esd               ? 
_refine.ls_abs_structure_Rogers                  ? 
_refine.ls_abs_structure_Rogers_esd              ? 
_refine.ls_d_res_high                            2.00 
_refine.ls_d_res_low                             43.12 
_refine.ls_extinction_coef                       ? 
_refine.ls_extinction_coef_esd                   ? 
_refine.ls_extinction_expression                 ? 
_refine.ls_extinction_method                     ? 
_refine.ls_goodness_of_fit_all                   ? 
_refine.ls_goodness_of_fit_all_esd               ? 
_refine.ls_goodness_of_fit_obs                   ? 
_refine.ls_goodness_of_fit_obs_esd               ? 
_refine.ls_hydrogen_treatment                    ? 
_refine.ls_matrix_type                           ? 
_refine.ls_number_constraints                    ? 
_refine.ls_number_parameters                     ? 
_refine.ls_number_reflns_all                     ? 
_refine.ls_number_reflns_obs                     16911 
_refine.ls_number_reflns_R_free                  890 
_refine.ls_number_reflns_R_work                  ? 
_refine.ls_number_restraints                     ? 
_refine.ls_percent_reflns_obs                    99.80 
_refine.ls_percent_reflns_R_free                 5.0 
_refine.ls_R_factor_all                          ? 
_refine.ls_R_factor_obs                          0.20630 
_refine.ls_R_factor_R_free                       0.24568 
_refine.ls_R_factor_R_free_error                 ? 
_refine.ls_R_factor_R_free_error_details         ? 
_refine.ls_R_factor_R_work                       0.20425 
_refine.ls_R_Fsqd_factor_obs                     ? 
_refine.ls_R_I_factor_obs                        ? 
_refine.ls_redundancy_reflns_all                 ? 
_refine.ls_redundancy_reflns_obs                 ? 
_refine.ls_restrained_S_all                      ? 
_refine.ls_restrained_S_obs                      ? 
_refine.ls_shift_over_esd_max                    ? 
_refine.ls_shift_over_esd_mean                   ? 
_refine.ls_structure_factor_coef                 ? 
_refine.ls_weighting_details                     ? 
_refine.ls_weighting_scheme                      ? 
_refine.ls_wR_factor_all                         ? 
_refine.ls_wR_factor_obs                         ? 
_refine.ls_wR_factor_R_free                      ? 
_refine.ls_wR_factor_R_work                      ? 
_refine.occupancy_max                            ? 
_refine.occupancy_min                            ? 
_refine.solvent_model_details                    ? 
_refine.solvent_model_param_bsol                 ? 
_refine.solvent_model_param_ksol                 ? 
_refine.ls_R_factor_gt                           ? 
_refine.ls_goodness_of_fit_gt                    ? 
_refine.ls_goodness_of_fit_ref                   ? 
_refine.ls_shift_over_su_max                     ? 
_refine.ls_shift_over_su_max_lt                  ? 
_refine.ls_shift_over_su_mean                    ? 
_refine.ls_shift_over_su_mean_lt                 ? 
_refine.pdbx_ls_sigma_I                          ? 
_refine.pdbx_ls_sigma_F                          ? 
_refine.pdbx_ls_sigma_Fsqd                       ? 
_refine.pdbx_data_cutoff_high_absF               ? 
_refine.pdbx_data_cutoff_high_rms_absF           ? 
_refine.pdbx_data_cutoff_low_absF                ? 
_refine.pdbx_isotropic_thermal_model             ? 
_refine.pdbx_ls_cross_valid_method               THROUGHOUT 
_refine.pdbx_method_to_determine_struct          'MOLECULAR REPLACEMENT' 
_refine.pdbx_starting_model                      1U9N 
_refine.pdbx_stereochemistry_target_values       ? 
_refine.pdbx_R_Free_selection_details            RANDOM 
_refine.pdbx_stereochem_target_val_spec_case     ? 
_refine.pdbx_overall_ESU_R                       0.155 
_refine.pdbx_overall_ESU_R_Free                  0.150 
_refine.pdbx_solvent_vdw_probe_radii             1.20 
_refine.pdbx_solvent_ion_probe_radii             0.80 
_refine.pdbx_solvent_shrinkage_radii             0.80 
_refine.pdbx_real_space_R                        ? 
_refine.pdbx_density_correlation                 ? 
_refine.pdbx_pd_number_of_powder_patterns        ? 
_refine.pdbx_pd_number_of_points                 ? 
_refine.pdbx_pd_meas_number_of_points            ? 
_refine.pdbx_pd_proc_ls_prof_R_factor            ? 
_refine.pdbx_pd_proc_ls_prof_wR_factor           ? 
_refine.pdbx_pd_Marquardt_correlation_coeff      ? 
_refine.pdbx_pd_Fsqrd_R_factor                   ? 
_refine.pdbx_pd_ls_matrix_band_width             ? 
_refine.pdbx_overall_phase_error                 ? 
_refine.pdbx_overall_SU_R_free_Cruickshank_DPI   ? 
_refine.pdbx_overall_SU_R_free_Blow_DPI          ? 
_refine.pdbx_overall_SU_R_Blow_DPI               ? 
_refine.pdbx_TLS_residual_ADP_flag               ? 
_refine.pdbx_diffrn_id                           1 
_refine.overall_SU_B                             4.505 
_refine.overall_SU_ML                            0.120 
_refine.overall_SU_R_Cruickshank_DPI             ? 
_refine.overall_SU_R_free                        ? 
_refine.overall_FOM_free_R_set                   ? 
_refine.overall_FOM_work_R_set                   ? 
_refine.pdbx_average_fsc_overall                 ? 
_refine.pdbx_average_fsc_work                    ? 
_refine.pdbx_average_fsc_free                    ? 
# 
_refine_hist.pdbx_refine_id                   'X-RAY DIFFRACTION' 
_refine_hist.cycle_id                         1 
_refine_hist.pdbx_number_atoms_protein        1462 
_refine_hist.pdbx_number_atoms_nucleic_acid   0 
_refine_hist.pdbx_number_atoms_ligand         32 
_refine_hist.number_atoms_solvent             22 
_refine_hist.number_atoms_total               1516 
_refine_hist.d_res_high                       2.00 
_refine_hist.d_res_low                        43.12 
# 
loop_
_refine_ls_restr.pdbx_refine_id 
_refine_ls_restr.criterion 
_refine_ls_restr.dev_ideal 
_refine_ls_restr.dev_ideal_target 
_refine_ls_restr.number 
_refine_ls_restr.rejects 
_refine_ls_restr.type 
_refine_ls_restr.weight 
_refine_ls_restr.pdbx_restraint_function 
'X-RAY DIFFRACTION' ? 0.010  0.013  1523 ? r_bond_refined_d             ? ? 
'X-RAY DIFFRACTION' ? 0.001  0.017  1420 ? r_bond_other_d               ? ? 
'X-RAY DIFFRACTION' ? 1.726  1.665  2072 ? r_angle_refined_deg          ? ? 
'X-RAY DIFFRACTION' ? 1.448  1.591  3263 ? r_angle_other_deg            ? ? 
'X-RAY DIFFRACTION' ? 5.350  5.000  185  ? r_dihedral_angle_1_deg       ? ? 
'X-RAY DIFFRACTION' ? 35.567 21.325 83   ? r_dihedral_angle_2_deg       ? ? 
'X-RAY DIFFRACTION' ? 14.117 15.000 238  ? r_dihedral_angle_3_deg       ? ? 
'X-RAY DIFFRACTION' ? 16.809 15.000 13   ? r_dihedral_angle_4_deg       ? ? 
'X-RAY DIFFRACTION' ? 0.079  0.200  203  ? r_chiral_restr               ? ? 
'X-RAY DIFFRACTION' ? 0.009  0.020  1704 ? r_gen_planes_refined         ? ? 
'X-RAY DIFFRACTION' ? 0.001  0.020  339  ? r_gen_planes_other           ? ? 
'X-RAY DIFFRACTION' ? ?      ?      ?    ? r_nbd_refined                ? ? 
'X-RAY DIFFRACTION' ? ?      ?      ?    ? r_nbd_other                  ? ? 
'X-RAY DIFFRACTION' ? ?      ?      ?    ? r_nbtor_refined              ? ? 
'X-RAY DIFFRACTION' ? ?      ?      ?    ? r_nbtor_other                ? ? 
'X-RAY DIFFRACTION' ? ?      ?      ?    ? r_xyhbond_nbd_refined        ? ? 
'X-RAY DIFFRACTION' ? ?      ?      ?    ? r_xyhbond_nbd_other          ? ? 
'X-RAY DIFFRACTION' ? ?      ?      ?    ? r_metal_ion_refined          ? ? 
'X-RAY DIFFRACTION' ? ?      ?      ?    ? r_metal_ion_other            ? ? 
'X-RAY DIFFRACTION' ? ?      ?      ?    ? r_symmetry_vdw_refined       ? ? 
'X-RAY DIFFRACTION' ? ?      ?      ?    ? r_symmetry_vdw_other         ? ? 
'X-RAY DIFFRACTION' ? ?      ?      ?    ? r_symmetry_hbond_refined     ? ? 
'X-RAY DIFFRACTION' ? ?      ?      ?    ? r_symmetry_hbond_other       ? ? 
'X-RAY DIFFRACTION' ? ?      ?      ?    ? r_symmetry_metal_ion_refined ? ? 
'X-RAY DIFFRACTION' ? ?      ?      ?    ? r_symmetry_metal_ion_other   ? ? 
'X-RAY DIFFRACTION' ? 3.019  3.818  746  ? r_mcbond_it                  ? ? 
'X-RAY DIFFRACTION' ? 3.017  3.815  745  ? r_mcbond_other               ? ? 
'X-RAY DIFFRACTION' ? 4.156  5.708  929  ? r_mcangle_it                 ? ? 
'X-RAY DIFFRACTION' ? 4.154  5.712  930  ? r_mcangle_other              ? ? 
'X-RAY DIFFRACTION' ? 4.127  4.270  777  ? r_scbond_it                  ? ? 
'X-RAY DIFFRACTION' ? 4.126  4.271  778  ? r_scbond_other               ? ? 
'X-RAY DIFFRACTION' ? ?      ?      ?    ? r_scangle_it                 ? ? 
'X-RAY DIFFRACTION' ? 5.894  6.219  1144 ? r_scangle_other              ? ? 
'X-RAY DIFFRACTION' ? 7.112  45.359 1738 ? r_long_range_B_refined       ? ? 
'X-RAY DIFFRACTION' ? 7.113  45.360 1734 ? r_long_range_B_other         ? ? 
'X-RAY DIFFRACTION' ? ?      ?      ?    ? r_rigid_bond_restr           ? ? 
'X-RAY DIFFRACTION' ? ?      ?      ?    ? r_sphericity_free            ? ? 
'X-RAY DIFFRACTION' ? ?      ?      ?    ? r_sphericity_bonded          ? ? 
# 
_refine_ls_shell.pdbx_refine_id                   'X-RAY DIFFRACTION' 
_refine_ls_shell.d_res_high                       1.998 
_refine_ls_shell.d_res_low                        2.050 
_refine_ls_shell.number_reflns_all                ? 
_refine_ls_shell.number_reflns_obs                ? 
_refine_ls_shell.number_reflns_R_free             61 
_refine_ls_shell.number_reflns_R_work             1177 
_refine_ls_shell.percent_reflns_obs               97.79 
_refine_ls_shell.percent_reflns_R_free            ? 
_refine_ls_shell.R_factor_all                     ? 
_refine_ls_shell.R_factor_obs                     ? 
_refine_ls_shell.R_factor_R_free                  0.335 
_refine_ls_shell.R_factor_R_free_error            ? 
_refine_ls_shell.R_factor_R_work                  0.302 
_refine_ls_shell.redundancy_reflns_all            ? 
_refine_ls_shell.redundancy_reflns_obs            ? 
_refine_ls_shell.wR_factor_all                    ? 
_refine_ls_shell.wR_factor_obs                    ? 
_refine_ls_shell.wR_factor_R_free                 ? 
_refine_ls_shell.wR_factor_R_work                 ? 
_refine_ls_shell.pdbx_total_number_of_bins_used   20 
_refine_ls_shell.pdbx_phase_error                 ? 
_refine_ls_shell.pdbx_fsc_work                    ? 
_refine_ls_shell.pdbx_fsc_free                    ? 
# 
_struct.entry_id                     6HO1 
_struct.title                        'TRANSCRIPTIONAL REPRESSOR ETHR FROM MYCOBACTERIUM TUBERCULOSIS IN COMPLEX WITH BDM41974' 
_struct.pdbx_model_details           ? 
_struct.pdbx_formula_weight          ? 
_struct.pdbx_formula_weight_method   ? 
_struct.pdbx_model_type_details      ? 
_struct.pdbx_CASP_flag               N 
# 
_struct_keywords.entry_id        6HO1 
_struct_keywords.text            
'HELIX-TURN-HELIX, DNA BINDING PROTEIN, TETR-FAMILY, COMPLEX, INHIBITOR, DRUG DESIGN, TUBERCULOSIS, ETHIONAMIDE' 
_struct_keywords.pdbx_keywords   'DNA BINDING PROTEIN' 
# 
loop_
_struct_asym.id 
_struct_asym.pdbx_blank_PDB_chainid_flag 
_struct_asym.pdbx_modified 
_struct_asym.entity_id 
_struct_asym.details 
A N N 1 ? 
B N N 2 ? 
C N N 3 ? 
D N N 4 ? 
# 
_struct_ref.id                         1 
_struct_ref.db_name                    UNP 
_struct_ref.db_code                    ETHR_MYCTO 
_struct_ref.pdbx_db_accession          P9WMC0 
_struct_ref.pdbx_db_isoform            ? 
_struct_ref.entity_id                  1 
_struct_ref.pdbx_seq_one_letter_code   
;MTTSAASQASLPRGRRTARPSGDDRELAILATAENLLEDRPLADISVDDLAKGAGISRPTFYFYFPSKEAVLLTLLDRVV
NQADMALQTLAENPADTDRENMWRTGINVFFETFGSHKAVTRAGQAARATSVEVAELWSTFMQKWIAYTAAVIDAERDRG
AAPRTLPAHELATALNLMNERTLFASFAGEQPSVPEARVLDTLVHIWVTSIYGENR
;
_struct_ref.pdbx_align_begin           1 
# 
_struct_ref_seq.align_id                      1 
_struct_ref_seq.ref_id                        1 
_struct_ref_seq.pdbx_PDB_id_code              6HO1 
_struct_ref_seq.pdbx_strand_id                A 
_struct_ref_seq.seq_align_beg                 13 
_struct_ref_seq.pdbx_seq_align_beg_ins_code   ? 
_struct_ref_seq.seq_align_end                 228 
_struct_ref_seq.pdbx_seq_align_end_ins_code   ? 
_struct_ref_seq.pdbx_db_accession             P9WMC0 
_struct_ref_seq.db_align_beg                  1 
_struct_ref_seq.pdbx_db_align_beg_ins_code    ? 
_struct_ref_seq.db_align_end                  216 
_struct_ref_seq.pdbx_db_align_end_ins_code    ? 
_struct_ref_seq.pdbx_auth_seq_align_beg       1 
_struct_ref_seq.pdbx_auth_seq_align_end       216 
# 
loop_
_struct_ref_seq_dif.align_id 
_struct_ref_seq_dif.pdbx_pdb_id_code 
_struct_ref_seq_dif.mon_id 
_struct_ref_seq_dif.pdbx_pdb_strand_id 
_struct_ref_seq_dif.seq_num 
_struct_ref_seq_dif.pdbx_pdb_ins_code 
_struct_ref_seq_dif.pdbx_seq_db_name 
_struct_ref_seq_dif.pdbx_seq_db_accession_code 
_struct_ref_seq_dif.db_mon_id 
_struct_ref_seq_dif.pdbx_seq_db_seq_num 
_struct_ref_seq_dif.details 
_struct_ref_seq_dif.pdbx_auth_seq_num 
_struct_ref_seq_dif.pdbx_ordinal 
1 6HO1 MET A 1  ? UNP P9WMC0 ? ? 'initiating methionine' -11 1  
1 6HO1 THR A 2  ? UNP P9WMC0 ? ? 'expression tag'        -10 2  
1 6HO1 THR A 3  ? UNP P9WMC0 ? ? 'expression tag'        -9  3  
1 6HO1 SER A 4  ? UNP P9WMC0 ? ? 'expression tag'        -8  4  
1 6HO1 ALA A 5  ? UNP P9WMC0 ? ? 'expression tag'        -7  5  
1 6HO1 ALA A 6  ? UNP P9WMC0 ? ? 'expression tag'        -6  6  
1 6HO1 SER A 7  ? UNP P9WMC0 ? ? 'expression tag'        -5  7  
1 6HO1 GLN A 8  ? UNP P9WMC0 ? ? 'expression tag'        -4  8  
1 6HO1 ALA A 9  ? UNP P9WMC0 ? ? 'expression tag'        -3  9  
1 6HO1 SER A 10 ? UNP P9WMC0 ? ? 'expression tag'        -2  10 
1 6HO1 LEU A 11 ? UNP P9WMC0 ? ? 'expression tag'        -1  11 
1 6HO1 PRO A 12 ? UNP P9WMC0 ? ? 'expression tag'        0   12 
# 
_pdbx_struct_assembly.id                   1 
_pdbx_struct_assembly.details              author_and_software_defined_assembly 
_pdbx_struct_assembly.method_details       PISA 
_pdbx_struct_assembly.oligomeric_details   dimeric 
_pdbx_struct_assembly.oligomeric_count     2 
# 
loop_
_pdbx_struct_assembly_prop.biol_id 
_pdbx_struct_assembly_prop.type 
_pdbx_struct_assembly_prop.value 
_pdbx_struct_assembly_prop.details 
1 'ABSA (A^2)' 3240  ? 
1 MORE         -24   ? 
1 'SSA (A^2)'  16570 ? 
# 
_pdbx_struct_assembly_gen.assembly_id       1 
_pdbx_struct_assembly_gen.oper_expression   1,2 
_pdbx_struct_assembly_gen.asym_id_list      A,B,C,D 
# 
_pdbx_struct_assembly_auth_evidence.id                     1 
_pdbx_struct_assembly_auth_evidence.assembly_id            1 
_pdbx_struct_assembly_auth_evidence.experimental_support   none 
_pdbx_struct_assembly_auth_evidence.details                ? 
# 
loop_
_pdbx_struct_oper_list.id 
_pdbx_struct_oper_list.type 
_pdbx_struct_oper_list.name 
_pdbx_struct_oper_list.symmetry_operation 
_pdbx_struct_oper_list.matrix[1][1] 
_pdbx_struct_oper_list.matrix[1][2] 
_pdbx_struct_oper_list.matrix[1][3] 
_pdbx_struct_oper_list.vector[1] 
_pdbx_struct_oper_list.matrix[2][1] 
_pdbx_struct_oper_list.matrix[2][2] 
_pdbx_struct_oper_list.matrix[2][3] 
_pdbx_struct_oper_list.vector[2] 
_pdbx_struct_oper_list.matrix[3][1] 
_pdbx_struct_oper_list.matrix[3][2] 
_pdbx_struct_oper_list.matrix[3][3] 
_pdbx_struct_oper_list.vector[3] 
1 'identity operation'         1_555 x,y,z        1.0000000000  0.0000000000  0.0000000000 0.0000000000   0.0000000000  1.0000000000  0.0000000000  0.0000000000 0.0000000000 0.0000000000  1.0000000000 0.0000000000  
2 'crystal symmetry operation' 8_554 -y,-x,-z-1/2 -0.0250952027 -0.1134149034 0.9932307338 -17.1021796459 -0.1134149034 -0.9868059524 -0.1155468391 4.2984784762 0.9932307338 -0.1155468391 0.0119011551 17.2774642574 
# 
loop_
_struct_conf.conf_type_id 
_struct_conf.id 
_struct_conf.pdbx_PDB_helix_id 
_struct_conf.beg_label_comp_id 
_struct_conf.beg_label_asym_id 
_struct_conf.beg_label_seq_id 
_struct_conf.pdbx_beg_PDB_ins_code 
_struct_conf.end_label_comp_id 
_struct_conf.end_label_asym_id 
_struct_conf.end_label_seq_id 
_struct_conf.pdbx_end_PDB_ins_code 
_struct_conf.beg_auth_comp_id 
_struct_conf.beg_auth_asym_id 
_struct_conf.beg_auth_seq_id 
_struct_conf.end_auth_comp_id 
_struct_conf.end_auth_asym_id 
_struct_conf.end_auth_seq_id 
_struct_conf.pdbx_PDB_helix_class 
_struct_conf.details 
_struct_conf.pdbx_PDB_helix_length 
HELX_P HELX_P1  AA1 ARG A 37  ? ARG A 52  ? ARG A 25  ARG A 40  1 ? 16 
HELX_P HELX_P2  AA2 PRO A 53  ? ILE A 57  ? PRO A 41  ILE A 45  5 ? 5  
HELX_P HELX_P3  AA3 SER A 58  ? ALA A 66  ? SER A 46  ALA A 54  1 ? 9  
HELX_P HELX_P4  AA4 SER A 69  ? PHE A 77  ? SER A 57  PHE A 65  1 ? 9  
HELX_P HELX_P5  AA5 SER A 79  ? GLU A 104 ? SER A 67  GLU A 92  1 ? 26 
HELX_P HELX_P6  AA6 ASP A 110 ? SER A 128 ? ASP A 98  SER A 116 1 ? 19 
HELX_P HELX_P7  AA7 HIS A 129 ? ARG A 140 ? HIS A 117 ARG A 128 1 ? 12 
HELX_P HELX_P8  AA8 SER A 143 ? ARG A 171 ? SER A 131 ARG A 159 1 ? 29 
HELX_P HELX_P9  AA9 PRO A 179 ? ALA A 200 ? PRO A 167 ALA A 188 1 ? 22 
HELX_P HELX_P10 AB1 PRO A 207 ? GLY A 225 ? PRO A 195 GLY A 213 1 ? 19 
# 
_struct_conf_type.id          HELX_P 
_struct_conf_type.criteria    ? 
_struct_conf_type.reference   ? 
# 
_struct_mon_prot_cis.pdbx_id                1 
_struct_mon_prot_cis.label_comp_id          GLN 
_struct_mon_prot_cis.label_seq_id           203 
_struct_mon_prot_cis.label_asym_id          A 
_struct_mon_prot_cis.label_alt_id           . 
_struct_mon_prot_cis.pdbx_PDB_ins_code      ? 
_struct_mon_prot_cis.auth_comp_id           GLN 
_struct_mon_prot_cis.auth_seq_id            191 
_struct_mon_prot_cis.auth_asym_id           A 
_struct_mon_prot_cis.pdbx_label_comp_id_2   PRO 
_struct_mon_prot_cis.pdbx_label_seq_id_2    204 
_struct_mon_prot_cis.pdbx_label_asym_id_2   A 
_struct_mon_prot_cis.pdbx_PDB_ins_code_2    ? 
_struct_mon_prot_cis.pdbx_auth_comp_id_2    PRO 
_struct_mon_prot_cis.pdbx_auth_seq_id_2     192 
_struct_mon_prot_cis.pdbx_auth_asym_id_2    A 
_struct_mon_prot_cis.pdbx_PDB_model_num     1 
_struct_mon_prot_cis.pdbx_omega_angle       9.90 
# 
loop_
_struct_site.id 
_struct_site.pdbx_evidence_code 
_struct_site.pdbx_auth_asym_id 
_struct_site.pdbx_auth_comp_id 
_struct_site.pdbx_auth_seq_id 
_struct_site.pdbx_auth_ins_code 
_struct_site.pdbx_num_residues 
_struct_site.details 
AC1 Software A GOL 301 ? 6  'binding site for residue GOL A 301' 
AC2 Software A GFW 302 ? 14 'binding site for residue GFW A 302' 
# 
loop_
_struct_site_gen.id 
_struct_site_gen.site_id 
_struct_site_gen.pdbx_num_res 
_struct_site_gen.label_comp_id 
_struct_site_gen.label_asym_id 
_struct_site_gen.label_seq_id 
_struct_site_gen.pdbx_auth_ins_code 
_struct_site_gen.auth_comp_id 
_struct_site_gen.auth_asym_id 
_struct_site_gen.auth_seq_id 
_struct_site_gen.label_atom_id 
_struct_site_gen.label_alt_id 
_struct_site_gen.symmetry 
_struct_site_gen.details 
1  AC1 6  PRO A 53  ? PRO A 41  . ? 1_555 ? 
2  AC1 6  LEU A 54  ? LEU A 42  . ? 1_555 ? 
3  AC1 6  LEU A 84  ? LEU A 72  . ? 1_555 ? 
4  AC1 6  ARG A 134 ? ARG A 122 . ? 1_555 ? 
5  AC1 6  ALA A 135 ? ALA A 123 . ? 1_555 ? 
6  AC1 6  ALA A 138 ? ALA A 126 . ? 1_555 ? 
7  AC2 14 LEU A 102 ? LEU A 90  . ? 1_555 ? 
8  AC2 14 MET A 114 ? MET A 102 . ? 1_555 ? 
9  AC2 14 TRP A 115 ? TRP A 103 . ? 1_555 ? 
10 AC2 14 GLY A 118 ? GLY A 106 . ? 1_555 ? 
11 AC2 14 PHE A 122 ? PHE A 110 . ? 1_555 ? 
12 AC2 14 PHE A 126 ? PHE A 114 . ? 1_555 ? 
13 AC2 14 TRP A 157 ? TRP A 145 . ? 1_555 ? 
14 AC2 14 TYR A 160 ? TYR A 148 . ? 1_555 ? 
15 AC2 14 THR A 161 ? THR A 149 . ? 1_555 ? 
16 AC2 14 VAL A 164 ? VAL A 152 . ? 1_555 ? 
17 AC2 14 ASN A 188 ? ASN A 176 . ? 1_555 ? 
18 AC2 14 ASN A 191 ? ASN A 179 . ? 1_555 ? 
19 AC2 14 LEU A 195 ? LEU A 183 . ? 1_555 ? 
20 AC2 14 TRP A 219 ? TRP A 207 . ? 1_555 ? 
# 
loop_
_pdbx_validate_close_contact.id 
_pdbx_validate_close_contact.PDB_model_num 
_pdbx_validate_close_contact.auth_atom_id_1 
_pdbx_validate_close_contact.auth_asym_id_1 
_pdbx_validate_close_contact.auth_comp_id_1 
_pdbx_validate_close_contact.auth_seq_id_1 
_pdbx_validate_close_contact.PDB_ins_code_1 
_pdbx_validate_close_contact.label_alt_id_1 
_pdbx_validate_close_contact.auth_atom_id_2 
_pdbx_validate_close_contact.auth_asym_id_2 
_pdbx_validate_close_contact.auth_comp_id_2 
_pdbx_validate_close_contact.auth_seq_id_2 
_pdbx_validate_close_contact.PDB_ins_code_2 
_pdbx_validate_close_contact.label_alt_id_2 
_pdbx_validate_close_contact.dist 
1 1 OG A SER 46 ? ? OD1 A ASP 49  ? ? 2.07 
2 1 O  A LEU 37 ? ? NH2 A ARG 122 ? ? 2.19 
# 
_pdbx_validate_torsion.id              1 
_pdbx_validate_torsion.PDB_model_num   1 
_pdbx_validate_torsion.auth_comp_id    THR 
_pdbx_validate_torsion.auth_asym_id    A 
_pdbx_validate_torsion.auth_seq_id     165 
_pdbx_validate_torsion.PDB_ins_code    ? 
_pdbx_validate_torsion.label_alt_id    ? 
_pdbx_validate_torsion.phi             -101.73 
_pdbx_validate_torsion.psi             -113.51 
# 
_pdbx_struct_special_symmetry.id              1 
_pdbx_struct_special_symmetry.PDB_model_num   1 
_pdbx_struct_special_symmetry.auth_asym_id    A 
_pdbx_struct_special_symmetry.auth_comp_id    HOH 
_pdbx_struct_special_symmetry.auth_seq_id     403 
_pdbx_struct_special_symmetry.PDB_ins_code    ? 
_pdbx_struct_special_symmetry.label_asym_id   D 
_pdbx_struct_special_symmetry.label_comp_id   HOH 
_pdbx_struct_special_symmetry.label_seq_id    . 
# 
loop_
_pdbx_unobs_or_zero_occ_residues.id 
_pdbx_unobs_or_zero_occ_residues.PDB_model_num 
_pdbx_unobs_or_zero_occ_residues.polymer_flag 
_pdbx_unobs_or_zero_occ_residues.occupancy_flag 
_pdbx_unobs_or_zero_occ_residues.auth_asym_id 
_pdbx_unobs_or_zero_occ_residues.auth_comp_id 
_pdbx_unobs_or_zero_occ_residues.auth_seq_id 
_pdbx_unobs_or_zero_occ_residues.PDB_ins_code 
_pdbx_unobs_or_zero_occ_residues.label_asym_id 
_pdbx_unobs_or_zero_occ_residues.label_comp_id 
_pdbx_unobs_or_zero_occ_residues.label_seq_id 
1  1 Y 1 A MET -11 ? A MET 1   
2  1 Y 1 A THR -10 ? A THR 2   
3  1 Y 1 A THR -9  ? A THR 3   
4  1 Y 1 A SER -8  ? A SER 4   
5  1 Y 1 A ALA -7  ? A ALA 5   
6  1 Y 1 A ALA -6  ? A ALA 6   
7  1 Y 1 A SER -5  ? A SER 7   
8  1 Y 1 A GLN -4  ? A GLN 8   
9  1 Y 1 A ALA -3  ? A ALA 9   
10 1 Y 1 A SER -2  ? A SER 10  
11 1 Y 1 A LEU -1  ? A LEU 11  
12 1 Y 1 A PRO 0   ? A PRO 12  
13 1 Y 1 A MET 1   ? A MET 13  
14 1 Y 1 A THR 2   ? A THR 14  
15 1 Y 1 A THR 3   ? A THR 15  
16 1 Y 1 A SER 4   ? A SER 16  
17 1 Y 1 A ALA 5   ? A ALA 17  
18 1 Y 1 A ALA 6   ? A ALA 18  
19 1 Y 1 A SER 7   ? A SER 19  
20 1 Y 1 A GLN 8   ? A GLN 20  
21 1 Y 1 A ALA 9   ? A ALA 21  
22 1 Y 1 A SER 10  ? A SER 22  
23 1 Y 1 A LEU 11  ? A LEU 23  
24 1 Y 1 A PRO 12  ? A PRO 24  
25 1 Y 1 A ARG 13  ? A ARG 25  
26 1 Y 1 A GLY 14  ? A GLY 26  
27 1 Y 1 A ARG 15  ? A ARG 27  
28 1 Y 1 A ARG 16  ? A ARG 28  
29 1 Y 1 A THR 17  ? A THR 29  
30 1 Y 1 A ALA 18  ? A ALA 30  
31 1 Y 1 A ARG 19  ? A ARG 31  
32 1 Y 1 A PRO 20  ? A PRO 32  
33 1 Y 1 A SER 21  ? A SER 33  
34 1 Y 1 A GLY 22  ? A GLY 34  
35 1 Y 1 A ASP 23  ? A ASP 35  
36 1 Y 1 A ASP 24  ? A ASP 36  
37 1 Y 1 A PRO 94  ? A PRO 106 
38 1 Y 1 A ALA 95  ? A ALA 107 
39 1 Y 1 A ASP 96  ? A ASP 108 
40 1 Y 1 A ASN 215 ? A ASN 227 
41 1 Y 1 A ARG 216 ? A ARG 228 
# 
loop_
_chem_comp_atom.comp_id 
_chem_comp_atom.atom_id 
_chem_comp_atom.type_symbol 
_chem_comp_atom.pdbx_aromatic_flag 
_chem_comp_atom.pdbx_stereo_config 
_chem_comp_atom.pdbx_ordinal 
ALA N    N N N 1   
ALA CA   C N S 2   
ALA C    C N N 3   
ALA O    O N N 4   
ALA CB   C N N 5   
ALA OXT  O N N 6   
ALA H    H N N 7   
ALA H2   H N N 8   
ALA HA   H N N 9   
ALA HB1  H N N 10  
ALA HB2  H N N 11  
ALA HB3  H N N 12  
ALA HXT  H N N 13  
ARG N    N N N 14  
ARG CA   C N S 15  
ARG C    C N N 16  
ARG O    O N N 17  
ARG CB   C N N 18  
ARG CG   C N N 19  
ARG CD   C N N 20  
ARG NE   N N N 21  
ARG CZ   C N N 22  
ARG NH1  N N N 23  
ARG NH2  N N N 24  
ARG OXT  O N N 25  
ARG H    H N N 26  
ARG H2   H N N 27  
ARG HA   H N N 28  
ARG HB2  H N N 29  
ARG HB3  H N N 30  
ARG HG2  H N N 31  
ARG HG3  H N N 32  
ARG HD2  H N N 33  
ARG HD3  H N N 34  
ARG HE   H N N 35  
ARG HH11 H N N 36  
ARG HH12 H N N 37  
ARG HH21 H N N 38  
ARG HH22 H N N 39  
ARG HXT  H N N 40  
ASN N    N N N 41  
ASN CA   C N S 42  
ASN C    C N N 43  
ASN O    O N N 44  
ASN CB   C N N 45  
ASN CG   C N N 46  
ASN OD1  O N N 47  
ASN ND2  N N N 48  
ASN OXT  O N N 49  
ASN H    H N N 50  
ASN H2   H N N 51  
ASN HA   H N N 52  
ASN HB2  H N N 53  
ASN HB3  H N N 54  
ASN HD21 H N N 55  
ASN HD22 H N N 56  
ASN HXT  H N N 57  
ASP N    N N N 58  
ASP CA   C N S 59  
ASP C    C N N 60  
ASP O    O N N 61  
ASP CB   C N N 62  
ASP CG   C N N 63  
ASP OD1  O N N 64  
ASP OD2  O N N 65  
ASP OXT  O N N 66  
ASP H    H N N 67  
ASP H2   H N N 68  
ASP HA   H N N 69  
ASP HB2  H N N 70  
ASP HB3  H N N 71  
ASP HD2  H N N 72  
ASP HXT  H N N 73  
GFW C4   C N N 74  
GFW C14  C N N 75  
GFW C5   C Y N 76  
GFW C6   C Y N 77  
GFW C11  C Y N 78  
GFW C7   C Y N 79  
GFW C8   C Y N 80  
GFW C9   C Y N 81  
GFW C10  C Y N 82  
GFW C12  C Y N 83  
GFW C13  C Y N 84  
GFW N1   N Y N 85  
GFW N2   N N N 86  
GFW C3   C N N 87  
GFW C1   C N N 88  
GFW C2   C N N 89  
GFW O1   O N N 90  
GFW O2   O N N 91  
GFW S1   S Y N 92  
GFW S2   S N N 93  
GFW O3   O N N 94  
GFW O4   O N N 95  
GFW C15  C N N 96  
GFW C16  C N N 97  
GFW C17  C N N 98  
GFW C18  C N N 99  
GFW H1   H N N 100 
GFW H2   H N N 101 
GFW H3   H N N 102 
GFW H4   H N N 103 
GFW H5   H N N 104 
GFW H6   H N N 105 
GFW H7   H N N 106 
GFW H8   H N N 107 
GFW H9   H N N 108 
GFW H10  H N N 109 
GFW H11  H N N 110 
GFW H12  H N N 111 
GFW H13  H N N 112 
GFW H14  H N N 113 
GFW H15  H N N 114 
GFW H16  H N N 115 
GFW H17  H N N 116 
GFW H18  H N N 117 
GFW H19  H N N 118 
GFW H20  H N N 119 
GFW H21  H N N 120 
GFW H22  H N N 121 
GFW H23  H N N 122 
GFW H24  H N N 123 
GLN N    N N N 124 
GLN CA   C N S 125 
GLN C    C N N 126 
GLN O    O N N 127 
GLN CB   C N N 128 
GLN CG   C N N 129 
GLN CD   C N N 130 
GLN OE1  O N N 131 
GLN NE2  N N N 132 
GLN OXT  O N N 133 
GLN H    H N N 134 
GLN H2   H N N 135 
GLN HA   H N N 136 
GLN HB2  H N N 137 
GLN HB3  H N N 138 
GLN HG2  H N N 139 
GLN HG3  H N N 140 
GLN HE21 H N N 141 
GLN HE22 H N N 142 
GLN HXT  H N N 143 
GLU N    N N N 144 
GLU CA   C N S 145 
GLU C    C N N 146 
GLU O    O N N 147 
GLU CB   C N N 148 
GLU CG   C N N 149 
GLU CD   C N N 150 
GLU OE1  O N N 151 
GLU OE2  O N N 152 
GLU OXT  O N N 153 
GLU H    H N N 154 
GLU H2   H N N 155 
GLU HA   H N N 156 
GLU HB2  H N N 157 
GLU HB3  H N N 158 
GLU HG2  H N N 159 
GLU HG3  H N N 160 
GLU HE2  H N N 161 
GLU HXT  H N N 162 
GLY N    N N N 163 
GLY CA   C N N 164 
GLY C    C N N 165 
GLY O    O N N 166 
GLY OXT  O N N 167 
GLY H    H N N 168 
GLY H2   H N N 169 
GLY HA2  H N N 170 
GLY HA3  H N N 171 
GLY HXT  H N N 172 
GOL C1   C N N 173 
GOL O1   O N N 174 
GOL C2   C N N 175 
GOL O2   O N N 176 
GOL C3   C N N 177 
GOL O3   O N N 178 
GOL H11  H N N 179 
GOL H12  H N N 180 
GOL HO1  H N N 181 
GOL H2   H N N 182 
GOL HO2  H N N 183 
GOL H31  H N N 184 
GOL H32  H N N 185 
GOL HO3  H N N 186 
HIS N    N N N 187 
HIS CA   C N S 188 
HIS C    C N N 189 
HIS O    O N N 190 
HIS CB   C N N 191 
HIS CG   C Y N 192 
HIS ND1  N Y N 193 
HIS CD2  C Y N 194 
HIS CE1  C Y N 195 
HIS NE2  N Y N 196 
HIS OXT  O N N 197 
HIS H    H N N 198 
HIS H2   H N N 199 
HIS HA   H N N 200 
HIS HB2  H N N 201 
HIS HB3  H N N 202 
HIS HD1  H N N 203 
HIS HD2  H N N 204 
HIS HE1  H N N 205 
HIS HE2  H N N 206 
HIS HXT  H N N 207 
HOH O    O N N 208 
HOH H1   H N N 209 
HOH H2   H N N 210 
ILE N    N N N 211 
ILE CA   C N S 212 
ILE C    C N N 213 
ILE O    O N N 214 
ILE CB   C N S 215 
ILE CG1  C N N 216 
ILE CG2  C N N 217 
ILE CD1  C N N 218 
ILE OXT  O N N 219 
ILE H    H N N 220 
ILE H2   H N N 221 
ILE HA   H N N 222 
ILE HB   H N N 223 
ILE HG12 H N N 224 
ILE HG13 H N N 225 
ILE HG21 H N N 226 
ILE HG22 H N N 227 
ILE HG23 H N N 228 
ILE HD11 H N N 229 
ILE HD12 H N N 230 
ILE HD13 H N N 231 
ILE HXT  H N N 232 
LEU N    N N N 233 
LEU CA   C N S 234 
LEU C    C N N 235 
LEU O    O N N 236 
LEU CB   C N N 237 
LEU CG   C N N 238 
LEU CD1  C N N 239 
LEU CD2  C N N 240 
LEU OXT  O N N 241 
LEU H    H N N 242 
LEU H2   H N N 243 
LEU HA   H N N 244 
LEU HB2  H N N 245 
LEU HB3  H N N 246 
LEU HG   H N N 247 
LEU HD11 H N N 248 
LEU HD12 H N N 249 
LEU HD13 H N N 250 
LEU HD21 H N N 251 
LEU HD22 H N N 252 
LEU HD23 H N N 253 
LEU HXT  H N N 254 
LYS N    N N N 255 
LYS CA   C N S 256 
LYS C    C N N 257 
LYS O    O N N 258 
LYS CB   C N N 259 
LYS CG   C N N 260 
LYS CD   C N N 261 
LYS CE   C N N 262 
LYS NZ   N N N 263 
LYS OXT  O N N 264 
LYS H    H N N 265 
LYS H2   H N N 266 
LYS HA   H N N 267 
LYS HB2  H N N 268 
LYS HB3  H N N 269 
LYS HG2  H N N 270 
LYS HG3  H N N 271 
LYS HD2  H N N 272 
LYS HD3  H N N 273 
LYS HE2  H N N 274 
LYS HE3  H N N 275 
LYS HZ1  H N N 276 
LYS HZ2  H N N 277 
LYS HZ3  H N N 278 
LYS HXT  H N N 279 
MET N    N N N 280 
MET CA   C N S 281 
MET C    C N N 282 
MET O    O N N 283 
MET CB   C N N 284 
MET CG   C N N 285 
MET SD   S N N 286 
MET CE   C N N 287 
MET OXT  O N N 288 
MET H    H N N 289 
MET H2   H N N 290 
MET HA   H N N 291 
MET HB2  H N N 292 
MET HB3  H N N 293 
MET HG2  H N N 294 
MET HG3  H N N 295 
MET HE1  H N N 296 
MET HE2  H N N 297 
MET HE3  H N N 298 
MET HXT  H N N 299 
PHE N    N N N 300 
PHE CA   C N S 301 
PHE C    C N N 302 
PHE O    O N N 303 
PHE CB   C N N 304 
PHE CG   C Y N 305 
PHE CD1  C Y N 306 
PHE CD2  C Y N 307 
PHE CE1  C Y N 308 
PHE CE2  C Y N 309 
PHE CZ   C Y N 310 
PHE OXT  O N N 311 
PHE H    H N N 312 
PHE H2   H N N 313 
PHE HA   H N N 314 
PHE HB2  H N N 315 
PHE HB3  H N N 316 
PHE HD1  H N N 317 
PHE HD2  H N N 318 
PHE HE1  H N N 319 
PHE HE2  H N N 320 
PHE HZ   H N N 321 
PHE HXT  H N N 322 
PRO N    N N N 323 
PRO CA   C N S 324 
PRO C    C N N 325 
PRO O    O N N 326 
PRO CB   C N N 327 
PRO CG   C N N 328 
PRO CD   C N N 329 
PRO OXT  O N N 330 
PRO H    H N N 331 
PRO HA   H N N 332 
PRO HB2  H N N 333 
PRO HB3  H N N 334 
PRO HG2  H N N 335 
PRO HG3  H N N 336 
PRO HD2  H N N 337 
PRO HD3  H N N 338 
PRO HXT  H N N 339 
SER N    N N N 340 
SER CA   C N S 341 
SER C    C N N 342 
SER O    O N N 343 
SER CB   C N N 344 
SER OG   O N N 345 
SER OXT  O N N 346 
SER H    H N N 347 
SER H2   H N N 348 
SER HA   H N N 349 
SER HB2  H N N 350 
SER HB3  H N N 351 
SER HG   H N N 352 
SER HXT  H N N 353 
THR N    N N N 354 
THR CA   C N S 355 
THR C    C N N 356 
THR O    O N N 357 
THR CB   C N R 358 
THR OG1  O N N 359 
THR CG2  C N N 360 
THR OXT  O N N 361 
THR H    H N N 362 
THR H2   H N N 363 
THR HA   H N N 364 
THR HB   H N N 365 
THR HG1  H N N 366 
THR HG21 H N N 367 
THR HG22 H N N 368 
THR HG23 H N N 369 
THR HXT  H N N 370 
TRP N    N N N 371 
TRP CA   C N S 372 
TRP C    C N N 373 
TRP O    O N N 374 
TRP CB   C N N 375 
TRP CG   C Y N 376 
TRP CD1  C Y N 377 
TRP CD2  C Y N 378 
TRP NE1  N Y N 379 
TRP CE2  C Y N 380 
TRP CE3  C Y N 381 
TRP CZ2  C Y N 382 
TRP CZ3  C Y N 383 
TRP CH2  C Y N 384 
TRP OXT  O N N 385 
TRP H    H N N 386 
TRP H2   H N N 387 
TRP HA   H N N 388 
TRP HB2  H N N 389 
TRP HB3  H N N 390 
TRP HD1  H N N 391 
TRP HE1  H N N 392 
TRP HE3  H N N 393 
TRP HZ2  H N N 394 
TRP HZ3  H N N 395 
TRP HH2  H N N 396 
TRP HXT  H N N 397 
TYR N    N N N 398 
TYR CA   C N S 399 
TYR C    C N N 400 
TYR O    O N N 401 
TYR CB   C N N 402 
TYR CG   C Y N 403 
TYR CD1  C Y N 404 
TYR CD2  C Y N 405 
TYR CE1  C Y N 406 
TYR CE2  C Y N 407 
TYR CZ   C Y N 408 
TYR OH   O N N 409 
TYR OXT  O N N 410 
TYR H    H N N 411 
TYR H2   H N N 412 
TYR HA   H N N 413 
TYR HB2  H N N 414 
TYR HB3  H N N 415 
TYR HD1  H N N 416 
TYR HD2  H N N 417 
TYR HE1  H N N 418 
TYR HE2  H N N 419 
TYR HH   H N N 420 
TYR HXT  H N N 421 
VAL N    N N N 422 
VAL CA   C N S 423 
VAL C    C N N 424 
VAL O    O N N 425 
VAL CB   C N N 426 
VAL CG1  C N N 427 
VAL CG2  C N N 428 
VAL OXT  O N N 429 
VAL H    H N N 430 
VAL H2   H N N 431 
VAL HA   H N N 432 
VAL HB   H N N 433 
VAL HG11 H N N 434 
VAL HG12 H N N 435 
VAL HG13 H N N 436 
VAL HG21 H N N 437 
VAL HG22 H N N 438 
VAL HG23 H N N 439 
VAL HXT  H N N 440 
# 
loop_
_chem_comp_bond.comp_id 
_chem_comp_bond.atom_id_1 
_chem_comp_bond.atom_id_2 
_chem_comp_bond.value_order 
_chem_comp_bond.pdbx_aromatic_flag 
_chem_comp_bond.pdbx_stereo_config 
_chem_comp_bond.pdbx_ordinal 
ALA N   CA   sing N N 1   
ALA N   H    sing N N 2   
ALA N   H2   sing N N 3   
ALA CA  C    sing N N 4   
ALA CA  CB   sing N N 5   
ALA CA  HA   sing N N 6   
ALA C   O    doub N N 7   
ALA C   OXT  sing N N 8   
ALA CB  HB1  sing N N 9   
ALA CB  HB2  sing N N 10  
ALA CB  HB3  sing N N 11  
ALA OXT HXT  sing N N 12  
ARG N   CA   sing N N 13  
ARG N   H    sing N N 14  
ARG N   H2   sing N N 15  
ARG CA  C    sing N N 16  
ARG CA  CB   sing N N 17  
ARG CA  HA   sing N N 18  
ARG C   O    doub N N 19  
ARG C   OXT  sing N N 20  
ARG CB  CG   sing N N 21  
ARG CB  HB2  sing N N 22  
ARG CB  HB3  sing N N 23  
ARG CG  CD   sing N N 24  
ARG CG  HG2  sing N N 25  
ARG CG  HG3  sing N N 26  
ARG CD  NE   sing N N 27  
ARG CD  HD2  sing N N 28  
ARG CD  HD3  sing N N 29  
ARG NE  CZ   sing N N 30  
ARG NE  HE   sing N N 31  
ARG CZ  NH1  sing N N 32  
ARG CZ  NH2  doub N N 33  
ARG NH1 HH11 sing N N 34  
ARG NH1 HH12 sing N N 35  
ARG NH2 HH21 sing N N 36  
ARG NH2 HH22 sing N N 37  
ARG OXT HXT  sing N N 38  
ASN N   CA   sing N N 39  
ASN N   H    sing N N 40  
ASN N   H2   sing N N 41  
ASN CA  C    sing N N 42  
ASN CA  CB   sing N N 43  
ASN CA  HA   sing N N 44  
ASN C   O    doub N N 45  
ASN C   OXT  sing N N 46  
ASN CB  CG   sing N N 47  
ASN CB  HB2  sing N N 48  
ASN CB  HB3  sing N N 49  
ASN CG  OD1  doub N N 50  
ASN CG  ND2  sing N N 51  
ASN ND2 HD21 sing N N 52  
ASN ND2 HD22 sing N N 53  
ASN OXT HXT  sing N N 54  
ASP N   CA   sing N N 55  
ASP N   H    sing N N 56  
ASP N   H2   sing N N 57  
ASP CA  C    sing N N 58  
ASP CA  CB   sing N N 59  
ASP CA  HA   sing N N 60  
ASP C   O    doub N N 61  
ASP C   OXT  sing N N 62  
ASP CB  CG   sing N N 63  
ASP CB  HB2  sing N N 64  
ASP CB  HB3  sing N N 65  
ASP CG  OD1  doub N N 66  
ASP CG  OD2  sing N N 67  
ASP OD2 HD2  sing N N 68  
ASP OXT HXT  sing N N 69  
GFW C17 C16  sing N N 70  
GFW O3  S2   doub N N 71  
GFW C16 C18  sing N N 72  
GFW C16 C15  sing N N 73  
GFW C12 C13  doub Y N 74  
GFW C12 C11  sing Y N 75  
GFW C15 C14  sing N N 76  
GFW S2  O4   doub N N 77  
GFW S2  N2   sing N N 78  
GFW S2  C11  sing N N 79  
GFW C13 C8   sing Y N 80  
GFW N2  C14  sing N N 81  
GFW C11 C10  doub Y N 82  
GFW O2  C3   doub N N 83  
GFW C4  C3   sing N N 84  
GFW C4  C5   sing N N 85  
GFW N1  C5   doub Y N 86  
GFW N1  C6   sing Y N 87  
GFW C8  C6   sing N N 88  
GFW C8  C9   doub Y N 89  
GFW C3  O1   sing N N 90  
GFW C10 C9   sing Y N 91  
GFW C1  C2   sing N N 92  
GFW C5  S1   sing Y N 93  
GFW C6  C7   doub Y N 94  
GFW O1  C2   sing N N 95  
GFW C7  S1   sing Y N 96  
GFW C4  H1   sing N N 97  
GFW C4  H2   sing N N 98  
GFW C14 H3   sing N N 99  
GFW C14 H4   sing N N 100 
GFW C7  H5   sing N N 101 
GFW C9  H6   sing N N 102 
GFW C10 H7   sing N N 103 
GFW C12 H8   sing N N 104 
GFW C13 H9   sing N N 105 
GFW N2  H10  sing N N 106 
GFW C1  H11  sing N N 107 
GFW C1  H12  sing N N 108 
GFW C1  H13  sing N N 109 
GFW C2  H14  sing N N 110 
GFW C2  H15  sing N N 111 
GFW C15 H16  sing N N 112 
GFW C15 H17  sing N N 113 
GFW C16 H18  sing N N 114 
GFW C17 H19  sing N N 115 
GFW C17 H20  sing N N 116 
GFW C17 H21  sing N N 117 
GFW C18 H22  sing N N 118 
GFW C18 H23  sing N N 119 
GFW C18 H24  sing N N 120 
GLN N   CA   sing N N 121 
GLN N   H    sing N N 122 
GLN N   H2   sing N N 123 
GLN CA  C    sing N N 124 
GLN CA  CB   sing N N 125 
GLN CA  HA   sing N N 126 
GLN C   O    doub N N 127 
GLN C   OXT  sing N N 128 
GLN CB  CG   sing N N 129 
GLN CB  HB2  sing N N 130 
GLN CB  HB3  sing N N 131 
GLN CG  CD   sing N N 132 
GLN CG  HG2  sing N N 133 
GLN CG  HG3  sing N N 134 
GLN CD  OE1  doub N N 135 
GLN CD  NE2  sing N N 136 
GLN NE2 HE21 sing N N 137 
GLN NE2 HE22 sing N N 138 
GLN OXT HXT  sing N N 139 
GLU N   CA   sing N N 140 
GLU N   H    sing N N 141 
GLU N   H2   sing N N 142 
GLU CA  C    sing N N 143 
GLU CA  CB   sing N N 144 
GLU CA  HA   sing N N 145 
GLU C   O    doub N N 146 
GLU C   OXT  sing N N 147 
GLU CB  CG   sing N N 148 
GLU CB  HB2  sing N N 149 
GLU CB  HB3  sing N N 150 
GLU CG  CD   sing N N 151 
GLU CG  HG2  sing N N 152 
GLU CG  HG3  sing N N 153 
GLU CD  OE1  doub N N 154 
GLU CD  OE2  sing N N 155 
GLU OE2 HE2  sing N N 156 
GLU OXT HXT  sing N N 157 
GLY N   CA   sing N N 158 
GLY N   H    sing N N 159 
GLY N   H2   sing N N 160 
GLY CA  C    sing N N 161 
GLY CA  HA2  sing N N 162 
GLY CA  HA3  sing N N 163 
GLY C   O    doub N N 164 
GLY C   OXT  sing N N 165 
GLY OXT HXT  sing N N 166 
GOL C1  O1   sing N N 167 
GOL C1  C2   sing N N 168 
GOL C1  H11  sing N N 169 
GOL C1  H12  sing N N 170 
GOL O1  HO1  sing N N 171 
GOL C2  O2   sing N N 172 
GOL C2  C3   sing N N 173 
GOL C2  H2   sing N N 174 
GOL O2  HO2  sing N N 175 
GOL C3  O3   sing N N 176 
GOL C3  H31  sing N N 177 
GOL C3  H32  sing N N 178 
GOL O3  HO3  sing N N 179 
HIS N   CA   sing N N 180 
HIS N   H    sing N N 181 
HIS N   H2   sing N N 182 
HIS CA  C    sing N N 183 
HIS CA  CB   sing N N 184 
HIS CA  HA   sing N N 185 
HIS C   O    doub N N 186 
HIS C   OXT  sing N N 187 
HIS CB  CG   sing N N 188 
HIS CB  HB2  sing N N 189 
HIS CB  HB3  sing N N 190 
HIS CG  ND1  sing Y N 191 
HIS CG  CD2  doub Y N 192 
HIS ND1 CE1  doub Y N 193 
HIS ND1 HD1  sing N N 194 
HIS CD2 NE2  sing Y N 195 
HIS CD2 HD2  sing N N 196 
HIS CE1 NE2  sing Y N 197 
HIS CE1 HE1  sing N N 198 
HIS NE2 HE2  sing N N 199 
HIS OXT HXT  sing N N 200 
HOH O   H1   sing N N 201 
HOH O   H2   sing N N 202 
ILE N   CA   sing N N 203 
ILE N   H    sing N N 204 
ILE N   H2   sing N N 205 
ILE CA  C    sing N N 206 
ILE CA  CB   sing N N 207 
ILE CA  HA   sing N N 208 
ILE C   O    doub N N 209 
ILE C   OXT  sing N N 210 
ILE CB  CG1  sing N N 211 
ILE CB  CG2  sing N N 212 
ILE CB  HB   sing N N 213 
ILE CG1 CD1  sing N N 214 
ILE CG1 HG12 sing N N 215 
ILE CG1 HG13 sing N N 216 
ILE CG2 HG21 sing N N 217 
ILE CG2 HG22 sing N N 218 
ILE CG2 HG23 sing N N 219 
ILE CD1 HD11 sing N N 220 
ILE CD1 HD12 sing N N 221 
ILE CD1 HD13 sing N N 222 
ILE OXT HXT  sing N N 223 
LEU N   CA   sing N N 224 
LEU N   H    sing N N 225 
LEU N   H2   sing N N 226 
LEU CA  C    sing N N 227 
LEU CA  CB   sing N N 228 
LEU CA  HA   sing N N 229 
LEU C   O    doub N N 230 
LEU C   OXT  sing N N 231 
LEU CB  CG   sing N N 232 
LEU CB  HB2  sing N N 233 
LEU CB  HB3  sing N N 234 
LEU CG  CD1  sing N N 235 
LEU CG  CD2  sing N N 236 
LEU CG  HG   sing N N 237 
LEU CD1 HD11 sing N N 238 
LEU CD1 HD12 sing N N 239 
LEU CD1 HD13 sing N N 240 
LEU CD2 HD21 sing N N 241 
LEU CD2 HD22 sing N N 242 
LEU CD2 HD23 sing N N 243 
LEU OXT HXT  sing N N 244 
LYS N   CA   sing N N 245 
LYS N   H    sing N N 246 
LYS N   H2   sing N N 247 
LYS CA  C    sing N N 248 
LYS CA  CB   sing N N 249 
LYS CA  HA   sing N N 250 
LYS C   O    doub N N 251 
LYS C   OXT  sing N N 252 
LYS CB  CG   sing N N 253 
LYS CB  HB2  sing N N 254 
LYS CB  HB3  sing N N 255 
LYS CG  CD   sing N N 256 
LYS CG  HG2  sing N N 257 
LYS CG  HG3  sing N N 258 
LYS CD  CE   sing N N 259 
LYS CD  HD2  sing N N 260 
LYS CD  HD3  sing N N 261 
LYS CE  NZ   sing N N 262 
LYS CE  HE2  sing N N 263 
LYS CE  HE3  sing N N 264 
LYS NZ  HZ1  sing N N 265 
LYS NZ  HZ2  sing N N 266 
LYS NZ  HZ3  sing N N 267 
LYS OXT HXT  sing N N 268 
MET N   CA   sing N N 269 
MET N   H    sing N N 270 
MET N   H2   sing N N 271 
MET CA  C    sing N N 272 
MET CA  CB   sing N N 273 
MET CA  HA   sing N N 274 
MET C   O    doub N N 275 
MET C   OXT  sing N N 276 
MET CB  CG   sing N N 277 
MET CB  HB2  sing N N 278 
MET CB  HB3  sing N N 279 
MET CG  SD   sing N N 280 
MET CG  HG2  sing N N 281 
MET CG  HG3  sing N N 282 
MET SD  CE   sing N N 283 
MET CE  HE1  sing N N 284 
MET CE  HE2  sing N N 285 
MET CE  HE3  sing N N 286 
MET OXT HXT  sing N N 287 
PHE N   CA   sing N N 288 
PHE N   H    sing N N 289 
PHE N   H2   sing N N 290 
PHE CA  C    sing N N 291 
PHE CA  CB   sing N N 292 
PHE CA  HA   sing N N 293 
PHE C   O    doub N N 294 
PHE C   OXT  sing N N 295 
PHE CB  CG   sing N N 296 
PHE CB  HB2  sing N N 297 
PHE CB  HB3  sing N N 298 
PHE CG  CD1  doub Y N 299 
PHE CG  CD2  sing Y N 300 
PHE CD1 CE1  sing Y N 301 
PHE CD1 HD1  sing N N 302 
PHE CD2 CE2  doub Y N 303 
PHE CD2 HD2  sing N N 304 
PHE CE1 CZ   doub Y N 305 
PHE CE1 HE1  sing N N 306 
PHE CE2 CZ   sing Y N 307 
PHE CE2 HE2  sing N N 308 
PHE CZ  HZ   sing N N 309 
PHE OXT HXT  sing N N 310 
PRO N   CA   sing N N 311 
PRO N   CD   sing N N 312 
PRO N   H    sing N N 313 
PRO CA  C    sing N N 314 
PRO CA  CB   sing N N 315 
PRO CA  HA   sing N N 316 
PRO C   O    doub N N 317 
PRO C   OXT  sing N N 318 
PRO CB  CG   sing N N 319 
PRO CB  HB2  sing N N 320 
PRO CB  HB3  sing N N 321 
PRO CG  CD   sing N N 322 
PRO CG  HG2  sing N N 323 
PRO CG  HG3  sing N N 324 
PRO CD  HD2  sing N N 325 
PRO CD  HD3  sing N N 326 
PRO OXT HXT  sing N N 327 
SER N   CA   sing N N 328 
SER N   H    sing N N 329 
SER N   H2   sing N N 330 
SER CA  C    sing N N 331 
SER CA  CB   sing N N 332 
SER CA  HA   sing N N 333 
SER C   O    doub N N 334 
SER C   OXT  sing N N 335 
SER CB  OG   sing N N 336 
SER CB  HB2  sing N N 337 
SER CB  HB3  sing N N 338 
SER OG  HG   sing N N 339 
SER OXT HXT  sing N N 340 
THR N   CA   sing N N 341 
THR N   H    sing N N 342 
THR N   H2   sing N N 343 
THR CA  C    sing N N 344 
THR CA  CB   sing N N 345 
THR CA  HA   sing N N 346 
THR C   O    doub N N 347 
THR C   OXT  sing N N 348 
THR CB  OG1  sing N N 349 
THR CB  CG2  sing N N 350 
THR CB  HB   sing N N 351 
THR OG1 HG1  sing N N 352 
THR CG2 HG21 sing N N 353 
THR CG2 HG22 sing N N 354 
THR CG2 HG23 sing N N 355 
THR OXT HXT  sing N N 356 
TRP N   CA   sing N N 357 
TRP N   H    sing N N 358 
TRP N   H2   sing N N 359 
TRP CA  C    sing N N 360 
TRP CA  CB   sing N N 361 
TRP CA  HA   sing N N 362 
TRP C   O    doub N N 363 
TRP C   OXT  sing N N 364 
TRP CB  CG   sing N N 365 
TRP CB  HB2  sing N N 366 
TRP CB  HB3  sing N N 367 
TRP CG  CD1  doub Y N 368 
TRP CG  CD2  sing Y N 369 
TRP CD1 NE1  sing Y N 370 
TRP CD1 HD1  sing N N 371 
TRP CD2 CE2  doub Y N 372 
TRP CD2 CE3  sing Y N 373 
TRP NE1 CE2  sing Y N 374 
TRP NE1 HE1  sing N N 375 
TRP CE2 CZ2  sing Y N 376 
TRP CE3 CZ3  doub Y N 377 
TRP CE3 HE3  sing N N 378 
TRP CZ2 CH2  doub Y N 379 
TRP CZ2 HZ2  sing N N 380 
TRP CZ3 CH2  sing Y N 381 
TRP CZ3 HZ3  sing N N 382 
TRP CH2 HH2  sing N N 383 
TRP OXT HXT  sing N N 384 
TYR N   CA   sing N N 385 
TYR N   H    sing N N 386 
TYR N   H2   sing N N 387 
TYR CA  C    sing N N 388 
TYR CA  CB   sing N N 389 
TYR CA  HA   sing N N 390 
TYR C   O    doub N N 391 
TYR C   OXT  sing N N 392 
TYR CB  CG   sing N N 393 
TYR CB  HB2  sing N N 394 
TYR CB  HB3  sing N N 395 
TYR CG  CD1  doub Y N 396 
TYR CG  CD2  sing Y N 397 
TYR CD1 CE1  sing Y N 398 
TYR CD1 HD1  sing N N 399 
TYR CD2 CE2  doub Y N 400 
TYR CD2 HD2  sing N N 401 
TYR CE1 CZ   doub Y N 402 
TYR CE1 HE1  sing N N 403 
TYR CE2 CZ   sing Y N 404 
TYR CE2 HE2  sing N N 405 
TYR CZ  OH   sing N N 406 
TYR OH  HH   sing N N 407 
TYR OXT HXT  sing N N 408 
VAL N   CA   sing N N 409 
VAL N   H    sing N N 410 
VAL N   H2   sing N N 411 
VAL CA  C    sing N N 412 
VAL CA  CB   sing N N 413 
VAL CA  HA   sing N N 414 
VAL C   O    doub N N 415 
VAL C   OXT  sing N N 416 
VAL CB  CG1  sing N N 417 
VAL CB  CG2  sing N N 418 
VAL CB  HB   sing N N 419 
VAL CG1 HG11 sing N N 420 
VAL CG1 HG12 sing N N 421 
VAL CG1 HG13 sing N N 422 
VAL CG2 HG21 sing N N 423 
VAL CG2 HG22 sing N N 424 
VAL CG2 HG23 sing N N 425 
VAL OXT HXT  sing N N 426 
# 
_pdbx_initial_refinement_model.id               1 
_pdbx_initial_refinement_model.entity_id_list   ? 
_pdbx_initial_refinement_model.type             'experimental model' 
_pdbx_initial_refinement_model.source_name      PDB 
_pdbx_initial_refinement_model.accession_code   1U9N 
_pdbx_initial_refinement_model.details          ? 
# 
_atom_sites.entry_id                    6HO1 
_atom_sites.fract_transf_matrix[1][1]   0.00000421 
_atom_sites.fract_transf_matrix[1][2]   0.00038178 
_atom_sites.fract_transf_matrix[1][3]   0.00819011 
_atom_sites.fract_transf_matrix[2][1]   -0.00809126 
_atom_sites.fract_transf_matrix[2][2]   0.00132356 
_atom_sites.fract_transf_matrix[2][3]   -0.00005754 
_atom_sites.fract_transf_matrix[3][1]   -0.00479896 
_atom_sites.fract_transf_matrix[3][2]   -0.02927782 
_atom_sites.fract_transf_matrix[3][3]   0.00136724 
_atom_sites.fract_transf_vector[1]      -0.288966 
_atom_sites.fract_transf_vector[2]      0.145893 
_atom_sites.fract_transf_vector[3]      -0.239922 
# 
loop_
_atom_type.symbol 
C 
N 
O 
S 
# 
loop_
_atom_site.group_PDB 
_atom_site.id 
_atom_site.type_symbol 
_atom_site.label_atom_id 
_atom_site.label_alt_id 
_atom_site.label_comp_id 
_atom_site.label_asym_id 
_atom_site.label_entity_id 
_atom_site.label_seq_id 
_atom_site.pdbx_PDB_ins_code 
_atom_site.Cartn_x 
_atom_site.Cartn_y 
_atom_site.Cartn_z 
_atom_site.occupancy 
_atom_site.B_iso_or_equiv 
_atom_site.pdbx_formal_charge 
_atom_site.auth_seq_id 
_atom_site.auth_comp_id 
_atom_site.auth_asym_id 
_atom_site.auth_atom_id 
_atom_site.pdbx_PDB_model_num 
ATOM   1    N N   . ARG A 1 37  ? 0.845   0.944   -25.262 1.00 53.90 ? 25  ARG A N   1 
ATOM   2    C CA  . ARG A 1 37  ? -0.634  1.249   -25.435 1.00 54.95 ? 25  ARG A CA  1 
ATOM   3    C C   . ARG A 1 37  ? -1.434  0.824   -24.203 1.00 49.58 ? 25  ARG A C   1 
ATOM   4    O O   . ARG A 1 37  ? -2.271  1.611   -23.746 1.00 46.32 ? 25  ARG A O   1 
ATOM   5    C CB  . ARG A 1 37  ? -1.259  0.537   -26.632 1.00 58.80 ? 25  ARG A CB  1 
ATOM   6    C CG  . ARG A 1 37  ? -1.266  1.390   -27.891 1.00 69.18 ? 25  ARG A CG  1 
ATOM   7    C CD  . ARG A 1 37  ? -2.501  1.185   -28.739 1.00 74.22 ? 25  ARG A CD  1 
ATOM   8    N NE  . ARG A 1 37  ? -2.353  0.040   -29.622 1.00 81.88 ? 25  ARG A NE  1 
ATOM   9    C CZ  . ARG A 1 37  ? -3.033  -0.152  -30.748 1.00 77.70 ? 25  ARG A CZ  1 
ATOM   10   N NH1 . ARG A 1 37  ? -3.932  0.733   -31.146 1.00 82.88 ? 25  ARG A NH1 1 
ATOM   11   N NH2 . ARG A 1 37  ? -2.804  -1.233  -31.475 1.00 76.79 ? 25  ARG A NH2 1 
ATOM   12   N N   . GLU A 1 38  ? -1.240  -0.410  -23.741 1.00 47.25 ? 26  GLU A N   1 
ATOM   13   C CA  . GLU A 1 38  ? -1.651  -0.807  -22.380 1.00 49.49 ? 26  GLU A CA  1 
ATOM   14   C C   . GLU A 1 38  ? -1.056  0.215   -21.405 1.00 48.86 ? 26  GLU A C   1 
ATOM   15   O O   . GLU A 1 38  ? -1.851  0.838   -20.695 1.00 41.01 ? 26  GLU A O   1 
ATOM   16   C CB  . GLU A 1 38  ? -1.242  -2.238  -22.066 1.00 50.95 ? 26  GLU A CB  1 
ATOM   17   C CG  . GLU A 1 38  ? -2.186  -2.877  -21.075 1.00 59.69 ? 26  GLU A CG  1 
ATOM   18   C CD  . GLU A 1 38  ? -1.727  -4.215  -20.532 1.00 67.46 ? 26  GLU A CD  1 
ATOM   19   O OE1 . GLU A 1 38  ? -1.370  -5.080  -21.352 1.00 68.76 ? 26  GLU A OE1 1 
ATOM   20   O OE2 . GLU A 1 38  ? -1.719  -4.373  -19.286 1.00 72.63 ? 26  GLU A OE2 1 
ATOM   21   N N   . LEU A 1 39  ? 0.265   0.447   -21.458 1.00 48.49 ? 27  LEU A N   1 
ATOM   22   C CA  . LEU A 1 39  ? 0.989   1.435   -20.608 1.00 46.49 ? 27  LEU A CA  1 
ATOM   23   C C   . LEU A 1 39  ? 0.336   2.821   -20.701 1.00 47.14 ? 27  LEU A C   1 
ATOM   24   O O   . LEU A 1 39  ? 0.156   3.491   -19.634 1.00 41.33 ? 27  LEU A O   1 
ATOM   25   C CB  . LEU A 1 39  ? 2.460   1.521   -21.021 1.00 51.37 ? 27  LEU A CB  1 
ATOM   26   C CG  . LEU A 1 39  ? 3.313   0.269   -20.803 1.00 59.08 ? 27  LEU A CG  1 
ATOM   27   C CD1 . LEU A 1 39  ? 4.802   0.620   -20.828 1.00 61.15 ? 27  LEU A CD1 1 
ATOM   28   C CD2 . LEU A 1 39  ? 2.969   -0.437  -19.498 1.00 60.49 ? 27  LEU A CD2 1 
ATOM   29   N N   . ALA A 1 40  ? 0.005   3.274   -21.909 1.00 42.11 ? 28  ALA A N   1 
ATOM   30   C CA  . ALA A 1 40  ? -0.585  4.611   -22.129 1.00 40.10 ? 28  ALA A CA  1 
ATOM   31   C C   . ALA A 1 40  ? -1.975  4.659   -21.490 1.00 36.98 ? 28  ALA A C   1 
ATOM   32   O O   . ALA A 1 40  ? -2.404  5.743   -21.066 1.00 44.24 ? 28  ALA A O   1 
ATOM   33   C CB  . ALA A 1 40  ? -0.625  4.947   -23.609 1.00 42.27 ? 28  ALA A CB  1 
ATOM   34   N N   . ILE A 1 41  ? -2.713  3.554   -21.458 1.00 36.77 ? 29  ILE A N   1 
ATOM   35   C CA  . ILE A 1 41  ? -4.049  3.570   -20.789 1.00 36.55 ? 29  ILE A CA  1 
ATOM   36   C C   . ILE A 1 41  ? -3.781  3.725   -19.284 1.00 38.42 ? 29  ILE A C   1 
ATOM   37   O O   . ILE A 1 41  ? -4.436  4.559   -18.666 1.00 36.83 ? 29  ILE A O   1 
ATOM   38   C CB  . ILE A 1 41  ? -4.881  2.314   -21.106 1.00 37.95 ? 29  ILE A CB  1 
ATOM   39   C CG1 . ILE A 1 41  ? -5.338  2.312   -22.573 1.00 37.97 ? 29  ILE A CG1 1 
ATOM   40   C CG2 . ILE A 1 41  ? -6.073  2.189   -20.160 1.00 37.02 ? 29  ILE A CG2 1 
ATOM   41   C CD1 . ILE A 1 41  ? -5.974  0.994   -23.013 1.00 39.02 ? 29  ILE A CD1 1 
ATOM   42   N N   . LEU A 1 42  ? -2.809  2.979   -18.752 1.00 37.64 ? 30  LEU A N   1 
ATOM   43   C CA  . LEU A 1 42  ? -2.498  2.927   -17.300 1.00 37.47 ? 30  LEU A CA  1 
ATOM   44   C C   . LEU A 1 42  ? -1.998  4.311   -16.858 1.00 37.09 ? 30  LEU A C   1 
ATOM   45   O O   . LEU A 1 42  ? -2.556  4.852   -15.880 1.00 43.10 ? 30  LEU A O   1 
ATOM   46   C CB  . LEU A 1 42  ? -1.472  1.824   -17.022 1.00 36.81 ? 30  LEU A CB  1 
ATOM   47   C CG  . LEU A 1 42  ? -1.963  0.395   -17.250 1.00 38.34 ? 30  LEU A CG  1 
ATOM   48   C CD1 . LEU A 1 42  ? -0.796  -0.583  -17.308 1.00 41.17 ? 30  LEU A CD1 1 
ATOM   49   C CD2 . LEU A 1 42  ? -2.945  -0.030  -16.186 1.00 40.10 ? 30  LEU A CD2 1 
ATOM   50   N N   . ALA A 1 43  ? -1.064  4.906   -17.601 1.00 38.74 ? 31  ALA A N   1 
ATOM   51   C CA  . ALA A 1 43  ? -0.510  6.250   -17.297 1.00 37.29 ? 31  ALA A CA  1 
ATOM   52   C C   . ALA A 1 43  ? -1.616  7.304   -17.344 1.00 38.68 ? 31  ALA A C   1 
ATOM   53   O O   . ALA A 1 43  ? -1.677  8.137   -16.422 1.00 43.76 ? 31  ALA A O   1 
ATOM   54   C CB  . ALA A 1 43  ? 0.603   6.591   -18.236 1.00 38.77 ? 31  ALA A CB  1 
ATOM   55   N N   . THR A 1 44  ? -2.493  7.248   -18.345 1.00 39.44 ? 32  THR A N   1 
ATOM   56   C CA  . THR A 1 44  ? -3.638  8.184   -18.494 1.00 42.22 ? 32  THR A CA  1 
ATOM   57   C C   . THR A 1 44  ? -4.556  8.049   -17.272 1.00 40.97 ? 32  THR A C   1 
ATOM   58   O O   . THR A 1 44  ? -4.997  9.091   -16.763 1.00 41.35 ? 32  THR A O   1 
ATOM   59   C CB  . THR A 1 44  ? -4.440  7.959   -19.785 1.00 38.01 ? 32  THR A CB  1 
ATOM   60   O OG1 . THR A 1 44  ? -3.597  8.057   -20.926 1.00 41.53 ? 32  THR A OG1 1 
ATOM   61   C CG2 . THR A 1 44  ? -5.552  8.963   -19.953 1.00 38.05 ? 32  THR A CG2 1 
ATOM   62   N N   . ALA A 1 45  ? -4.887  6.827   -16.847 1.00 39.70 ? 33  ALA A N   1 
ATOM   63   C CA  . ALA A 1 45  ? -5.779  6.604   -15.682 1.00 38.63 ? 33  ALA A CA  1 
ATOM   64   C C   . ALA A 1 45  ? -5.089  7.159   -14.425 1.00 40.22 ? 33  ALA A C   1 
ATOM   65   O O   . ALA A 1 45  ? -5.738  7.891   -13.675 1.00 37.24 ? 33  ALA A O   1 
ATOM   66   C CB  . ALA A 1 45  ? -6.133  5.146   -15.528 1.00 40.35 ? 33  ALA A CB  1 
ATOM   67   N N   . GLU A 1 46  ? -3.807  6.853   -14.218 1.00 37.84 ? 34  GLU A N   1 
ATOM   68   C CA  . GLU A 1 46  ? -3.088  7.377   -13.043 1.00 39.51 ? 34  GLU A CA  1 
ATOM   69   C C   . GLU A 1 46  ? -3.162  8.909   -13.080 1.00 43.39 ? 34  GLU A C   1 
ATOM   70   O O   . GLU A 1 46  ? -3.443  9.520   -12.025 1.00 37.36 ? 34  GLU A O   1 
ATOM   71   C CB  . GLU A 1 46  ? -1.646  6.878   -12.949 1.00 43.13 ? 34  GLU A CB  1 
ATOM   72   C CG  . GLU A 1 46  ? -1.049  7.200   -11.577 1.00 45.91 ? 34  GLU A CG  1 
ATOM   73   C CD  . GLU A 1 46  ? 0.109   6.323   -11.145 1.00 46.31 ? 34  GLU A CD  1 
ATOM   74   O OE1 . GLU A 1 46  ? 0.617   5.588   -11.983 1.00 47.89 ? 34  GLU A OE1 1 
ATOM   75   O OE2 . GLU A 1 46  ? 0.488   6.376   -9.967  1.00 48.49 ? 34  GLU A OE2 1 
ATOM   76   N N   . ASN A 1 47  ? -2.952  9.512   -14.252 1.00 43.97 ? 35  ASN A N   1 
ATOM   77   C CA  . ASN A 1 47  ? -2.956  10.990  -14.394 1.00 46.99 ? 35  ASN A CA  1 
ATOM   78   C C   . ASN A 1 47  ? -4.332  11.542  -14.049 1.00 46.76 ? 35  ASN A C   1 
ATOM   79   O O   . ASN A 1 47  ? -4.404  12.437  -13.207 1.00 47.56 ? 35  ASN A O   1 
ATOM   80   C CB  . ASN A 1 47  ? -2.471  11.441  -15.764 1.00 53.01 ? 35  ASN A CB  1 
ATOM   81   C CG  . ASN A 1 47  ? -0.976  11.623  -15.701 1.00 61.86 ? 35  ASN A CG  1 
ATOM   82   O OD1 . ASN A 1 47  ? -0.513  12.746  -15.515 1.00 76.53 ? 35  ASN A OD1 1 
ATOM   83   N ND2 . ASN A 1 47  ? -0.234  10.525  -15.723 1.00 59.49 ? 35  ASN A ND2 1 
ATOM   84   N N   . LEU A 1 48  ? -5.396  11.015  -14.639 1.00 47.09 ? 36  LEU A N   1 
ATOM   85   C CA  . LEU A 1 48  ? -6.739  11.605  -14.437 1.00 45.85 ? 36  LEU A CA  1 
ATOM   86   C C   . LEU A 1 48  ? -7.192  11.388  -12.994 1.00 48.74 ? 36  LEU A C   1 
ATOM   87   O O   . LEU A 1 48  ? -7.956  12.226  -12.493 1.00 58.17 ? 36  LEU A O   1 
ATOM   88   C CB  . LEU A 1 48  ? -7.722  11.004  -15.439 1.00 50.14 ? 36  LEU A CB  1 
ATOM   89   C CG  . LEU A 1 48  ? -7.331  11.149  -16.912 1.00 54.05 ? 36  LEU A CG  1 
ATOM   90   C CD1 . LEU A 1 48  ? -8.456  10.660  -17.798 1.00 58.53 ? 36  LEU A CD1 1 
ATOM   91   C CD2 . LEU A 1 48  ? -6.962  12.582  -17.260 1.00 54.28 ? 36  LEU A CD2 1 
ATOM   92   N N   . LEU A 1 49  ? -6.752  10.310  -12.350 1.00 44.65 ? 37  LEU A N   1 
ATOM   93   C CA  . LEU A 1 49  ? -7.144  9.993   -10.947 1.00 43.70 ? 37  LEU A CA  1 
ATOM   94   C C   . LEU A 1 49  ? -6.540  11.021  -9.986  1.00 43.25 ? 37  LEU A C   1 
ATOM   95   O O   . LEU A 1 49  ? -7.116  11.190  -8.905  1.00 43.18 ? 37  LEU A O   1 
ATOM   96   C CB  . LEU A 1 49  ? -6.710  8.569   -10.603 1.00 43.96 ? 37  LEU A CB  1 
ATOM   97   C CG  . LEU A 1 49  ? -7.676  7.497   -11.109 1.00 41.14 ? 37  LEU A CG  1 
ATOM   98   C CD1 . LEU A 1 49  ? -7.122  6.102   -10.891 1.00 38.13 ? 37  LEU A CD1 1 
ATOM   99   C CD2 . LEU A 1 49  ? -9.035  7.663   -10.457 1.00 43.75 ? 37  LEU A CD2 1 
ATOM   100  N N   . GLU A 1 50  ? -5.444  11.685  -10.366 1.00 43.91 ? 38  GLU A N   1 
ATOM   101  C CA  . GLU A 1 50  ? -4.829  12.792  -9.591  1.00 48.99 ? 38  GLU A CA  1 
ATOM   102  C C   . GLU A 1 50  ? -5.810  13.965  -9.559  1.00 52.35 ? 38  GLU A C   1 
ATOM   103  O O   . GLU A 1 50  ? -5.871  14.623  -8.530  1.00 47.62 ? 38  GLU A O   1 
ATOM   104  C CB  . GLU A 1 50  ? -3.457  13.153  -10.165 1.00 54.12 ? 38  GLU A CB  1 
ATOM   105  C CG  . GLU A 1 50  ? -2.377  12.160  -9.770  1.00 62.31 ? 38  GLU A CG  1 
ATOM   106  C CD  . GLU A 1 50  ? -1.114  12.211  -10.611 1.00 74.94 ? 38  GLU A CD  1 
ATOM   107  O OE1 . GLU A 1 50  ? -0.789  13.305  -11.122 1.00 75.73 ? 38  GLU A OE1 1 
ATOM   108  O OE2 . GLU A 1 50  ? -0.460  11.150  -10.763 1.00 85.34 ? 38  GLU A OE2 1 
ATOM   109  N N   . ASP A 1 51  ? -6.605  14.145  -10.621 1.00 65.10 ? 39  ASP A N   1 
ATOM   110  C CA  . ASP A 1 51  ? -7.608  15.237  -10.769 1.00 64.96 ? 39  ASP A CA  1 
ATOM   111  C C   . ASP A 1 51  ? -8.946  14.880  -10.124 1.00 63.81 ? 39  ASP A C   1 
ATOM   112  O O   . ASP A 1 51  ? -9.475  15.746  -9.440  1.00 70.21 ? 39  ASP A O   1 
ATOM   113  C CB  . ASP A 1 51  ? -7.841  15.594  -12.236 1.00 69.58 ? 39  ASP A CB  1 
ATOM   114  C CG  . ASP A 1 51  ? -6.832  16.614  -12.710 1.00 76.20 ? 39  ASP A CG  1 
ATOM   115  O OD1 . ASP A 1 51  ? -5.983  16.999  -11.881 1.00 74.90 ? 39  ASP A OD1 1 
ATOM   116  O OD2 . ASP A 1 51  ? -6.913  17.027  -13.886 1.00 82.37 ? 39  ASP A OD2 1 
ATOM   117  N N   . ARG A 1 52  ? -9.520  13.700  -10.376 1.00 62.81 ? 40  ARG A N   1 
ATOM   118  C CA  . ARG A 1 52  ? -10.921 13.428  -9.953  1.00 64.29 ? 40  ARG A CA  1 
ATOM   119  C C   . ARG A 1 52  ? -11.153 11.940  -9.729  1.00 57.31 ? 40  ARG A C   1 
ATOM   120  O O   . ARG A 1 52  ? -10.321 11.116  -10.106 1.00 51.91 ? 40  ARG A O   1 
ATOM   121  C CB  . ARG A 1 52  ? -11.891 14.000  -10.992 1.00 73.58 ? 40  ARG A CB  1 
ATOM   122  C CG  . ARG A 1 52  ? -11.547 13.685  -12.438 1.00 73.45 ? 40  ARG A CG  1 
ATOM   123  C CD  . ARG A 1 52  ? -12.608 14.299  -13.331 1.00 77.74 ? 40  ARG A CD  1 
ATOM   124  N NE  . ARG A 1 52  ? -12.811 13.484  -14.520 1.00 76.31 ? 40  ARG A NE  1 
ATOM   125  C CZ  . ARG A 1 52  ? -12.051 13.517  -15.608 1.00 68.05 ? 40  ARG A CZ  1 
ATOM   126  N NH1 . ARG A 1 52  ? -11.021 14.345  -15.695 1.00 62.75 ? 40  ARG A NH1 1 
ATOM   127  N NH2 . ARG A 1 52  ? -12.336 12.713  -16.615 1.00 71.16 ? 40  ARG A NH2 1 
ATOM   128  N N   . PRO A 1 53  ? -12.279 11.564  -9.078  1.00 56.06 ? 41  PRO A N   1 
ATOM   129  C CA  . PRO A 1 53  ? -12.567 10.160  -8.784  1.00 57.03 ? 41  PRO A CA  1 
ATOM   130  C C   . PRO A 1 53  ? -12.827 9.336   -10.054 1.00 56.53 ? 41  PRO A C   1 
ATOM   131  O O   . PRO A 1 53  ? -13.063 9.905   -11.110 1.00 58.24 ? 41  PRO A O   1 
ATOM   132  C CB  . PRO A 1 53  ? -13.808 10.204  -7.878  1.00 58.49 ? 41  PRO A CB  1 
ATOM   133  C CG  . PRO A 1 53  ? -14.459 11.527  -8.204  1.00 55.52 ? 41  PRO A CG  1 
ATOM   134  C CD  . PRO A 1 53  ? -13.318 12.463  -8.542  1.00 56.06 ? 41  PRO A CD  1 
ATOM   135  N N   . LEU A 1 54  ? -12.739 8.015   -9.923  1.00 56.95 ? 42  LEU A N   1 
ATOM   136  C CA  . LEU A 1 54  ? -12.873 7.071   -11.057 1.00 57.39 ? 42  LEU A CA  1 
ATOM   137  C C   . LEU A 1 54  ? -14.298 7.150   -11.628 1.00 63.24 ? 42  LEU A C   1 
ATOM   138  O O   . LEU A 1 54  ? -14.458 6.863   -12.831 1.00 67.87 ? 42  LEU A O   1 
ATOM   139  C CB  . LEU A 1 54  ? -12.539 5.657   -10.583 1.00 52.85 ? 42  LEU A CB  1 
ATOM   140  C CG  . LEU A 1 54  ? -12.560 4.606   -11.696 1.00 51.66 ? 42  LEU A CG  1 
ATOM   141  C CD1 . LEU A 1 54  ? -11.364 4.777   -12.628 1.00 48.75 ? 42  LEU A CD1 1 
ATOM   142  C CD2 . LEU A 1 54  ? -12.612 3.210   -11.107 1.00 49.48 ? 42  LEU A CD2 1 
ATOM   143  N N   . ALA A 1 55  ? -15.287 7.531   -10.812 1.00 64.93 ? 43  ALA A N   1 
ATOM   144  C CA  . ALA A 1 55  ? -16.692 7.754   -11.238 1.00 63.93 ? 43  ALA A CA  1 
ATOM   145  C C   . ALA A 1 55  ? -16.760 8.913   -12.237 1.00 66.78 ? 43  ALA A C   1 
ATOM   146  O O   . ALA A 1 55  ? -17.704 8.937   -13.041 1.00 71.12 ? 43  ALA A O   1 
ATOM   147  C CB  . ALA A 1 55  ? -17.578 8.012   -10.044 1.00 61.65 ? 43  ALA A CB  1 
ATOM   148  N N   . ASP A 1 56  ? -15.804 9.841   -12.196 1.00 60.24 ? 44  ASP A N   1 
ATOM   149  C CA  . ASP A 1 56  ? -15.795 11.025  -13.088 1.00 56.90 ? 44  ASP A CA  1 
ATOM   150  C C   . ASP A 1 56  ? -14.795 10.827  -14.231 1.00 55.60 ? 44  ASP A C   1 
ATOM   151  O O   . ASP A 1 56  ? -14.550 11.794  -14.963 1.00 54.19 ? 44  ASP A O   1 
ATOM   152  C CB  . ASP A 1 56  ? -15.487 12.291  -12.291 1.00 63.76 ? 44  ASP A CB  1 
ATOM   153  C CG  . ASP A 1 56  ? -16.478 12.565  -11.172 1.00 70.11 ? 44  ASP A CG  1 
ATOM   154  O OD1 . ASP A 1 56  ? -17.356 11.700  -10.930 1.00 77.91 ? 44  ASP A OD1 1 
ATOM   155  O OD2 . ASP A 1 56  ? -16.360 13.635  -10.543 1.00 73.87 ? 44  ASP A OD2 1 
ATOM   156  N N   . ILE A 1 57  ? -14.198 9.646   -14.356 1.00 57.22 ? 45  ILE A N   1 
ATOM   157  C CA  . ILE A 1 57  ? -13.356 9.283   -15.534 1.00 57.79 ? 45  ILE A CA  1 
ATOM   158  C C   . ILE A 1 57  ? -14.150 8.269   -16.363 1.00 56.41 ? 45  ILE A C   1 
ATOM   159  O O   . ILE A 1 57  ? -14.637 7.268   -15.794 1.00 55.81 ? 45  ILE A O   1 
ATOM   160  C CB  . ILE A 1 57  ? -11.973 8.754   -15.104 1.00 59.61 ? 45  ILE A CB  1 
ATOM   161  C CG1 . ILE A 1 57  ? -11.240 9.756   -14.207 1.00 57.74 ? 45  ILE A CG1 1 
ATOM   162  C CG2 . ILE A 1 57  ? -11.130 8.383   -16.317 1.00 59.51 ? 45  ILE A CG2 1 
ATOM   163  C CD1 . ILE A 1 57  ? -10.042 9.182   -13.489 1.00 53.06 ? 45  ILE A CD1 1 
ATOM   164  N N   . SER A 1 58  ? -14.313 8.549   -17.656 1.00 63.61 ? 46  SER A N   1 
ATOM   165  C CA  . SER A 1 58  ? -15.045 7.672   -18.612 1.00 68.09 ? 46  SER A CA  1 
ATOM   166  C C   . SER A 1 58  ? -14.022 6.968   -19.502 1.00 64.10 ? 46  SER A C   1 
ATOM   167  O O   . SER A 1 58  ? -12.920 7.519   -19.691 1.00 61.40 ? 46  SER A O   1 
ATOM   168  C CB  . SER A 1 58  ? -16.048 8.446   -19.437 1.00 58.64 ? 46  SER A CB  1 
ATOM   169  O OG  . SER A 1 58  ? -15.383 9.480   -20.144 1.00 51.81 ? 46  SER A OG  1 
ATOM   170  N N   . VAL A 1 59  ? -14.406 5.818   -20.061 1.00 65.94 ? 47  VAL A N   1 
ATOM   171  C CA  . VAL A 1 59  ? -13.531 4.992   -20.944 1.00 59.82 ? 47  VAL A CA  1 
ATOM   172  C C   . VAL A 1 59  ? -13.063 5.874   -22.111 1.00 57.71 ? 47  VAL A C   1 
ATOM   173  O O   . VAL A 1 59  ? -11.924 5.694   -22.584 1.00 53.58 ? 47  VAL A O   1 
ATOM   174  C CB  . VAL A 1 59  ? -14.260 3.716   -21.404 1.00 65.02 ? 47  VAL A CB  1 
ATOM   175  C CG1 . VAL A 1 59  ? -13.294 2.703   -21.989 1.00 66.65 ? 47  VAL A CG1 1 
ATOM   176  C CG2 . VAL A 1 59  ? -15.067 3.083   -20.273 1.00 64.81 ? 47  VAL A CG2 1 
ATOM   177  N N   . ASP A 1 60  ? -13.861 6.876   -22.489 1.00 59.46 ? 48  ASP A N   1 
ATOM   178  C CA  . ASP A 1 60  ? -13.520 7.834   -23.583 1.00 65.33 ? 48  ASP A CA  1 
ATOM   179  C C   . ASP A 1 60  ? -12.332 8.705   -23.164 1.00 61.45 ? 48  ASP A C   1 
ATOM   180  O O   . ASP A 1 60  ? -11.429 8.936   -24.006 1.00 52.78 ? 48  ASP A O   1 
ATOM   181  C CB  . ASP A 1 60  ? -14.745 8.664   -23.993 1.00 73.08 ? 48  ASP A CB  1 
ATOM   182  C CG  . ASP A 1 60  ? -16.010 7.817   -24.033 1.00 80.96 ? 48  ASP A CG  1 
ATOM   183  O OD1 . ASP A 1 60  ? -16.197 7.065   -25.039 1.00 72.10 ? 48  ASP A OD1 1 
ATOM   184  O OD2 . ASP A 1 60  ? -16.748 7.842   -23.014 1.00 83.85 ? 48  ASP A OD2 1 
ATOM   185  N N   . ASP A 1 61  ? -12.313 9.162   -21.905 1.00 68.23 ? 49  ASP A N   1 
ATOM   186  C CA  . ASP A 1 61  ? -11.176 9.955   -21.358 1.00 60.06 ? 49  ASP A CA  1 
ATOM   187  C C   . ASP A 1 61  ? -9.923  9.074   -21.333 1.00 51.66 ? 49  ASP A C   1 
ATOM   188  O O   . ASP A 1 61  ? -8.842  9.569   -21.696 1.00 59.50 ? 49  ASP A O   1 
ATOM   189  C CB  . ASP A 1 61  ? -11.475 10.522  -19.973 1.00 63.21 ? 49  ASP A CB  1 
ATOM   190  C CG  . ASP A 1 61  ? -12.709 11.393  -19.925 1.00 67.01 ? 49  ASP A CG  1 
ATOM   191  O OD1 . ASP A 1 61  ? -13.822 10.832  -20.047 1.00 67.17 ? 49  ASP A OD1 1 
ATOM   192  O OD2 . ASP A 1 61  ? -12.543 12.611  -19.785 1.00 66.18 ? 49  ASP A OD2 1 
ATOM   193  N N   . LEU A 1 62  ? -10.055 7.802   -20.963 1.00 46.77 ? 50  LEU A N   1 
ATOM   194  C CA  . LEU A 1 62  ? -8.893  6.872   -20.947 1.00 44.65 ? 50  LEU A CA  1 
ATOM   195  C C   . LEU A 1 62  ? -8.423  6.606   -22.372 1.00 40.63 ? 50  LEU A C   1 
ATOM   196  O O   . LEU A 1 62  ? -7.203  6.633   -22.616 1.00 41.99 ? 50  LEU A O   1 
ATOM   197  C CB  . LEU A 1 62  ? -9.293  5.574   -20.248 1.00 45.11 ? 50  LEU A CB  1 
ATOM   198  C CG  . LEU A 1 62  ? -9.637  5.735   -18.775 1.00 51.40 ? 50  LEU A CG  1 
ATOM   199  C CD1 . LEU A 1 62  ? -10.121 4.415   -18.187 1.00 54.92 ? 50  LEU A CD1 1 
ATOM   200  C CD2 . LEU A 1 62  ? -8.435  6.278   -18.021 1.00 48.94 ? 50  LEU A CD2 1 
ATOM   201  N N   . ALA A 1 63  ? -9.359  6.316   -23.274 1.00 46.00 ? 51  ALA A N   1 
ATOM   202  C CA  . ALA A 1 63  ? -9.067  6.071   -24.711 1.00 44.71 ? 51  ALA A CA  1 
ATOM   203  C C   . ALA A 1 63  ? -8.416  7.318   -25.292 1.00 44.57 ? 51  ALA A C   1 
ATOM   204  O O   . ALA A 1 63  ? -7.282  7.214   -25.797 1.00 49.05 ? 51  ALA A O   1 
ATOM   205  C CB  . ALA A 1 63  ? -10.337 5.713   -25.436 1.00 47.12 ? 51  ALA A CB  1 
ATOM   206  N N   . LYS A 1 64  ? -9.108  8.455   -25.185 1.00 54.62 ? 52  LYS A N   1 
ATOM   207  C CA  . LYS A 1 64  ? -8.640  9.786   -25.681 1.00 53.94 ? 52  LYS A CA  1 
ATOM   208  C C   . LYS A 1 64  ? -7.182  9.935   -25.230 1.00 57.28 ? 52  LYS A C   1 
ATOM   209  O O   . LYS A 1 64  ? -6.293  9.962   -26.096 1.00 54.53 ? 52  LYS A O   1 
ATOM   210  C CB  . LYS A 1 64  ? -9.630  10.827  -25.149 1.00 61.97 ? 52  LYS A CB  1 
ATOM   211  C CG  . LYS A 1 64  ? -9.486  12.285  -25.572 1.00 67.47 ? 52  LYS A CG  1 
ATOM   212  C CD  . LYS A 1 64  ? -10.683 13.119  -25.056 1.00 73.91 ? 52  LYS A CD  1 
ATOM   213  C CE  . LYS A 1 64  ? -10.364 14.548  -24.656 1.00 77.99 ? 52  LYS A CE  1 
ATOM   214  N NZ  . LYS A 1 64  ? -10.176 15.423  -25.835 1.00 81.77 ? 52  LYS A NZ  1 
ATOM   215  N N   . GLY A 1 65  ? -6.943  9.864   -23.913 1.00 55.90 ? 53  GLY A N   1 
ATOM   216  C CA  . GLY A 1 65  ? -5.615  10.067  -23.310 1.00 48.29 ? 53  GLY A CA  1 
ATOM   217  C C   . GLY A 1 65  ? -4.570  9.138   -23.886 1.00 47.52 ? 53  GLY A C   1 
ATOM   218  O O   . GLY A 1 65  ? -3.406  9.564   -23.992 1.00 46.73 ? 53  GLY A O   1 
ATOM   219  N N   . ALA A 1 66  ? -4.937  7.907   -24.253 1.00 47.11 ? 54  ALA A N   1 
ATOM   220  C CA  . ALA A 1 66  ? -3.970  6.900   -24.759 1.00 46.01 ? 54  ALA A CA  1 
ATOM   221  C C   . ALA A 1 66  ? -3.885  6.958   -26.287 1.00 47.43 ? 54  ALA A C   1 
ATOM   222  O O   . ALA A 1 66  ? -3.085  6.176   -26.847 1.00 48.71 ? 54  ALA A O   1 
ATOM   223  C CB  . ALA A 1 66  ? -4.352  5.525   -24.286 1.00 45.61 ? 54  ALA A CB  1 
ATOM   224  N N   . GLY A 1 67  ? -4.646  7.864   -26.929 1.00 49.57 ? 55  GLY A N   1 
ATOM   225  C CA  . GLY A 1 67  ? -4.643  8.058   -28.400 1.00 51.03 ? 55  GLY A CA  1 
ATOM   226  C C   . GLY A 1 67  ? -5.148  6.814   -29.125 1.00 49.55 ? 55  GLY A C   1 
ATOM   227  O O   . GLY A 1 67  ? -4.507  6.364   -30.100 1.00 47.43 ? 55  GLY A O   1 
ATOM   228  N N   . ILE A 1 68  ? -6.232  6.227   -28.610 1.00 47.75 ? 56  ILE A N   1 
ATOM   229  C CA  . ILE A 1 68  ? -6.905  5.020   -29.175 1.00 46.67 ? 56  ILE A CA  1 
ATOM   230  C C   . ILE A 1 68  ? -8.398  5.297   -29.151 1.00 44.11 ? 56  ILE A C   1 
ATOM   231  O O   . ILE A 1 68  ? -8.814  6.216   -28.407 1.00 41.66 ? 56  ILE A O   1 
ATOM   232  C CB  . ILE A 1 68  ? -6.551  3.731   -28.395 1.00 45.59 ? 56  ILE A CB  1 
ATOM   233  C CG1 . ILE A 1 68  ? -7.038  3.799   -26.940 1.00 44.16 ? 56  ILE A CG1 1 
ATOM   234  C CG2 . ILE A 1 68  ? -5.067  3.430   -28.519 1.00 46.01 ? 56  ILE A CG2 1 
ATOM   235  C CD1 . ILE A 1 68  ? -6.736  2.578   -26.088 1.00 43.16 ? 56  ILE A CD1 1 
ATOM   236  N N   . SER A 1 69  ? -9.178  4.517   -29.899 1.00 42.42 ? 57  SER A N   1 
ATOM   237  C CA  . SER A 1 69  ? -10.663 4.566   -29.878 1.00 37.96 ? 57  SER A CA  1 
ATOM   238  C C   . SER A 1 69  ? -11.185 3.839   -28.637 1.00 40.16 ? 57  SER A C   1 
ATOM   239  O O   . SER A 1 69  ? -10.448 3.051   -28.048 1.00 42.12 ? 57  SER A O   1 
ATOM   240  C CB  . SER A 1 69  ? -11.220 3.936   -31.130 1.00 38.27 ? 57  SER A CB  1 
ATOM   241  O OG  . SER A 1 69  ? -11.099 2.520   -31.058 1.00 35.94 ? 57  SER A OG  1 
ATOM   242  N N   . ARG A 1 70  ? -12.445 4.064   -28.297 1.00 44.17 ? 58  ARG A N   1 
ATOM   243  C CA  . ARG A 1 70  ? -13.164 3.367   -27.210 1.00 50.82 ? 58  ARG A CA  1 
ATOM   244  C C   . ARG A 1 70  ? -13.231 1.861   -27.486 1.00 52.34 ? 58  ARG A C   1 
ATOM   245  O O   . ARG A 1 70  ? -13.006 1.083   -26.552 1.00 48.84 ? 58  ARG A O   1 
ATOM   246  C CB  . ARG A 1 70  ? -14.536 4.020   -27.026 1.00 59.15 ? 58  ARG A CB  1 
ATOM   247  C CG  . ARG A 1 70  ? -15.570 3.115   -26.376 1.00 72.04 ? 58  ARG A CG  1 
ATOM   248  C CD  . ARG A 1 70  ? -16.985 3.644   -26.499 1.00 73.87 ? 58  ARG A CD  1 
ATOM   249  N NE  . ARG A 1 70  ? -17.781 3.083   -25.424 1.00 74.20 ? 58  ARG A NE  1 
ATOM   250  C CZ  . ARG A 1 70  ? -17.718 3.482   -24.154 1.00 82.73 ? 58  ARG A CZ  1 
ATOM   251  N NH1 . ARG A 1 70  ? -18.484 2.904   -23.243 1.00 86.18 ? 58  ARG A NH1 1 
ATOM   252  N NH2 . ARG A 1 70  ? -16.903 4.463   -23.798 1.00 80.09 ? 58  ARG A NH2 1 
ATOM   253  N N   . PRO A 1 71  ? -13.574 1.360   -28.709 1.00 39.15 ? 59  PRO A N   1 
ATOM   254  C CA  . PRO A 1 71  ? -13.571 -0.083  -28.937 1.00 38.02 ? 59  PRO A CA  1 
ATOM   255  C C   . PRO A 1 71  ? -12.163 -0.675  -28.765 1.00 32.32 ? 59  PRO A C   1 
ATOM   256  O O   . PRO A 1 71  ? -12.046 -1.770  -28.241 1.00 35.82 ? 59  PRO A O   1 
ATOM   257  C CB  . PRO A 1 71  ? -14.137 -0.250  -30.361 1.00 37.86 ? 59  PRO A CB  1 
ATOM   258  C CG  . PRO A 1 71  ? -13.863 1.078   -31.008 1.00 40.85 ? 59  PRO A CG  1 
ATOM   259  C CD  . PRO A 1 71  ? -14.021 2.104   -29.893 1.00 40.70 ? 59  PRO A CD  1 
ATOM   260  N N   . THR A 1 72  ? -11.119 0.047   -29.183 1.00 36.77 ? 60  THR A N   1 
ATOM   261  C CA  . THR A 1 72  ? -9.695  -0.397  -29.013 1.00 33.01 ? 60  THR A CA  1 
ATOM   262  C C   . THR A 1 72  ? -9.342  -0.526  -27.514 1.00 34.53 ? 60  THR A C   1 
ATOM   263  O O   . THR A 1 72  ? -8.729  -1.546  -27.131 1.00 36.48 ? 60  THR A O   1 
ATOM   264  C CB  . THR A 1 72  ? -8.754  0.503   -29.801 1.00 34.13 ? 60  THR A CB  1 
ATOM   265  O OG1 . THR A 1 72  ? -9.045  0.278   -31.184 1.00 31.48 ? 60  THR A OG1 1 
ATOM   266  C CG2 . THR A 1 72  ? -7.290  0.201   -29.526 1.00 35.97 ? 60  THR A CG2 1 
ATOM   267  N N   . PHE A 1 73  ? -9.758  0.422   -26.677 1.00 34.65 ? 61  PHE A N   1 
ATOM   268  C CA  . PHE A 1 73  ? -9.627  0.316   -25.203 1.00 37.40 ? 61  PHE A CA  1 
ATOM   269  C C   . PHE A 1 73  ? -10.127 -1.067  -24.772 1.00 46.03 ? 61  PHE A C   1 
ATOM   270  O O   . PHE A 1 73  ? -9.383  -1.745  -24.047 1.00 43.67 ? 61  PHE A O   1 
ATOM   271  C CB  . PHE A 1 73  ? -10.433 1.387   -24.464 1.00 39.25 ? 61  PHE A CB  1 
ATOM   272  C CG  . PHE A 1 73  ? -10.512 1.153   -22.974 1.00 42.46 ? 61  PHE A CG  1 
ATOM   273  C CD1 . PHE A 1 73  ? -11.423 0.251   -22.436 1.00 46.56 ? 61  PHE A CD1 1 
ATOM   274  C CD2 . PHE A 1 73  ? -9.653  1.812   -22.110 1.00 42.94 ? 61  PHE A CD2 1 
ATOM   275  C CE1 . PHE A 1 73  ? -11.486 0.033   -21.062 1.00 52.63 ? 61  PHE A CE1 1 
ATOM   276  C CE2 . PHE A 1 73  ? -9.721  1.603   -20.738 1.00 46.78 ? 61  PHE A CE2 1 
ATOM   277  C CZ  . PHE A 1 73  ? -10.637 0.714   -20.211 1.00 47.73 ? 61  PHE A CZ  1 
ATOM   278  N N   . TYR A 1 74  ? -11.336 -1.461  -25.212 1.00 42.19 ? 62  TYR A N   1 
ATOM   279  C CA  . TYR A 1 74  ? -12.022 -2.712  -24.780 1.00 45.73 ? 62  TYR A CA  1 
ATOM   280  C C   . TYR A 1 74  ? -11.217 -3.952  -25.134 1.00 41.36 ? 62  TYR A C   1 
ATOM   281  O O   . TYR A 1 74  ? -11.466 -4.984  -24.562 1.00 47.09 ? 62  TYR A O   1 
ATOM   282  C CB  . TYR A 1 74  ? -13.438 -2.797  -25.334 1.00 42.81 ? 62  TYR A CB  1 
ATOM   283  C CG  . TYR A 1 74  ? -14.342 -1.950  -24.497 1.00 49.37 ? 62  TYR A CG  1 
ATOM   284  C CD1 . TYR A 1 74  ? -14.517 -2.242  -23.149 1.00 47.42 ? 62  TYR A CD1 1 
ATOM   285  C CD2 . TYR A 1 74  ? -14.919 -0.803  -25.016 1.00 51.73 ? 62  TYR A CD2 1 
ATOM   286  C CE1 . TYR A 1 74  ? -15.316 -1.438  -22.347 1.00 51.77 ? 62  TYR A CE1 1 
ATOM   287  C CE2 . TYR A 1 74  ? -15.707 0.014   -24.220 1.00 60.61 ? 62  TYR A CE2 1 
ATOM   288  C CZ  . TYR A 1 74  ? -15.909 -0.307  -22.885 1.00 53.24 ? 62  TYR A CZ  1 
ATOM   289  O OH  . TYR A 1 74  ? -16.693 0.510   -22.123 1.00 61.34 ? 62  TYR A OH  1 
ATOM   290  N N   . PHE A 1 75  ? -10.255 -3.825  -26.028 1.00 43.22 ? 63  PHE A N   1 
ATOM   291  C CA  . PHE A 1 75  ? -9.345  -4.920  -26.396 1.00 47.24 ? 63  PHE A CA  1 
ATOM   292  C C   . PHE A 1 75  ? -8.300  -5.114  -25.287 1.00 51.44 ? 63  PHE A C   1 
ATOM   293  O O   . PHE A 1 75  ? -7.764  -6.221  -25.171 1.00 46.66 ? 63  PHE A O   1 
ATOM   294  C CB  . PHE A 1 75  ? -8.708  -4.642  -27.762 1.00 45.97 ? 63  PHE A CB  1 
ATOM   295  C CG  . PHE A 1 75  ? -7.771  -5.739  -28.167 1.00 49.72 ? 63  PHE A CG  1 
ATOM   296  C CD1 . PHE A 1 75  ? -8.269  -6.947  -28.640 1.00 52.59 ? 63  PHE A CD1 1 
ATOM   297  C CD2 . PHE A 1 75  ? -6.406  -5.614  -27.954 1.00 53.39 ? 63  PHE A CD2 1 
ATOM   298  C CE1 . PHE A 1 75  ? -7.410  -7.989  -28.954 1.00 54.73 ? 63  PHE A CE1 1 
ATOM   299  C CE2 . PHE A 1 75  ? -5.544  -6.654  -28.279 1.00 58.03 ? 63  PHE A CE2 1 
ATOM   300  C CZ  . PHE A 1 75  ? -6.046  -7.837  -28.785 1.00 58.37 ? 63  PHE A CZ  1 
ATOM   301  N N   . TYR A 1 76  ? -7.957  -4.060  -24.540 1.00 46.85 ? 64  TYR A N   1 
ATOM   302  C CA  . TYR A 1 76  ? -6.920  -4.105  -23.474 1.00 42.25 ? 64  TYR A CA  1 
ATOM   303  C C   . TYR A 1 76  ? -7.547  -4.353  -22.095 1.00 40.44 ? 64  TYR A C   1 
ATOM   304  O O   . TYR A 1 76  ? -6.913  -5.020  -21.267 1.00 40.44 ? 64  TYR A O   1 
ATOM   305  C CB  . TYR A 1 76  ? -6.101  -2.812  -23.510 1.00 45.13 ? 64  TYR A CB  1 
ATOM   306  C CG  . TYR A 1 76  ? -5.238  -2.755  -24.731 1.00 44.10 ? 64  TYR A CG  1 
ATOM   307  C CD1 . TYR A 1 76  ? -4.048  -3.451  -24.787 1.00 49.58 ? 64  TYR A CD1 1 
ATOM   308  C CD2 . TYR A 1 76  ? -5.674  -2.110  -25.869 1.00 46.46 ? 64  TYR A CD2 1 
ATOM   309  C CE1 . TYR A 1 76  ? -3.268  -3.447  -25.932 1.00 52.97 ? 64  TYR A CE1 1 
ATOM   310  C CE2 . TYR A 1 76  ? -4.909  -2.098  -27.020 1.00 50.91 ? 64  TYR A CE2 1 
ATOM   311  C CZ  . TYR A 1 76  ? -3.710  -2.779  -27.056 1.00 49.82 ? 64  TYR A CZ  1 
ATOM   312  O OH  . TYR A 1 76  ? -2.951  -2.734  -28.182 1.00 53.29 ? 64  TYR A OH  1 
ATOM   313  N N   . PHE A 1 77  ? -8.748  -3.826  -21.844 1.00 40.76 ? 65  PHE A N   1 
ATOM   314  C CA  . PHE A 1 77  ? -9.361  -3.821  -20.500 1.00 44.07 ? 65  PHE A CA  1 
ATOM   315  C C   . PHE A 1 77  ? -10.862 -3.943  -20.680 1.00 46.08 ? 65  PHE A C   1 
ATOM   316  O O   . PHE A 1 77  ? -11.441 -3.252  -21.509 1.00 41.58 ? 65  PHE A O   1 
ATOM   317  C CB  . PHE A 1 77  ? -8.991  -2.560  -19.693 1.00 44.61 ? 65  PHE A CB  1 
ATOM   318  C CG  . PHE A 1 77  ? -7.534  -2.457  -19.309 1.00 45.86 ? 65  PHE A CG  1 
ATOM   319  C CD1 . PHE A 1 77  ? -7.040  -3.119  -18.191 1.00 45.92 ? 65  PHE A CD1 1 
ATOM   320  C CD2 . PHE A 1 77  ? -6.652  -1.691  -20.069 1.00 46.61 ? 65  PHE A CD2 1 
ATOM   321  C CE1 . PHE A 1 77  ? -5.696  -3.039  -17.854 1.00 46.80 ? 65  PHE A CE1 1 
ATOM   322  C CE2 . PHE A 1 77  ? -5.306  -1.618  -19.736 1.00 45.92 ? 65  PHE A CE2 1 
ATOM   323  C CZ  . PHE A 1 77  ? -4.836  -2.278  -18.619 1.00 48.83 ? 65  PHE A CZ  1 
ATOM   324  N N   . PRO A 1 78  ? -11.509 -4.829  -19.890 1.00 47.22 ? 66  PRO A N   1 
ATOM   325  C CA  . PRO A 1 78  ? -12.966 -4.932  -19.885 1.00 46.64 ? 66  PRO A CA  1 
ATOM   326  C C   . PRO A 1 78  ? -13.701 -3.719  -19.306 1.00 52.11 ? 66  PRO A C   1 
ATOM   327  O O   . PRO A 1 78  ? -14.837 -3.558  -19.634 1.00 55.61 ? 66  PRO A O   1 
ATOM   328  C CB  . PRO A 1 78  ? -13.231 -6.205  -19.068 1.00 51.37 ? 66  PRO A CB  1 
ATOM   329  C CG  . PRO A 1 78  ? -11.977 -6.413  -18.233 1.00 51.72 ? 66  PRO A CG  1 
ATOM   330  C CD  . PRO A 1 78  ? -10.847 -5.856  -19.068 1.00 46.62 ? 66  PRO A CD  1 
ATOM   331  N N   . SER A 1 79  ? -13.035 -2.870  -18.517 1.00 55.24 ? 67  SER A N   1 
ATOM   332  C CA  . SER A 1 79  ? -13.669 -1.745  -17.774 1.00 54.45 ? 67  SER A CA  1 
ATOM   333  C C   . SER A 1 79  ? -12.626 -0.752  -17.242 1.00 46.21 ? 67  SER A C   1 
ATOM   334  O O   . SER A 1 79  ? -11.420 -1.112  -17.126 1.00 41.69 ? 67  SER A O   1 
ATOM   335  C CB  . SER A 1 79  ? -14.472 -2.273  -16.629 1.00 56.25 ? 67  SER A CB  1 
ATOM   336  O OG  . SER A 1 79  ? -13.663 -3.113  -15.825 1.00 52.33 ? 67  SER A OG  1 
ATOM   337  N N   . LYS A 1 80  ? -13.086 0.432   -16.870 1.00 43.65 ? 68  LYS A N   1 
ATOM   338  C CA  . LYS A 1 80  ? -12.237 1.420   -16.167 1.00 50.55 ? 68  LYS A CA  1 
ATOM   339  C C   . LYS A 1 80  ? -11.861 0.841   -14.794 1.00 51.85 ? 68  LYS A C   1 
ATOM   340  O O   . LYS A 1 80  ? -10.737 1.132   -14.321 1.00 51.37 ? 68  LYS A O   1 
ATOM   341  C CB  . LYS A 1 80  ? -12.942 2.774   -16.106 1.00 51.27 ? 68  LYS A CB  1 
ATOM   342  C CG  . LYS A 1 80  ? -14.178 2.804   -15.229 1.00 58.82 ? 68  LYS A CG  1 
ATOM   343  C CD  . LYS A 1 80  ? -14.952 4.078   -15.395 1.00 60.25 ? 68  LYS A CD  1 
ATOM   344  C CE  . LYS A 1 80  ? -16.194 4.096   -14.539 1.00 63.90 ? 68  LYS A CE  1 
ATOM   345  N NZ  . LYS A 1 80  ? -16.573 5.489   -14.216 1.00 70.21 ? 68  LYS A NZ  1 
ATOM   346  N N   . GLU A 1 81  ? -12.726 -0.006  -14.223 1.00 47.67 ? 69  GLU A N   1 
ATOM   347  C CA  . GLU A 1 81  ? -12.510 -0.628  -12.888 1.00 44.54 ? 69  GLU A CA  1 
ATOM   348  C C   . GLU A 1 81  ? -11.363 -1.621  -13.010 1.00 44.68 ? 69  GLU A C   1 
ATOM   349  O O   . GLU A 1 81  ? -10.609 -1.740  -12.048 1.00 42.20 ? 69  GLU A O   1 
ATOM   350  C CB  . GLU A 1 81  ? -13.770 -1.307  -12.345 1.00 46.31 ? 69  GLU A CB  1 
ATOM   351  C CG  . GLU A 1 81  ? -14.860 -0.302  -11.980 1.00 49.07 ? 69  GLU A CG  1 
ATOM   352  C CD  . GLU A 1 81  ? -15.795 0.143   -13.101 1.00 56.49 ? 69  GLU A CD  1 
ATOM   353  O OE1 . GLU A 1 81  ? -15.751 -0.440  -14.206 1.00 58.70 ? 69  GLU A OE1 1 
ATOM   354  O OE2 . GLU A 1 81  ? -16.558 1.086   -12.870 1.00 62.33 ? 69  GLU A OE2 1 
ATOM   355  N N   . ALA A 1 82  ? -11.196 -2.288  -14.156 1.00 38.78 ? 70  ALA A N   1 
ATOM   356  C CA  . ALA A 1 82  ? -10.089 -3.253  -14.345 1.00 37.81 ? 70  ALA A CA  1 
ATOM   357  C C   . ALA A 1 82  ? -8.787  -2.474  -14.497 1.00 33.79 ? 70  ALA A C   1 
ATOM   358  O O   . ALA A 1 82  ? -7.717  -3.049  -14.236 1.00 36.30 ? 70  ALA A O   1 
ATOM   359  C CB  . ALA A 1 82  ? -10.331 -4.139  -15.551 1.00 39.75 ? 70  ALA A CB  1 
ATOM   360  N N   . VAL A 1 83  ? -8.868  -1.245  -15.010 1.00 37.88 ? 71  VAL A N   1 
ATOM   361  C CA  . VAL A 1 83  ? -7.666  -0.369  -15.175 1.00 39.67 ? 71  VAL A CA  1 
ATOM   362  C C   . VAL A 1 83  ? -7.160  -0.031  -13.762 1.00 36.46 ? 71  VAL A C   1 
ATOM   363  O O   . VAL A 1 83  ? -5.962  -0.208  -13.519 1.00 33.11 ? 71  VAL A O   1 
ATOM   364  C CB  . VAL A 1 83  ? -7.943  0.876   -16.037 1.00 36.86 ? 71  VAL A CB  1 
ATOM   365  C CG1 . VAL A 1 83  ? -6.746  1.814   -16.086 1.00 37.68 ? 71  VAL A CG1 1 
ATOM   366  C CG2 . VAL A 1 83  ? -8.319  0.466   -17.451 1.00 37.69 ? 71  VAL A CG2 1 
ATOM   367  N N   . LEU A 1 84  ? -8.061  0.357   -12.864 1.00 36.35 ? 72  LEU A N   1 
ATOM   368  C CA  . LEU A 1 84  ? -7.706  0.670   -11.451 1.00 41.11 ? 72  LEU A CA  1 
ATOM   369  C C   . LEU A 1 84  ? -7.075  -0.560  -10.802 1.00 38.76 ? 72  LEU A C   1 
ATOM   370  O O   . LEU A 1 84  ? -5.999  -0.411  -10.225 1.00 39.44 ? 72  LEU A O   1 
ATOM   371  C CB  . LEU A 1 84  ? -8.940  1.109   -10.666 1.00 42.58 ? 72  LEU A CB  1 
ATOM   372  C CG  . LEU A 1 84  ? -8.725  1.305   -9.158  1.00 43.59 ? 72  LEU A CG  1 
ATOM   373  C CD1 . LEU A 1 84  ? -7.558  2.247   -8.888  1.00 38.34 ? 72  LEU A CD1 1 
ATOM   374  C CD2 . LEU A 1 84  ? -10.006 1.835   -8.511  1.00 45.63 ? 72  LEU A CD2 1 
ATOM   375  N N   . LEU A 1 85  ? -7.719  -1.728  -10.930 1.00 41.13 ? 73  LEU A N   1 
ATOM   376  C CA  . LEU A 1 85  ? -7.234  -3.019  -10.374 1.00 39.74 ? 73  LEU A CA  1 
ATOM   377  C C   . LEU A 1 85  ? -5.786  -3.244  -10.809 1.00 40.25 ? 73  LEU A C   1 
ATOM   378  O O   . LEU A 1 85  ? -4.955  -3.636  -9.948  1.00 35.57 ? 73  LEU A O   1 
ATOM   379  C CB  . LEU A 1 85  ? -8.148  -4.164  -10.836 1.00 43.04 ? 73  LEU A CB  1 
ATOM   380  C CG  . LEU A 1 85  ? -7.711  -5.566  -10.409 1.00 42.81 ? 73  LEU A CG  1 
ATOM   381  C CD1 . LEU A 1 85  ? -7.507  -5.654  -8.891  1.00 40.91 ? 73  LEU A CD1 1 
ATOM   382  C CD2 . LEU A 1 85  ? -8.721  -6.604  -10.864 1.00 43.19 ? 73  LEU A CD2 1 
ATOM   383  N N   . THR A 1 86  ? -5.476  -3.020  -12.094 1.00 36.95 ? 74  THR A N   1 
ATOM   384  C CA  . THR A 1 86  ? -4.122  -3.299  -12.621 1.00 35.58 ? 74  THR A CA  1 
ATOM   385  C C   . THR A 1 86  ? -3.143  -2.289  -12.039 1.00 33.30 ? 74  THR A C   1 
ATOM   386  O O   . THR A 1 86  ? -1.989  -2.670  -11.792 1.00 34.76 ? 74  THR A O   1 
ATOM   387  C CB  . THR A 1 86  ? -4.024  -3.171  -14.139 1.00 36.18 ? 74  THR A CB  1 
ATOM   388  O OG1 . THR A 1 86  ? -5.064  -3.950  -14.713 1.00 37.13 ? 74  THR A OG1 1 
ATOM   389  C CG2 . THR A 1 86  ? -2.670  -3.600  -14.628 1.00 35.82 ? 74  THR A CG2 1 
ATOM   390  N N   . LEU A 1 87  ? -3.558  -1.030  -11.959 1.00 33.48 ? 75  LEU A N   1 
ATOM   391  C CA  . LEU A 1 87  ? -2.699  0.037   -11.394 1.00 36.50 ? 75  LEU A CA  1 
ATOM   392  C C   . LEU A 1 87  ? -2.414  -0.384  -9.956  1.00 35.12 ? 75  LEU A C   1 
ATOM   393  O O   . LEU A 1 87  ? -1.243  -0.353  -9.553  1.00 34.61 ? 75  LEU A O   1 
ATOM   394  C CB  . LEU A 1 87  ? -3.386  1.405   -11.419 1.00 31.89 ? 75  LEU A CB  1 
ATOM   395  C CG  . LEU A 1 87  ? -3.404  2.122   -12.765 1.00 35.97 ? 75  LEU A CG  1 
ATOM   396  C CD1 . LEU A 1 87  ? -4.418  3.253   -12.742 1.00 41.28 ? 75  LEU A CD1 1 
ATOM   397  C CD2 . LEU A 1 87  ? -2.038  2.660   -13.122 1.00 36.48 ? 75  LEU A CD2 1 
ATOM   398  N N   . LEU A 1 88  ? -3.455  -0.770  -9.220  1.00 34.38 ? 76  LEU A N   1 
ATOM   399  C CA  . LEU A 1 88  ? -3.254  -1.106  -7.791  1.00 36.28 ? 76  LEU A CA  1 
ATOM   400  C C   . LEU A 1 88  ? -2.314  -2.304  -7.718  1.00 36.62 ? 76  LEU A C   1 
ATOM   401  O O   . LEU A 1 88  ? -1.436  -2.291  -6.878  1.00 36.48 ? 76  LEU A O   1 
ATOM   402  C CB  . LEU A 1 88  ? -4.570  -1.390  -7.097  1.00 35.97 ? 76  LEU A CB  1 
ATOM   403  C CG  . LEU A 1 88  ? -4.428  -1.721  -5.611  1.00 35.89 ? 76  LEU A CG  1 
ATOM   404  C CD1 . LEU A 1 88  ? -3.632  -0.626  -4.909  1.00 34.84 ? 76  LEU A CD1 1 
ATOM   405  C CD2 . LEU A 1 88  ? -5.800  -1.869  -4.982  1.00 36.78 ? 76  LEU A CD2 1 
ATOM   406  N N   . ASP A 1 89  ? -2.464  -3.265  -8.623  1.00 39.66 ? 77  ASP A N   1 
ATOM   407  C CA  . ASP A 1 89  ? -1.727  -4.552  -8.573  1.00 38.96 ? 77  ASP A CA  1 
ATOM   408  C C   . ASP A 1 89  ? -0.226  -4.296  -8.757  1.00 35.90 ? 77  ASP A C   1 
ATOM   409  O O   . ASP A 1 89  ? 0.572   -5.001  -8.132  1.00 33.62 ? 77  ASP A O   1 
ATOM   410  C CB  . ASP A 1 89  ? -2.320  -5.542  -9.580  1.00 44.14 ? 77  ASP A CB  1 
ATOM   411  C CG  . ASP A 1 89  ? -1.690  -6.921  -9.490  1.00 46.94 ? 77  ASP A CG  1 
ATOM   412  O OD1 . ASP A 1 89  ? -1.766  -7.550  -8.414  1.00 55.33 ? 77  ASP A OD1 1 
ATOM   413  O OD2 . ASP A 1 89  ? -1.107  -7.348  -10.480 1.00 57.92 ? 77  ASP A OD2 1 
ATOM   414  N N   . ARG A 1 90  ? 0.159   -3.301  -9.558  1.00 37.94 ? 78  ARG A N   1 
ATOM   415  C CA  . ARG A 1 90  ? 1.583   -2.916  -9.760  1.00 37.74 ? 78  ARG A CA  1 
ATOM   416  C C   . ARG A 1 90  ? 2.134   -2.194  -8.526  1.00 34.23 ? 78  ARG A C   1 
ATOM   417  O O   . ARG A 1 90  ? 3.301   -2.409  -8.167  1.00 31.04 ? 78  ARG A O   1 
ATOM   418  C CB  . ARG A 1 90  ? 1.701   -2.020  -10.991 1.00 42.55 ? 78  ARG A CB  1 
ATOM   419  C CG  . ARG A 1 90  ? 1.475   -2.779  -12.286 1.00 50.71 ? 78  ARG A CG  1 
ATOM   420  C CD  . ARG A 1 90  ? 1.123   -1.822  -13.409 1.00 60.10 ? 78  ARG A CD  1 
ATOM   421  N NE  . ARG A 1 90  ? 2.291   -1.066  -13.856 1.00 67.46 ? 78  ARG A NE  1 
ATOM   422  C CZ  . ARG A 1 90  ? 2.803   -1.091  -15.091 1.00 71.76 ? 78  ARG A CZ  1 
ATOM   423  N NH1 . ARG A 1 90  ? 3.871   -0.365  -15.366 1.00 69.78 ? 78  ARG A NH1 1 
ATOM   424  N NH2 . ARG A 1 90  ? 2.248   -1.819  -16.050 1.00 70.51 ? 78  ARG A NH2 1 
ATOM   425  N N   . VAL A 1 91  ? 1.345   -1.328  -7.901  1.00 33.78 ? 79  VAL A N   1 
ATOM   426  C CA  . VAL A 1 91  ? 1.840   -0.543  -6.732  1.00 35.85 ? 79  VAL A CA  1 
ATOM   427  C C   . VAL A 1 91  ? 2.097   -1.536  -5.580  1.00 34.52 ? 79  VAL A C   1 
ATOM   428  O O   . VAL A 1 91  ? 3.243   -1.628  -5.073  1.00 32.94 ? 79  VAL A O   1 
ATOM   429  C CB  . VAL A 1 91  ? 0.861   0.601   -6.393  1.00 38.12 ? 79  VAL A CB  1 
ATOM   430  C CG1 . VAL A 1 91  ? 1.148   1.216   -5.025  1.00 39.88 ? 79  VAL A CG1 1 
ATOM   431  C CG2 . VAL A 1 91  ? 0.872   1.680   -7.484  1.00 36.38 ? 79  VAL A CG2 1 
ATOM   432  N N   . VAL A 1 92  ? 1.126   -2.394  -5.311  1.00 34.19 ? 80  VAL A N   1 
ATOM   433  C CA  . VAL A 1 92  ? 1.198   -3.444  -4.257  1.00 31.85 ? 80  VAL A CA  1 
ATOM   434  C C   . VAL A 1 92  ? 2.419   -4.321  -4.518  1.00 34.58 ? 80  VAL A C   1 
ATOM   435  O O   . VAL A 1 92  ? 3.235   -4.529  -3.589  1.00 28.33 ? 80  VAL A O   1 
ATOM   436  C CB  . VAL A 1 92  ? -0.149  -4.180  -4.263  1.00 38.75 ? 80  VAL A CB  1 
ATOM   437  C CG1 . VAL A 1 92  ? -0.049  -5.584  -3.733  1.00 42.57 ? 80  VAL A CG1 1 
ATOM   438  C CG2 . VAL A 1 92  ? -1.223  -3.377  -3.526  1.00 36.12 ? 80  VAL A CG2 1 
ATOM   439  N N   . ASN A 1 93  ? 2.616   -4.758  -5.771  1.00 34.28 ? 81  ASN A N   1 
ATOM   440  C CA  . ASN A 1 93  ? 3.722   -5.679  -6.138  1.00 31.42 ? 81  ASN A CA  1 
ATOM   441  C C   . ASN A 1 93  ? 5.052   -4.921  -6.097  1.00 34.05 ? 81  ASN A C   1 
ATOM   442  O O   . ASN A 1 93  ? 6.080   -5.531  -5.704  1.00 32.32 ? 81  ASN A O   1 
ATOM   443  C CB  . ASN A 1 93  ? 3.471   -6.351  -7.498  1.00 35.16 ? 81  ASN A CB  1 
ATOM   444  C CG  . ASN A 1 93  ? 2.564   -7.551  -7.320  1.00 39.87 ? 81  ASN A CG  1 
ATOM   445  O OD1 . ASN A 1 93  ? 3.016   -8.586  -6.839  1.00 39.29 ? 81  ASN A OD1 1 
ATOM   446  N ND2 . ASN A 1 93  ? 1.277   -7.387  -7.593  1.00 35.84 ? 81  ASN A ND2 1 
ATOM   447  N N   . GLN A 1 94  ? 5.046   -3.638  -6.443  1.00 33.27 ? 82  GLN A N   1 
ATOM   448  C CA  . GLN A 1 94  ? 6.271   -2.821  -6.317  1.00 36.96 ? 82  GLN A CA  1 
ATOM   449  C C   . GLN A 1 94  ? 6.606   -2.710  -4.822  1.00 33.60 ? 82  GLN A C   1 
ATOM   450  O O   . GLN A 1 94  ? 7.772   -2.904  -4.440  1.00 30.71 ? 82  GLN A O   1 
ATOM   451  C CB  . GLN A 1 94  ? 6.071   -1.485  -7.023  1.00 40.52 ? 82  GLN A CB  1 
ATOM   452  C CG  . GLN A 1 94  ? 7.175   -0.471  -6.754  1.00 45.39 ? 82  GLN A CG  1 
ATOM   453  C CD  . GLN A 1 94  ? 6.820   0.838   -7.420  1.00 53.38 ? 82  GLN A CD  1 
ATOM   454  O OE1 . GLN A 1 94  ? 6.067   0.870   -8.393  1.00 50.11 ? 82  GLN A OE1 1 
ATOM   455  N NE2 . GLN A 1 94  ? 7.321   1.933   -6.872  1.00 51.53 ? 82  GLN A NE2 1 
ATOM   456  N N   . ALA A 1 95  ? 5.619   -2.487  -3.964  1.00 31.39 ? 83  ALA A N   1 
ATOM   457  C CA  . ALA A 1 95  ? 5.893   -2.451  -2.506  1.00 31.37 ? 83  ALA A CA  1 
ATOM   458  C C   . ALA A 1 95  ? 6.420   -3.821  -2.070  1.00 33.61 ? 83  ALA A C   1 
ATOM   459  O O   . ALA A 1 95  ? 7.360   -3.864  -1.239  1.00 31.87 ? 83  ALA A O   1 
ATOM   460  C CB  . ALA A 1 95  ? 4.664   -2.085  -1.727  1.00 31.68 ? 83  ALA A CB  1 
ATOM   461  N N   . ASP A 1 96  ? 5.794   -4.906  -2.559  1.00 32.19 ? 84  ASP A N   1 
ATOM   462  C CA  . ASP A 1 96  ? 6.131   -6.263  -2.070  1.00 31.27 ? 84  ASP A CA  1 
ATOM   463  C C   . ASP A 1 96  ? 7.577   -6.597  -2.480  1.00 31.92 ? 84  ASP A C   1 
ATOM   464  O O   . ASP A 1 96  ? 8.339   -7.071  -1.632  1.00 31.37 ? 84  ASP A O   1 
ATOM   465  C CB  . ASP A 1 96  ? 5.120   -7.296  -2.555  1.00 35.17 ? 84  ASP A CB  1 
ATOM   466  C CG  . ASP A 1 96  ? 5.309   -8.626  -1.851  1.00 37.28 ? 84  ASP A CG  1 
ATOM   467  O OD1 . ASP A 1 96  ? 5.286   -8.645  -0.593  1.00 36.70 ? 84  ASP A OD1 1 
ATOM   468  O OD2 . ASP A 1 96  ? 5.579   -9.593  -2.548  1.00 33.16 ? 84  ASP A OD2 1 
ATOM   469  N N   . MET A 1 97  ? 7.943   -6.339  -3.734  1.00 35.20 ? 85  MET A N   1 
ATOM   470  C CA  . MET A 1 97  ? 9.307   -6.586  -4.263  1.00 41.40 ? 85  MET A CA  1 
ATOM   471  C C   . MET A 1 97  ? 10.334  -5.781  -3.464  1.00 36.26 ? 85  MET A C   1 
ATOM   472  O O   . MET A 1 97  ? 11.410  -6.322  -3.172  1.00 39.34 ? 85  MET A O   1 
ATOM   473  C CB  . MET A 1 97  ? 9.382   -6.212  -5.741  1.00 44.67 ? 85  MET A CB  1 
ATOM   474  C CG  . MET A 1 97  ? 8.630   -7.201  -6.609  1.00 50.42 ? 85  MET A CG  1 
ATOM   475  S SD  . MET A 1 97  ? 8.929   -6.878  -8.362  1.00 74.17 ? 85  MET A SD  1 
ATOM   476  C CE  . MET A 1 97  ? 10.683  -7.251  -8.467  1.00 71.02 ? 85  MET A CE  1 
ATOM   477  N N   . ALA A 1 98  ? 10.032  -4.539  -3.101  1.00 33.85 ? 86  ALA A N   1 
ATOM   478  C CA  . ALA A 1 98  ? 10.981  -3.689  -2.346  1.00 34.94 ? 86  ALA A CA  1 
ATOM   479  C C   . ALA A 1 98  ? 11.124  -4.277  -0.944  1.00 36.05 ? 86  ALA A C   1 
ATOM   480  O O   . ALA A 1 98  ? 12.244  -4.303  -0.397  1.00 34.77 ? 86  ALA A O   1 
ATOM   481  C CB  . ALA A 1 98  ? 10.517  -2.258  -2.313  1.00 36.28 ? 86  ALA A CB  1 
ATOM   482  N N   . LEU A 1 99  ? 10.041  -4.810  -0.393  1.00 34.54 ? 87  LEU A N   1 
ATOM   483  C CA  . LEU A 1 99  ? 10.163  -5.474  0.924   1.00 34.54 ? 87  LEU A CA  1 
ATOM   484  C C   . LEU A 1 99  ? 11.003  -6.753  0.763   1.00 35.19 ? 87  LEU A C   1 
ATOM   485  O O   . LEU A 1 99  ? 11.817  -7.000  1.630   1.00 39.80 ? 87  LEU A O   1 
ATOM   486  C CB  . LEU A 1 99  ? 8.789   -5.777  1.520   1.00 34.96 ? 87  LEU A CB  1 
ATOM   487  C CG  . LEU A 1 99  ? 8.854   -6.250  2.975   1.00 36.82 ? 87  LEU A CG  1 
ATOM   488  C CD1 . LEU A 1 99  ? 9.578   -5.226  3.848   1.00 36.14 ? 87  LEU A CD1 1 
ATOM   489  C CD2 . LEU A 1 99  ? 7.467   -6.548  3.520   1.00 38.09 ? 87  LEU A CD2 1 
ATOM   490  N N   . GLN A 1 100 ? 10.837  -7.519  -0.317  1.00 38.52 ? 88  GLN A N   1 
ATOM   491  C CA  . GLN A 1 100 ? 11.662  -8.747  -0.560  1.00 44.78 ? 88  GLN A CA  1 
ATOM   492  C C   . GLN A 1 100 ? 13.147  -8.383  -0.670  1.00 42.10 ? 88  GLN A C   1 
ATOM   493  O O   . GLN A 1 100 ? 13.955  -9.137  -0.097  1.00 44.06 ? 88  GLN A O   1 
ATOM   494  C CB  . GLN A 1 100 ? 11.187  -9.520  -1.790  1.00 48.96 ? 88  GLN A CB  1 
ATOM   495  C CG  . GLN A 1 100 ? 9.972   -10.383 -1.490  1.00 60.02 ? 88  GLN A CG  1 
ATOM   496  C CD  . GLN A 1 100 ? 9.363   -10.953 -2.746  1.00 67.12 ? 88  GLN A CD  1 
ATOM   497  O OE1 . GLN A 1 100 ? 8.200   -10.702 -3.062  1.00 74.58 ? 88  GLN A OE1 1 
ATOM   498  N NE2 . GLN A 1 100 ? 10.165  -11.705 -3.483  1.00 54.88 ? 88  GLN A NE2 1 
ATOM   499  N N   . THR A 1 101 ? 13.486  -7.254  -1.312  1.00 39.86 ? 89  THR A N   1 
ATOM   500  C CA  . THR A 1 101 ? 14.884  -6.785  -1.500  1.00 44.28 ? 89  THR A CA  1 
ATOM   501  C C   . THR A 1 101 ? 15.537  -6.552  -0.140  1.00 48.14 ? 89  THR A C   1 
ATOM   502  O O   . THR A 1 101 ? 16.671  -7.023  0.064   1.00 47.90 ? 89  THR A O   1 
ATOM   503  C CB  . THR A 1 101 ? 14.928  -5.531  -2.364  1.00 46.28 ? 89  THR A CB  1 
ATOM   504  O OG1 . THR A 1 101 ? 14.328  -5.938  -3.585  1.00 46.36 ? 89  THR A OG1 1 
ATOM   505  C CG2 . THR A 1 101 ? 16.322  -4.999  -2.610  1.00 49.28 ? 89  THR A CG2 1 
ATOM   506  N N   . LEU A 1 102 ? 14.826  -5.893  0.770   1.00 50.47 ? 90  LEU A N   1 
ATOM   507  C CA  . LEU A 1 102 ? 15.274  -5.691  2.173   1.00 51.38 ? 90  LEU A CA  1 
ATOM   508  C C   . LEU A 1 102 ? 15.495  -7.032  2.867   1.00 55.18 ? 90  LEU A C   1 
ATOM   509  O O   . LEU A 1 102 ? 16.528  -7.181  3.538   1.00 58.29 ? 90  LEU A O   1 
ATOM   510  C CB  . LEU A 1 102 ? 14.197  -4.916  2.931   1.00 51.86 ? 90  LEU A CB  1 
ATOM   511  C CG  . LEU A 1 102 ? 14.258  -3.400  2.808   1.00 52.34 ? 90  LEU A CG  1 
ATOM   512  C CD1 . LEU A 1 102 ? 13.337  -2.778  3.853   1.00 47.95 ? 90  LEU A CD1 1 
ATOM   513  C CD2 . LEU A 1 102 ? 15.691  -2.913  2.975   1.00 54.71 ? 90  LEU A CD2 1 
ATOM   514  N N   . ALA A 1 103 ? 14.508  -7.925  2.754   1.00 58.87 ? 91  ALA A N   1 
ATOM   515  C CA  . ALA A 1 103 ? 14.459  -9.254  3.403   1.00 59.20 ? 91  ALA A CA  1 
ATOM   516  C C   . ALA A 1 103 ? 15.699  -10.084 3.035   1.00 61.05 ? 91  ALA A C   1 
ATOM   517  O O   . ALA A 1 103 ? 16.210  -10.813 3.900   1.00 60.71 ? 91  ALA A O   1 
ATOM   518  C CB  . ALA A 1 103 ? 13.180  -9.953  3.012   1.00 55.13 ? 91  ALA A CB  1 
ATOM   519  N N   . GLU A 1 104 ? 16.171  -9.981  1.797   1.00 65.49 ? 92  GLU A N   1 
ATOM   520  C CA  . GLU A 1 104 ? 17.329  -10.763 1.305   1.00 69.17 ? 92  GLU A CA  1 
ATOM   521  C C   . GLU A 1 104 ? 18.651  -10.127 1.758   1.00 70.37 ? 92  GLU A C   1 
ATOM   522  O O   . GLU A 1 104 ? 19.688  -10.677 1.392   1.00 68.86 ? 92  GLU A O   1 
ATOM   523  C CB  . GLU A 1 104 ? 17.283  -10.839 -0.218  1.00 69.83 ? 92  GLU A CB  1 
ATOM   524  C CG  . GLU A 1 104 ? 16.065  -11.558 -0.758  1.00 69.95 ? 92  GLU A CG  1 
ATOM   525  C CD  . GLU A 1 104 ? 15.973  -11.440 -2.268  1.00 72.90 ? 92  GLU A CD  1 
ATOM   526  O OE1 . GLU A 1 104 ? 17.019  -11.595 -2.925  1.00 76.78 ? 92  GLU A OE1 1 
ATOM   527  O OE2 . GLU A 1 104 ? 14.874  -11.162 -2.779  1.00 73.99 ? 92  GLU A OE2 1 
ATOM   528  N N   . ASN A 1 105 ? 18.619  -9.040  2.541   1.00 76.13 ? 93  ASN A N   1 
ATOM   529  C CA  . ASN A 1 105 ? 19.774  -8.123  2.763   1.00 75.44 ? 93  ASN A CA  1 
ATOM   530  C C   . ASN A 1 105 ? 19.779  -7.602  4.211   1.00 67.99 ? 93  ASN A C   1 
ATOM   531  O O   . ASN A 1 105 ? 20.262  -8.358  5.079   1.00 61.13 ? 93  ASN A O   1 
ATOM   532  C CB  . ASN A 1 105 ? 19.738  -6.988  1.734   1.00 73.41 ? 93  ASN A CB  1 
ATOM   533  C CG  . ASN A 1 105 ? 20.119  -7.443  0.337   1.00 76.42 ? 93  ASN A CG  1 
ATOM   534  O OD1 . ASN A 1 105 ? 21.303  -7.539  0.028   1.00 81.23 ? 93  ASN A OD1 1 
ATOM   535  N ND2 . ASN A 1 105 ? 19.146  -7.726  -0.519  1.00 68.14 ? 93  ASN A ND2 1 
ATOM   536  N N   . THR A 1 109 ? 22.051  -3.319  10.883  1.00 77.60 ? 97  THR A N   1 
ATOM   537  C CA  . THR A 1 109 ? 21.764  -1.977  11.467  1.00 67.82 ? 97  THR A CA  1 
ATOM   538  C C   . THR A 1 109 ? 21.162  -2.189  12.869  1.00 65.10 ? 97  THR A C   1 
ATOM   539  O O   . THR A 1 109 ? 21.083  -3.356  13.311  1.00 67.78 ? 97  THR A O   1 
ATOM   540  C CB  . THR A 1 109 ? 20.953  -1.113  10.480  1.00 63.84 ? 97  THR A CB  1 
ATOM   541  O OG1 . THR A 1 109 ? 20.991  0.243   10.921  1.00 66.10 ? 97  THR A OG1 1 
ATOM   542  C CG2 . THR A 1 109 ? 19.511  -1.527  10.288  1.00 58.42 ? 97  THR A CG2 1 
ATOM   543  N N   . ASP A 1 110 ? 20.826  -1.103  13.571  1.00 55.63 ? 98  ASP A N   1 
ATOM   544  C CA  . ASP A 1 110 ? 20.133  -1.165  14.873  1.00 48.40 ? 98  ASP A CA  1 
ATOM   545  C C   . ASP A 1 110 ? 18.669  -1.515  14.579  1.00 45.33 ? 98  ASP A C   1 
ATOM   546  O O   . ASP A 1 110 ? 18.254  -1.385  13.423  1.00 40.42 ? 98  ASP A O   1 
ATOM   547  C CB  . ASP A 1 110 ? 20.378  0.115   15.677  1.00 51.10 ? 98  ASP A CB  1 
ATOM   548  C CG  . ASP A 1 110 ? 19.546  1.335   15.318  1.00 49.13 ? 98  ASP A CG  1 
ATOM   549  O OD1 . ASP A 1 110 ? 18.903  1.345   14.282  1.00 51.42 ? 98  ASP A OD1 1 
ATOM   550  O OD2 . ASP A 1 110 ? 19.596  2.288   16.082  1.00 59.77 ? 98  ASP A OD2 1 
ATOM   551  N N   . ARG A 1 111 ? 17.943  -1.980  15.587  1.00 43.30 ? 99  ARG A N   1 
ATOM   552  C CA  . ARG A 1 111 ? 16.557  -2.518  15.464  1.00 44.66 ? 99  ARG A CA  1 
ATOM   553  C C   . ARG A 1 111 ? 15.606  -1.388  15.049  1.00 39.24 ? 99  ARG A C   1 
ATOM   554  O O   . ARG A 1 111 ? 14.752  -1.617  14.174  1.00 42.01 ? 99  ARG A O   1 
ATOM   555  C CB  . ARG A 1 111 ? 16.147  -3.199  16.773  1.00 44.12 ? 99  ARG A CB  1 
ATOM   556  C CG  . ARG A 1 111 ? 16.183  -2.266  17.968  1.00 47.37 ? 99  ARG A CG  1 
ATOM   557  C CD  . ARG A 1 111 ? 16.120  -2.973  19.309  1.00 47.24 ? 99  ARG A CD  1 
ATOM   558  N NE  . ARG A 1 111 ? 15.594  -2.007  20.260  1.00 50.82 ? 99  ARG A NE  1 
ATOM   559  C CZ  . ARG A 1 111 ? 15.433  -2.226  21.558  1.00 53.99 ? 99  ARG A CZ  1 
ATOM   560  N NH1 . ARG A 1 111 ? 15.782  -3.391  22.084  1.00 49.84 ? 99  ARG A NH1 1 
ATOM   561  N NH2 . ARG A 1 111 ? 14.909  -1.275  22.318  1.00 54.93 ? 99  ARG A NH2 1 
ATOM   562  N N   . GLU A 1 112 ? 15.775  -0.178  15.590  1.00 37.61 ? 100 GLU A N   1 
ATOM   563  C CA  . GLU A 1 112 ? 14.890  0.942   15.212  1.00 38.59 ? 100 GLU A CA  1 
ATOM   564  C C   . GLU A 1 112 ? 15.031  1.225   13.710  1.00 40.13 ? 100 GLU A C   1 
ATOM   565  O O   . GLU A 1 112 ? 14.010  1.434   13.045  1.00 36.46 ? 100 GLU A O   1 
ATOM   566  C CB  . GLU A 1 112 ? 15.186  2.189   16.021  1.00 42.54 ? 100 GLU A CB  1 
ATOM   567  C CG  . GLU A 1 112 ? 14.615  3.409   15.346  1.00 45.94 ? 100 GLU A CG  1 
ATOM   568  C CD  . GLU A 1 112 ? 14.451  4.584   16.266  1.00 48.60 ? 100 GLU A CD  1 
ATOM   569  O OE1 . GLU A 1 112 ? 14.617  4.395   17.478  1.00 58.85 ? 100 GLU A OE1 1 
ATOM   570  O OE2 . GLU A 1 112 ? 14.143  5.666   15.755  1.00 53.08 ? 100 GLU A OE2 1 
ATOM   571  N N   . ASN A 1 113 ? 16.249  1.207   13.179  1.00 36.63 ? 101 ASN A N   1 
ATOM   572  C CA  . ASN A 1 113 ? 16.495  1.524   11.741  1.00 38.25 ? 101 ASN A CA  1 
ATOM   573  C C   . ASN A 1 113 ? 16.042  0.385   10.817  1.00 34.10 ? 101 ASN A C   1 
ATOM   574  O O   . ASN A 1 113 ? 15.671  0.659   9.623   1.00 37.98 ? 101 ASN A O   1 
ATOM   575  C CB  . ASN A 1 113 ? 17.972  1.867   11.496  1.00 42.30 ? 101 ASN A CB  1 
ATOM   576  C CG  . ASN A 1 113 ? 18.134  2.757   10.289  1.00 45.63 ? 101 ASN A CG  1 
ATOM   577  O OD1 . ASN A 1 113 ? 17.624  3.883   10.266  1.00 52.89 ? 101 ASN A OD1 1 
ATOM   578  N ND2 . ASN A 1 113 ? 18.827  2.245   9.284   1.00 47.65 ? 101 ASN A ND2 1 
ATOM   579  N N   . MET A 1 114 ? 16.166  -0.859  11.276  1.00 35.27 ? 102 MET A N   1 
ATOM   580  C CA  . MET A 1 114 ? 15.613  -2.030  10.563  1.00 35.55 ? 102 MET A CA  1 
ATOM   581  C C   . MET A 1 114 ? 14.122  -1.779  10.328  1.00 33.07 ? 102 MET A C   1 
ATOM   582  O O   . MET A 1 114 ? 13.651  -2.007  9.211   1.00 28.97 ? 102 MET A O   1 
ATOM   583  C CB  . MET A 1 114 ? 15.756  -3.316  11.389  1.00 41.62 ? 102 MET A CB  1 
ATOM   584  C CG  . MET A 1 114 ? 14.891  -4.479  10.853  1.00 44.19 ? 102 MET A CG  1 
ATOM   585  S SD  . MET A 1 114 ? 15.286  -6.090  11.611  1.00 49.04 ? 102 MET A SD  1 
ATOM   586  C CE  . MET A 1 114 ? 14.175  -6.087  13.016  1.00 46.21 ? 102 MET A CE  1 
ATOM   587  N N   . TRP A 1 115 ? 13.380  -1.433  11.377  1.00 31.15 ? 103 TRP A N   1 
ATOM   588  C CA  . TRP A 1 115 ? 11.902  -1.284  11.245  1.00 31.10 ? 103 TRP A CA  1 
ATOM   589  C C   . TRP A 1 115 ? 11.595  -0.047  10.407  1.00 30.58 ? 103 TRP A C   1 
ATOM   590  O O   . TRP A 1 115 ? 10.670  -0.114  9.581   1.00 33.07 ? 103 TRP A O   1 
ATOM   591  C CB  . TRP A 1 115 ? 11.203  -1.278  12.606  1.00 30.96 ? 103 TRP A CB  1 
ATOM   592  C CG  . TRP A 1 115 ? 11.228  -2.620  13.260  1.00 31.26 ? 103 TRP A CG  1 
ATOM   593  C CD1 . TRP A 1 115 ? 11.898  -2.952  14.404  1.00 32.62 ? 103 TRP A CD1 1 
ATOM   594  C CD2 . TRP A 1 115 ? 10.494  -3.794  12.866  1.00 30.25 ? 103 TRP A CD2 1 
ATOM   595  N NE1 . TRP A 1 115 ? 11.695  -4.274  14.703  1.00 31.23 ? 103 TRP A NE1 1 
ATOM   596  C CE2 . TRP A 1 115 ? 10.822  -4.812  13.794  1.00 31.74 ? 103 TRP A CE2 1 
ATOM   597  C CE3 . TRP A 1 115 ? 9.629   -4.101  11.815  1.00 29.24 ? 103 TRP A CE3 1 
ATOM   598  C CZ2 . TRP A 1 115 ? 10.304  -6.108  13.704  1.00 29.17 ? 103 TRP A CZ2 1 
ATOM   599  C CZ3 . TRP A 1 115 ? 9.133   -5.385  11.716  1.00 32.10 ? 103 TRP A CZ3 1 
ATOM   600  C CH2 . TRP A 1 115 ? 9.466   -6.380  12.646  1.00 31.32 ? 103 TRP A CH2 1 
ATOM   601  N N   . ARG A 1 116 ? 12.362  1.030   10.586  1.00 29.08 ? 104 ARG A N   1 
ATOM   602  C CA  . ARG A 1 116 ? 12.116  2.305   9.865   1.00 29.62 ? 104 ARG A CA  1 
ATOM   603  C C   . ARG A 1 116 ? 12.252  2.025   8.353   1.00 30.63 ? 104 ARG A C   1 
ATOM   604  O O   . ARG A 1 116 ? 11.383  2.437   7.612   1.00 28.23 ? 104 ARG A O   1 
ATOM   605  C CB  . ARG A 1 116 ? 13.048  3.398   10.417  1.00 31.10 ? 104 ARG A CB  1 
ATOM   606  C CG  . ARG A 1 116 ? 12.988  4.724   9.669   1.00 32.29 ? 104 ARG A CG  1 
ATOM   607  C CD  . ARG A 1 116 ? 13.957  5.772   10.201  1.00 34.03 ? 104 ARG A CD  1 
ATOM   608  N NE  . ARG A 1 116 ? 13.648  6.041   11.592  1.00 39.55 ? 104 ARG A NE  1 
ATOM   609  C CZ  . ARG A 1 116 ? 12.674  6.859   11.992  1.00 42.54 ? 104 ARG A CZ  1 
ATOM   610  N NH1 . ARG A 1 116 ? 11.964  7.540   11.111  1.00 45.25 ? 104 ARG A NH1 1 
ATOM   611  N NH2 . ARG A 1 116 ? 12.441  7.031   13.279  1.00 44.55 ? 104 ARG A NH2 1 
ATOM   612  N N   . THR A 1 117 ? 13.301  1.318   7.922   1.00 29.87 ? 105 THR A N   1 
ATOM   613  C CA  . THR A 1 117 ? 13.560  1.008   6.494   1.00 31.02 ? 105 THR A CA  1 
ATOM   614  C C   . THR A 1 117 ? 12.411  0.177   5.920   1.00 30.55 ? 105 THR A C   1 
ATOM   615  O O   . THR A 1 117 ? 12.095  0.384   4.752   1.00 32.35 ? 105 THR A O   1 
ATOM   616  C CB  . THR A 1 117 ? 14.924  0.315   6.296   1.00 35.71 ? 105 THR A CB  1 
ATOM   617  O OG1 . THR A 1 117 ? 15.952  1.055   6.957   1.00 32.75 ? 105 THR A OG1 1 
ATOM   618  C CG2 . THR A 1 117 ? 15.323  0.242   4.838   1.00 38.75 ? 105 THR A CG2 1 
ATOM   619  N N   . GLY A 1 118 ? 11.865  -0.782  6.676   1.00 30.92 ? 106 GLY A N   1 
ATOM   620  C CA  . GLY A 1 118 ? 10.724  -1.609  6.244   1.00 32.89 ? 106 GLY A CA  1 
ATOM   621  C C   . GLY A 1 118 ? 9.455   -0.773  6.062   1.00 28.80 ? 106 GLY A C   1 
ATOM   622  O O   . GLY A 1 118 ? 8.855   -0.774  4.960   1.00 33.02 ? 106 GLY A O   1 
ATOM   623  N N   . ILE A 1 119 ? 9.079   -0.042  7.088   1.00 27.93 ? 107 ILE A N   1 
ATOM   624  C CA  . ILE A 1 119 ? 7.901   0.882   7.035   1.00 28.22 ? 107 ILE A CA  1 
ATOM   625  C C   . ILE A 1 119 ? 8.090   1.853   5.865   1.00 26.86 ? 107 ILE A C   1 
ATOM   626  O O   . ILE A 1 119 ? 7.085   2.192   5.186   1.00 28.14 ? 107 ILE A O   1 
ATOM   627  C CB  . ILE A 1 119 ? 7.708   1.612   8.379   1.00 26.01 ? 107 ILE A CB  1 
ATOM   628  C CG1 . ILE A 1 119 ? 7.422   0.611   9.515   1.00 27.48 ? 107 ILE A CG1 1 
ATOM   629  C CG2 . ILE A 1 119 ? 6.616   2.677   8.262   1.00 26.24 ? 107 ILE A CG2 1 
ATOM   630  C CD1 . ILE A 1 119 ? 7.438   1.203   10.905  1.00 30.32 ? 107 ILE A CD1 1 
ATOM   631  N N   . ASN A 1 120 ? 9.322   2.326   5.648   1.00 29.42 ? 108 ASN A N   1 
ATOM   632  C CA  . ASN A 1 120 ? 9.636   3.373   4.630   1.00 29.28 ? 108 ASN A CA  1 
ATOM   633  C C   . ASN A 1 120 ? 9.334   2.848   3.219   1.00 30.14 ? 108 ASN A C   1 
ATOM   634  O O   . ASN A 1 120 ? 8.951   3.634   2.350   1.00 28.88 ? 108 ASN A O   1 
ATOM   635  C CB  . ASN A 1 120 ? 11.105  3.802   4.667   1.00 30.24 ? 108 ASN A CB  1 
ATOM   636  C CG  . ASN A 1 120 ? 11.336  5.026   3.802   1.00 32.40 ? 108 ASN A CG  1 
ATOM   637  O OD1 . ASN A 1 120 ? 10.718  6.064   4.028   1.00 33.73 ? 108 ASN A OD1 1 
ATOM   638  N ND2 . ASN A 1 120 ? 12.186  4.904   2.796   1.00 31.19 ? 108 ASN A ND2 1 
ATOM   639  N N   . VAL A 1 121 ? 9.531   1.552   2.982   1.00 29.75 ? 109 VAL A N   1 
ATOM   640  C CA  . VAL A 1 121 ? 9.150   0.927   1.686   1.00 32.42 ? 109 VAL A CA  1 
ATOM   641  C C   . VAL A 1 121 ? 7.686   1.289   1.385   1.00 30.30 ? 109 VAL A C   1 
ATOM   642  O O   . VAL A 1 121 ? 7.362   1.616   0.231   1.00 29.24 ? 109 VAL A O   1 
ATOM   643  C CB  . VAL A 1 121 ? 9.395   -0.595  1.743   1.00 34.33 ? 109 VAL A CB  1 
ATOM   644  C CG1 . VAL A 1 121 ? 8.541   -1.370  0.744   1.00 37.53 ? 109 VAL A CG1 1 
ATOM   645  C CG2 . VAL A 1 121 ? 10.877  -0.886  1.565   1.00 37.81 ? 109 VAL A CG2 1 
ATOM   646  N N   . PHE A 1 122 ? 6.812   1.259   2.381   1.00 30.85 ? 110 PHE A N   1 
ATOM   647  C CA  . PHE A 1 122 ? 5.344   1.470   2.181   1.00 28.25 ? 110 PHE A CA  1 
ATOM   648  C C   . PHE A 1 122 ? 5.030   2.972   2.090   1.00 29.39 ? 110 PHE A C   1 
ATOM   649  O O   . PHE A 1 122 ? 4.239   3.399   1.238   1.00 29.54 ? 110 PHE A O   1 
ATOM   650  C CB  . PHE A 1 122 ? 4.617   0.750   3.313   1.00 27.27 ? 110 PHE A CB  1 
ATOM   651  C CG  . PHE A 1 122 ? 4.703   -0.750  3.157   1.00 29.40 ? 110 PHE A CG  1 
ATOM   652  C CD1 . PHE A 1 122 ? 3.929   -1.405  2.208   1.00 34.15 ? 110 PHE A CD1 1 
ATOM   653  C CD2 . PHE A 1 122 ? 5.583   -1.497  3.898   1.00 30.51 ? 110 PHE A CD2 1 
ATOM   654  C CE1 . PHE A 1 122 ? 4.007   -2.783  2.042   1.00 34.04 ? 110 PHE A CE1 1 
ATOM   655  C CE2 . PHE A 1 122 ? 5.692   -2.867  3.698   1.00 35.31 ? 110 PHE A CE2 1 
ATOM   656  C CZ  . PHE A 1 122 ? 4.884   -3.512  2.795   1.00 30.42 ? 110 PHE A CZ  1 
ATOM   657  N N   . PHE A 1 123 ? 5.688   3.763   2.920   1.00 29.94 ? 111 PHE A N   1 
ATOM   658  C CA  . PHE A 1 123 ? 5.610   5.246   2.886   1.00 31.35 ? 111 PHE A CA  1 
ATOM   659  C C   . PHE A 1 123 ? 6.003   5.747   1.487   1.00 32.69 ? 111 PHE A C   1 
ATOM   660  O O   . PHE A 1 123 ? 5.279   6.526   0.906   1.00 29.88 ? 111 PHE A O   1 
ATOM   661  C CB  . PHE A 1 123 ? 6.512   5.819   3.973   1.00 32.94 ? 111 PHE A CB  1 
ATOM   662  C CG  . PHE A 1 123 ? 6.562   7.326   4.049   1.00 33.70 ? 111 PHE A CG  1 
ATOM   663  C CD1 . PHE A 1 123 ? 5.468   8.054   4.483   1.00 32.49 ? 111 PHE A CD1 1 
ATOM   664  C CD2 . PHE A 1 123 ? 7.727   8.013   3.725   1.00 35.91 ? 111 PHE A CD2 1 
ATOM   665  C CE1 . PHE A 1 123 ? 5.537   9.442   4.576   1.00 34.97 ? 111 PHE A CE1 1 
ATOM   666  C CE2 . PHE A 1 123 ? 7.789   9.403   3.790   1.00 35.51 ? 111 PHE A CE2 1 
ATOM   667  C CZ  . PHE A 1 123 ? 6.692   10.112  4.223   1.00 35.82 ? 111 PHE A CZ  1 
ATOM   668  N N   . GLU A 1 124 ? 7.185   5.365   0.994   1.00 31.78 ? 112 GLU A N   1 
ATOM   669  C CA  . GLU A 1 124 ? 7.692   5.835   -0.319  1.00 34.28 ? 112 GLU A CA  1 
ATOM   670  C C   . GLU A 1 124 ? 6.850   5.254   -1.458  1.00 31.19 ? 112 GLU A C   1 
ATOM   671  O O   . GLU A 1 124 ? 6.513   6.006   -2.398  1.00 29.94 ? 112 GLU A O   1 
ATOM   672  C CB  . GLU A 1 124 ? 9.159   5.424   -0.493  1.00 38.05 ? 112 GLU A CB  1 
ATOM   673  C CG  . GLU A 1 124 ? 10.085  6.283   0.322   1.00 39.70 ? 112 GLU A CG  1 
ATOM   674  C CD  . GLU A 1 124 ? 10.064  7.745   -0.088  1.00 44.88 ? 112 GLU A CD  1 
ATOM   675  O OE1 . GLU A 1 124 ? 9.849   8.005   -1.291  1.00 39.98 ? 112 GLU A OE1 1 
ATOM   676  O OE2 . GLU A 1 124 ? 10.256  8.609   0.801   1.00 42.48 ? 112 GLU A OE2 1 
ATOM   677  N N   . THR A 1 125 ? 6.522   3.963   -1.406  1.00 28.81 ? 113 THR A N   1 
ATOM   678  C CA  . THR A 1 125 ? 5.859   3.306   -2.555  1.00 33.20 ? 113 THR A CA  1 
ATOM   679  C C   . THR A 1 125 ? 4.448   3.874   -2.712  1.00 32.77 ? 113 THR A C   1 
ATOM   680  O O   . THR A 1 125 ? 4.111   4.321   -3.860  1.00 31.52 ? 113 THR A O   1 
ATOM   681  C CB  . THR A 1 125 ? 5.787   1.781   -2.443  1.00 34.89 ? 113 THR A CB  1 
ATOM   682  O OG1 . THR A 1 125 ? 7.108   1.312   -2.217  1.00 30.08 ? 113 THR A OG1 1 
ATOM   683  C CG2 . THR A 1 125 ? 5.235   1.142   -3.697  1.00 39.07 ? 113 THR A CG2 1 
ATOM   684  N N   . PHE A 1 126 ? 3.651   3.867   -1.639  1.00 27.49 ? 114 PHE A N   1 
ATOM   685  C CA  . PHE A 1 126 ? 2.227   4.311   -1.701  1.00 29.22 ? 114 PHE A CA  1 
ATOM   686  C C   . PHE A 1 126 ? 2.241   5.840   -1.845  1.00 30.45 ? 114 PHE A C   1 
ATOM   687  O O   . PHE A 1 126 ? 1.392   6.444   -2.541  1.00 28.14 ? 114 PHE A O   1 
ATOM   688  C CB  . PHE A 1 126 ? 1.422   3.740   -0.521  1.00 30.32 ? 114 PHE A CB  1 
ATOM   689  C CG  . PHE A 1 126 ? 1.087   2.275   -0.698  1.00 32.42 ? 114 PHE A CG  1 
ATOM   690  C CD1 . PHE A 1 126 ? 0.057   1.882   -1.547  1.00 34.02 ? 114 PHE A CD1 1 
ATOM   691  C CD2 . PHE A 1 126 ? 1.830   1.287   -0.086  1.00 33.51 ? 114 PHE A CD2 1 
ATOM   692  C CE1 . PHE A 1 126 ? -0.242  0.542   -1.737  1.00 36.09 ? 114 PHE A CE1 1 
ATOM   693  C CE2 . PHE A 1 126 ? 1.558   -0.059  -0.315  1.00 36.91 ? 114 PHE A CE2 1 
ATOM   694  C CZ  . PHE A 1 126 ? 0.518   -0.432  -1.129  1.00 32.54 ? 114 PHE A CZ  1 
ATOM   695  N N   . GLY A 1 127 ? 3.169   6.482   -1.150  1.00 33.85 ? 115 GLY A N   1 
ATOM   696  C CA  . GLY A 1 127 ? 3.278   7.957   -1.117  1.00 33.62 ? 115 GLY A CA  1 
ATOM   697  C C   . GLY A 1 127 ? 3.632   8.509   -2.488  1.00 32.06 ? 115 GLY A C   1 
ATOM   698  O O   . GLY A 1 127 ? 3.373   9.653   -2.726  1.00 33.62 ? 115 GLY A O   1 
ATOM   699  N N   . SER A 1 128 ? 4.209   7.701   -3.363  1.00 39.71 ? 116 SER A N   1 
ATOM   700  C CA  . SER A 1 128 ? 4.571   8.078   -4.758  1.00 40.59 ? 116 SER A CA  1 
ATOM   701  C C   . SER A 1 128 ? 3.391   7.868   -5.689  1.00 37.50 ? 116 SER A C   1 
ATOM   702  O O   . SER A 1 128 ? 3.514   8.290   -6.828  1.00 39.33 ? 116 SER A O   1 
ATOM   703  C CB  . SER A 1 128 ? 5.750   7.300   -5.235  1.00 37.03 ? 116 SER A CB  1 
ATOM   704  O OG  . SER A 1 128 ? 6.853   7.685   -4.465  1.00 43.44 ? 116 SER A OG  1 
ATOM   705  N N   . HIS A 1 129 ? 2.347   7.172   -5.239  1.00 38.51 ? 117 HIS A N   1 
ATOM   706  C CA  . HIS A 1 129 ? 1.177   6.768   -6.060  1.00 38.16 ? 117 HIS A CA  1 
ATOM   707  C C   . HIS A 1 129 ? -0.086  7.066   -5.259  1.00 37.07 ? 117 HIS A C   1 
ATOM   708  O O   . HIS A 1 129 ? -0.864  6.151   -5.034  1.00 36.95 ? 117 HIS A O   1 
ATOM   709  C CB  . HIS A 1 129 ? 1.280   5.296   -6.483  1.00 37.22 ? 117 HIS A CB  1 
ATOM   710  C CG  . HIS A 1 129 ? 2.480   5.020   -7.317  1.00 36.80 ? 117 HIS A CG  1 
ATOM   711  N ND1 . HIS A 1 129 ? 2.510   5.293   -8.679  1.00 39.81 ? 117 HIS A ND1 1 
ATOM   712  C CD2 . HIS A 1 129 ? 3.710   4.562   -6.994  1.00 38.78 ? 117 HIS A CD2 1 
ATOM   713  C CE1 . HIS A 1 129 ? 3.716   5.006   -9.157  1.00 39.45 ? 117 HIS A CE1 1 
ATOM   714  N NE2 . HIS A 1 129 ? 4.468   4.543   -8.147  1.00 40.01 ? 117 HIS A NE2 1 
ATOM   715  N N   . LYS A 1 130 ? -0.255  8.312   -4.832  1.00 34.14 ? 118 LYS A N   1 
ATOM   716  C CA  . LYS A 1 130 ? -1.319  8.679   -3.873  1.00 35.99 ? 118 LYS A CA  1 
ATOM   717  C C   . LYS A 1 130 ? -2.698  8.513   -4.504  1.00 37.70 ? 118 LYS A C   1 
ATOM   718  O O   . LYS A 1 130 ? -3.610  8.069   -3.793  1.00 37.44 ? 118 LYS A O   1 
ATOM   719  C CB  . LYS A 1 130 ? -1.128  10.112  -3.375  1.00 36.86 ? 118 LYS A CB  1 
ATOM   720  C CG  . LYS A 1 130 ? 0.145   10.307  -2.561  1.00 38.75 ? 118 LYS A CG  1 
ATOM   721  C CD  . LYS A 1 130 ? 0.269   11.697  -2.021  1.00 39.58 ? 118 LYS A CD  1 
ATOM   722  C CE  . LYS A 1 130 ? 0.999   11.737  -0.705  1.00 44.65 ? 118 LYS A CE  1 
ATOM   723  N NZ  . LYS A 1 130 ? 2.241   12.524  -0.789  1.00 47.49 ? 118 LYS A NZ  1 
ATOM   724  N N   . ALA A 1 131 ? -2.851  8.894   -5.771  1.00 35.05 ? 119 ALA A N   1 
ATOM   725  C CA  . ALA A 1 131 ? -4.147  8.844   -6.470  1.00 33.82 ? 119 ALA A CA  1 
ATOM   726  C C   . ALA A 1 131 ? -4.536  7.372   -6.635  1.00 31.86 ? 119 ALA A C   1 
ATOM   727  O O   . ALA A 1 131 ? -5.721  7.024   -6.417  1.00 33.10 ? 119 ALA A O   1 
ATOM   728  C CB  . ALA A 1 131 ? -4.048  9.584   -7.793  1.00 38.78 ? 119 ALA A CB  1 
ATOM   729  N N   . VAL A 1 132 ? -3.581  6.507   -6.954  1.00 31.75 ? 120 VAL A N   1 
ATOM   730  C CA  . VAL A 1 132 ? -3.892  5.059   -7.072  1.00 31.81 ? 120 VAL A CA  1 
ATOM   731  C C   . VAL A 1 132 ? -4.180  4.506   -5.668  1.00 36.85 ? 120 VAL A C   1 
ATOM   732  O O   . VAL A 1 132 ? -5.158  3.746   -5.548  1.00 39.16 ? 120 VAL A O   1 
ATOM   733  C CB  . VAL A 1 132 ? -2.796  4.260   -7.784  1.00 34.06 ? 120 VAL A CB  1 
ATOM   734  C CG1 . VAL A 1 132 ? -3.106  2.772   -7.735  1.00 34.12 ? 120 VAL A CG1 1 
ATOM   735  C CG2 . VAL A 1 132 ? -2.589  4.721   -9.234  1.00 35.07 ? 120 VAL A CG2 1 
ATOM   736  N N   . THR A 1 133 ? -3.408  4.894   -4.636  1.00 38.05 ? 121 THR A N   1 
ATOM   737  C CA  . THR A 1 133 ? -3.661  4.494   -3.210  1.00 33.92 ? 121 THR A CA  1 
ATOM   738  C C   . THR A 1 133 ? -5.107  4.849   -2.846  1.00 35.85 ? 121 THR A C   1 
ATOM   739  O O   . THR A 1 133 ? -5.873  3.947   -2.454  1.00 33.67 ? 121 THR A O   1 
ATOM   740  C CB  . THR A 1 133 ? -2.645  5.158   -2.286  1.00 33.60 ? 121 THR A CB  1 
ATOM   741  O OG1 . THR A 1 133 ? -1.387  4.605   -2.665  1.00 33.97 ? 121 THR A OG1 1 
ATOM   742  C CG2 . THR A 1 133 ? -2.892  4.916   -0.810  1.00 34.88 ? 121 THR A CG2 1 
ATOM   743  N N   . ARG A 1 134 ? -5.480  6.110   -3.049  1.00 36.93 ? 122 ARG A N   1 
ATOM   744  C CA  . ARG A 1 134 ? -6.804  6.663   -2.667  1.00 39.93 ? 122 ARG A CA  1 
ATOM   745  C C   . ARG A 1 134 ? -7.899  5.896   -3.420  1.00 37.53 ? 122 ARG A C   1 
ATOM   746  O O   . ARG A 1 134 ? -8.749  5.273   -2.787  1.00 43.53 ? 122 ARG A O   1 
ATOM   747  C CB  . ARG A 1 134 ? -6.809  8.161   -2.964  1.00 44.56 ? 122 ARG A CB  1 
ATOM   748  C CG  . ARG A 1 134 ? -8.167  8.838   -2.812  1.00 52.05 ? 122 ARG A CG  1 
ATOM   749  C CD  . ARG A 1 134 ? -8.168  10.228  -3.447  1.00 62.44 ? 122 ARG A CD  1 
ATOM   750  N NE  . ARG A 1 134 ? -7.647  10.250  -4.824  1.00 72.94 ? 122 ARG A NE  1 
ATOM   751  C CZ  . ARG A 1 134 ? -8.354  10.049  -5.948  1.00 75.80 ? 122 ARG A CZ  1 
ATOM   752  N NH1 . ARG A 1 134 ? -9.650  9.807   -5.914  1.00 83.26 ? 122 ARG A NH1 1 
ATOM   753  N NH2 . ARG A 1 134 ? -7.759  10.096  -7.123  1.00 77.39 ? 122 ARG A NH2 1 
ATOM   754  N N   . ALA A 1 135 ? -7.828  5.878   -4.746  1.00 38.99 ? 123 ALA A N   1 
ATOM   755  C CA  . ALA A 1 135 ? -8.810  5.206   -5.619  1.00 36.40 ? 123 ALA A CA  1 
ATOM   756  C C   . ALA A 1 135 ? -8.916  3.716   -5.280  1.00 34.94 ? 123 ALA A C   1 
ATOM   757  O O   . ALA A 1 135 ? -10.052 3.189   -5.191  1.00 41.13 ? 123 ALA A O   1 
ATOM   758  C CB  . ALA A 1 135 ? -8.426  5.431   -7.062  1.00 38.68 ? 123 ALA A CB  1 
ATOM   759  N N   . GLY A 1 136 ? -7.779  3.043   -5.137  1.00 34.66 ? 124 GLY A N   1 
ATOM   760  C CA  . GLY A 1 136 ? -7.694  1.612   -4.789  1.00 33.09 ? 124 GLY A CA  1 
ATOM   761  C C   . GLY A 1 136 ? -8.334  1.299   -3.457  1.00 37.31 ? 124 GLY A C   1 
ATOM   762  O O   . GLY A 1 136 ? -9.032  0.259   -3.364  1.00 41.94 ? 124 GLY A O   1 
ATOM   763  N N   . GLN A 1 137 ? -8.155  2.171   -2.464  1.00 39.13 ? 125 GLN A N   1 
ATOM   764  C CA  . GLN A 1 137 ? -8.753  1.972   -1.115  1.00 42.23 ? 125 GLN A CA  1 
ATOM   765  C C   . GLN A 1 137 ? -10.264 2.147   -1.216  1.00 43.53 ? 125 GLN A C   1 
ATOM   766  O O   . GLN A 1 137 ? -10.986 1.352   -0.627  1.00 43.20 ? 125 GLN A O   1 
ATOM   767  C CB  . GLN A 1 137 ? -8.153  2.932   -0.086  1.00 44.40 ? 125 GLN A CB  1 
ATOM   768  C CG  . GLN A 1 137 ? -6.722  2.568   0.294   1.00 50.98 ? 125 GLN A CG  1 
ATOM   769  C CD  . GLN A 1 137 ? -6.530  1.108   0.651   1.00 59.42 ? 125 GLN A CD  1 
ATOM   770  O OE1 . GLN A 1 137 ? -6.948  0.667   1.723   1.00 55.71 ? 125 GLN A OE1 1 
ATOM   771  N NE2 . GLN A 1 137 ? -5.883  0.351   -0.241  1.00 52.68 ? 125 GLN A NE2 1 
ATOM   772  N N   . ALA A 1 138 ? -10.717 3.135   -1.975  1.00 44.67 ? 126 ALA A N   1 
ATOM   773  C CA  . ALA A 1 138 ? -12.152 3.428   -2.124  1.00 43.09 ? 126 ALA A CA  1 
ATOM   774  C C   . ALA A 1 138 ? -12.809 2.255   -2.854  1.00 46.37 ? 126 ALA A C   1 
ATOM   775  O O   . ALA A 1 138 ? -13.944 1.910   -2.499  1.00 47.90 ? 126 ALA A O   1 
ATOM   776  C CB  . ALA A 1 138 ? -12.336 4.745   -2.823  1.00 42.08 ? 126 ALA A CB  1 
ATOM   777  N N   . ALA A 1 139 ? -12.104 1.591   -3.777  1.00 43.26 ? 127 ALA A N   1 
ATOM   778  C CA  . ALA A 1 139 ? -12.705 0.490   -4.566  1.00 41.46 ? 127 ALA A CA  1 
ATOM   779  C C   . ALA A 1 139 ? -12.868 -0.768  -3.713  1.00 42.26 ? 127 ALA A C   1 
ATOM   780  O O   . ALA A 1 139 ? -13.653 -1.620  -4.095  1.00 41.18 ? 127 ALA A O   1 
ATOM   781  C CB  . ALA A 1 139 ? -11.920 0.215   -5.803  1.00 34.46 ? 127 ALA A CB  1 
ATOM   782  N N   . ARG A 1 140 ? -12.207 -0.870  -2.564  1.00 43.81 ? 128 ARG A N   1 
ATOM   783  C CA  . ARG A 1 140 ? -12.399 -2.041  -1.664  1.00 45.55 ? 128 ARG A CA  1 
ATOM   784  C C   . ARG A 1 140 ? -13.888 -2.220  -1.353  1.00 45.79 ? 128 ARG A C   1 
ATOM   785  O O   . ARG A 1 140 ? -14.318 -3.362  -1.285  1.00 50.77 ? 128 ARG A O   1 
ATOM   786  C CB  . ARG A 1 140 ? -11.563 -1.909  -0.395  1.00 41.86 ? 128 ARG A CB  1 
ATOM   787  C CG  . ARG A 1 140 ? -10.066 -2.010  -0.669  1.00 43.92 ? 128 ARG A CG  1 
ATOM   788  C CD  . ARG A 1 140 ? -9.256  -1.644  0.550   1.00 45.53 ? 128 ARG A CD  1 
ATOM   789  N NE  . ARG A 1 140 ? -9.522  -2.658  1.544   1.00 44.47 ? 128 ARG A NE  1 
ATOM   790  C CZ  . ARG A 1 140 ? -9.063  -2.650  2.782   1.00 52.76 ? 128 ARG A CZ  1 
ATOM   791  N NH1 . ARG A 1 140 ? -8.292  -1.670  3.221   1.00 52.19 ? 128 ARG A NH1 1 
ATOM   792  N NH2 . ARG A 1 140 ? -9.370  -3.655  3.577   1.00 47.38 ? 128 ARG A NH2 1 
ATOM   793  N N   . ALA A 1 141 ? -14.647 -1.138  -1.211  1.00 46.86 ? 129 ALA A N   1 
ATOM   794  C CA  . ALA A 1 141 ? -16.099 -1.173  -0.905  1.00 49.48 ? 129 ALA A CA  1 
ATOM   795  C C   . ALA A 1 141 ? -16.880 -1.838  -2.053  1.00 49.13 ? 129 ALA A C   1 
ATOM   796  O O   . ALA A 1 141 ? -17.809 -2.580  -1.747  1.00 48.73 ? 129 ALA A O   1 
ATOM   797  C CB  . ALA A 1 141 ? -16.605 0.218   -0.601  1.00 42.38 ? 129 ALA A CB  1 
ATOM   798  N N   . THR A 1 142 ? -16.491 -1.622  -3.312  1.00 54.01 ? 130 THR A N   1 
ATOM   799  C CA  . THR A 1 142 ? -17.313 -1.919  -4.523  1.00 51.46 ? 130 THR A CA  1 
ATOM   800  C C   . THR A 1 142 ? -16.706 -3.038  -5.377  1.00 51.40 ? 130 THR A C   1 
ATOM   801  O O   . THR A 1 142 ? -17.456 -3.600  -6.161  1.00 53.61 ? 130 THR A O   1 
ATOM   802  C CB  . THR A 1 142 ? -17.536 -0.632  -5.324  1.00 53.38 ? 130 THR A CB  1 
ATOM   803  O OG1 . THR A 1 142 ? -16.290 -0.085  -5.747  1.00 50.22 ? 130 THR A OG1 1 
ATOM   804  C CG2 . THR A 1 142 ? -18.227 0.433   -4.503  1.00 54.20 ? 130 THR A CG2 1 
ATOM   805  N N   . SER A 1 143 ? -15.420 -3.372  -5.244  1.00 47.98 ? 131 SER A N   1 
ATOM   806  C CA  . SER A 1 143 ? -14.780 -4.439  -6.047  1.00 46.61 ? 131 SER A CA  1 
ATOM   807  C C   . SER A 1 143 ? -14.264 -5.557  -5.136  1.00 52.70 ? 131 SER A C   1 
ATOM   808  O O   . SER A 1 143 ? -13.380 -5.309  -4.276  1.00 52.91 ? 131 SER A O   1 
ATOM   809  C CB  . SER A 1 143 ? -13.681 -3.917  -6.924  1.00 46.39 ? 131 SER A CB  1 
ATOM   810  O OG  . SER A 1 143 ? -12.820 -4.989  -7.321  1.00 48.39 ? 131 SER A OG  1 
ATOM   811  N N   . VAL A 1 144 ? -14.782 -6.763  -5.356  1.00 50.19 ? 132 VAL A N   1 
ATOM   812  C CA  . VAL A 1 144 ? -14.337 -7.996  -4.671  1.00 45.32 ? 132 VAL A CA  1 
ATOM   813  C C   . VAL A 1 144 ? -12.888 -8.267  -5.075  1.00 45.54 ? 132 VAL A C   1 
ATOM   814  O O   . VAL A 1 144 ? -12.137 -8.786  -4.261  1.00 41.57 ? 132 VAL A O   1 
ATOM   815  C CB  . VAL A 1 144 ? -15.252 -9.174  -5.054  1.00 52.57 ? 132 VAL A CB  1 
ATOM   816  C CG1 . VAL A 1 144 ? -14.689 -10.503 -4.561  1.00 52.20 ? 132 VAL A CG1 1 
ATOM   817  C CG2 . VAL A 1 144 ? -16.678 -8.963  -4.561  1.00 47.93 ? 132 VAL A CG2 1 
ATOM   818  N N   . GLU A 1 145 ? -12.513 -8.002  -6.322  1.00 44.98 ? 133 GLU A N   1 
ATOM   819  C CA  . GLU A 1 145 ? -11.126 -8.273  -6.787  1.00 45.87 ? 133 GLU A CA  1 
ATOM   820  C C   . GLU A 1 145 ? -10.164 -7.302  -6.081  1.00 40.31 ? 133 GLU A C   1 
ATOM   821  O O   . GLU A 1 145 ? -9.062  -7.727  -5.672  1.00 36.75 ? 133 GLU A O   1 
ATOM   822  C CB  . GLU A 1 145 ? -11.054 -8.170  -8.306  1.00 48.66 ? 133 GLU A CB  1 
ATOM   823  C CG  . GLU A 1 145 ? -11.971 -9.143  -9.019  1.00 56.67 ? 133 GLU A CG  1 
ATOM   824  C CD  . GLU A 1 145 ? -12.049 -8.900  -10.518 1.00 69.45 ? 133 GLU A CD  1 
ATOM   825  O OE1 . GLU A 1 145 ? -13.046 -8.278  -10.961 1.00 77.60 ? 133 GLU A OE1 1 
ATOM   826  O OE2 . GLU A 1 145 ? -11.107 -9.319  -11.239 1.00 66.76 ? 133 GLU A OE2 1 
ATOM   827  N N   . VAL A 1 146 ? -10.546 -6.032  -5.938  1.00 39.43 ? 134 VAL A N   1 
ATOM   828  C CA  . VAL A 1 146 ? -9.690  -5.051  -5.209  1.00 38.53 ? 134 VAL A CA  1 
ATOM   829  C C   . VAL A 1 146 ? -9.628  -5.464  -3.727  1.00 39.91 ? 134 VAL A C   1 
ATOM   830  O O   . VAL A 1 146 ? -8.524  -5.504  -3.188  1.00 38.10 ? 134 VAL A O   1 
ATOM   831  C CB  . VAL A 1 146 ? -10.194 -3.611  -5.376  1.00 38.37 ? 134 VAL A CB  1 
ATOM   832  C CG1 . VAL A 1 146 ? -9.495  -2.656  -4.404  1.00 36.61 ? 134 VAL A CG1 1 
ATOM   833  C CG2 . VAL A 1 146 ? -10.047 -3.142  -6.830  1.00 38.50 ? 134 VAL A CG2 1 
ATOM   834  N N   . ALA A 1 147 ? -10.759 -5.802  -3.106  1.00 39.47 ? 135 ALA A N   1 
ATOM   835  C CA  . ALA A 1 147 ? -10.811 -6.285  -1.696  1.00 42.38 ? 135 ALA A CA  1 
ATOM   836  C C   . ALA A 1 147 ? -9.896  -7.500  -1.549  1.00 42.44 ? 135 ALA A C   1 
ATOM   837  O O   . ALA A 1 147 ? -9.136  -7.549  -0.580  1.00 39.68 ? 135 ALA A O   1 
ATOM   838  C CB  . ALA A 1 147 ? -12.229 -6.601  -1.275  1.00 41.08 ? 135 ALA A CB  1 
ATOM   839  N N   . GLU A 1 148 ? -9.920  -8.438  -2.495  1.00 37.54 ? 136 GLU A N   1 
ATOM   840  C CA  . GLU A 1 148 ? -9.196  -9.716  -2.307  1.00 40.00 ? 136 GLU A CA  1 
ATOM   841  C C   . GLU A 1 148 ? -7.705  -9.486  -2.557  1.00 35.01 ? 136 GLU A C   1 
ATOM   842  O O   . GLU A 1 148 ? -6.913  -10.135 -1.896  1.00 35.14 ? 136 GLU A O   1 
ATOM   843  C CB  . GLU A 1 148 ? -9.839  -10.830 -3.136  1.00 44.72 ? 136 GLU A CB  1 
ATOM   844  C CG  . GLU A 1 148 ? -11.164 -11.256 -2.519  1.00 51.15 ? 136 GLU A CG  1 
ATOM   845  C CD  . GLU A 1 148 ? -11.904 -12.366 -3.253  1.00 62.19 ? 136 GLU A CD  1 
ATOM   846  O OE1 . GLU A 1 148 ? -11.543 -12.635 -4.414  1.00 62.96 ? 136 GLU A OE1 1 
ATOM   847  O OE2 . GLU A 1 148 ? -12.845 -12.958 -2.668  1.00 65.52 ? 136 GLU A OE2 1 
ATOM   848  N N   . LEU A 1 149 ? -7.349  -8.582  -3.461  1.00 37.08 ? 137 LEU A N   1 
ATOM   849  C CA  . LEU A 1 149 ? -5.934  -8.219  -3.728  1.00 37.23 ? 137 LEU A CA  1 
ATOM   850  C C   . LEU A 1 149 ? -5.346  -7.603  -2.455  1.00 33.26 ? 137 LEU A C   1 
ATOM   851  O O   . LEU A 1 149 ? -4.255  -7.997  -2.030  1.00 33.45 ? 137 LEU A O   1 
ATOM   852  C CB  . LEU A 1 149 ? -5.878  -7.247  -4.915  1.00 36.33 ? 137 LEU A CB  1 
ATOM   853  C CG  . LEU A 1 149 ? -4.497  -6.684  -5.217  1.00 40.67 ? 137 LEU A CG  1 
ATOM   854  C CD1 . LEU A 1 149 ? -3.518  -7.783  -5.596  1.00 41.52 ? 137 LEU A CD1 1 
ATOM   855  C CD2 . LEU A 1 149 ? -4.573  -5.635  -6.313  1.00 44.19 ? 137 LEU A CD2 1 
ATOM   856  N N   . TRP A 1 150 ? -6.061  -6.662  -1.871  1.00 33.44 ? 138 TRP A N   1 
ATOM   857  C CA  . TRP A 1 150 ? -5.613  -5.927  -0.669  1.00 36.25 ? 138 TRP A CA  1 
ATOM   858  C C   . TRP A 1 150 ? -5.421  -6.924  0.483   1.00 32.95 ? 138 TRP A C   1 
ATOM   859  O O   . TRP A 1 150 ? -4.324  -7.005  1.083   1.00 29.91 ? 138 TRP A O   1 
ATOM   860  C CB  . TRP A 1 150 ? -6.605  -4.805  -0.344  1.00 36.73 ? 138 TRP A CB  1 
ATOM   861  C CG  . TRP A 1 150 ? -5.954  -3.911  0.645   1.00 44.89 ? 138 TRP A CG  1 
ATOM   862  C CD1 . TRP A 1 150 ? -6.142  -3.862  2.000   1.00 44.72 ? 138 TRP A CD1 1 
ATOM   863  C CD2 . TRP A 1 150 ? -4.844  -3.048  0.350   1.00 43.80 ? 138 TRP A CD2 1 
ATOM   864  N NE1 . TRP A 1 150 ? -5.264  -2.963  2.556   1.00 45.18 ? 138 TRP A NE1 1 
ATOM   865  C CE2 . TRP A 1 150 ? -4.441  -2.469  1.569   1.00 44.63 ? 138 TRP A CE2 1 
ATOM   866  C CE3 . TRP A 1 150 ? -4.192  -2.687  -0.827  1.00 43.21 ? 138 TRP A CE3 1 
ATOM   867  C CZ2 . TRP A 1 150 ? -3.404  -1.543  1.627   1.00 44.90 ? 138 TRP A CZ2 1 
ATOM   868  C CZ3 . TRP A 1 150 ? -3.168  -1.773  -0.767  1.00 42.39 ? 138 TRP A CZ3 1 
ATOM   869  C CH2 . TRP A 1 150 ? -2.793  -1.203  0.443   1.00 43.35 ? 138 TRP A CH2 1 
ATOM   870  N N   . SER A 1 151 ? -6.419  -7.763  0.708   1.00 33.62 ? 139 SER A N   1 
ATOM   871  C CA  . SER A 1 151 ? -6.420  -8.811  1.769   1.00 35.50 ? 139 SER A CA  1 
ATOM   872  C C   . SER A 1 151 ? -5.206  -9.746  1.612   1.00 29.95 ? 139 SER A C   1 
ATOM   873  O O   . SER A 1 151 ? -4.541  -10.049 2.603   1.00 32.29 ? 139 SER A O   1 
ATOM   874  C CB  . SER A 1 151 ? -7.740  -9.534  1.760   1.00 32.25 ? 139 SER A CB  1 
ATOM   875  O OG  . SER A 1 151 ? -7.701  -10.635 2.649   1.00 40.70 ? 139 SER A OG  1 
ATOM   876  N N   . THR A 1 152 ? -4.902  -10.193 0.400   1.00 29.45 ? 140 THR A N   1 
ATOM   877  C CA  . THR A 1 152 ? -3.801  -11.159 0.129   1.00 30.85 ? 140 THR A CA  1 
ATOM   878  C C   . THR A 1 152 ? -2.469  -10.528 0.548   1.00 27.10 ? 140 THR A C   1 
ATOM   879  O O   . THR A 1 152 ? -1.686  -11.188 1.194   1.00 30.67 ? 140 THR A O   1 
ATOM   880  C CB  . THR A 1 152 ? -3.773  -11.515 -1.371  1.00 35.78 ? 140 THR A CB  1 
ATOM   881  O OG1 . THR A 1 152 ? -4.984  -12.214 -1.644  1.00 39.76 ? 140 THR A OG1 1 
ATOM   882  C CG2 . THR A 1 152 ? -2.606  -12.368 -1.800  1.00 35.55 ? 140 THR A CG2 1 
ATOM   883  N N   . PHE A 1 153 ? -2.175  -9.298  0.115   1.00 26.36 ? 141 PHE A N   1 
ATOM   884  C CA  . PHE A 1 153 ? -0.857  -8.678  0.404   1.00 29.48 ? 141 PHE A CA  1 
ATOM   885  C C   . PHE A 1 153 ? -0.832  -8.298  1.883   1.00 29.94 ? 141 PHE A C   1 
ATOM   886  O O   . PHE A 1 153 ? 0.194   -8.551  2.460   1.00 27.47 ? 141 PHE A O   1 
ATOM   887  C CB  . PHE A 1 153 ? -0.532  -7.563  -0.582  1.00 32.51 ? 141 PHE A CB  1 
ATOM   888  C CG  . PHE A 1 153 ? -0.070  -8.141  -1.891  1.00 32.26 ? 141 PHE A CG  1 
ATOM   889  C CD1 . PHE A 1 153 ? -0.997  -8.523  -2.843  1.00 34.33 ? 141 PHE A CD1 1 
ATOM   890  C CD2 . PHE A 1 153 ? 1.280   -8.388  -2.123  1.00 34.97 ? 141 PHE A CD2 1 
ATOM   891  C CE1 . PHE A 1 153 ? -0.572  -9.106  -4.032  1.00 36.47 ? 141 PHE A CE1 1 
ATOM   892  C CE2 . PHE A 1 153 ? 1.696   -8.952  -3.319  1.00 38.20 ? 141 PHE A CE2 1 
ATOM   893  C CZ  . PHE A 1 153 ? 0.765   -9.348  -4.250  1.00 35.93 ? 141 PHE A CZ  1 
ATOM   894  N N   . MET A 1 154 ? -1.928  -7.822  2.476   1.00 28.61 ? 142 MET A N   1 
ATOM   895  C CA  . MET A 1 154 ? -1.932  -7.521  3.950   1.00 29.66 ? 142 MET A CA  1 
ATOM   896  C C   . MET A 1 154 ? -1.578  -8.803  4.744   1.00 28.65 ? 142 MET A C   1 
ATOM   897  O O   . MET A 1 154 ? -0.714  -8.755  5.684   1.00 30.90 ? 142 MET A O   1 
ATOM   898  C CB  . MET A 1 154 ? -3.285  -6.955  4.398   1.00 30.51 ? 142 MET A CB  1 
ATOM   899  C CG  . MET A 1 154 ? -3.588  -5.550  3.844   1.00 32.37 ? 142 MET A CG  1 
ATOM   900  S SD  . MET A 1 154 ? -2.377  -4.319  4.387   1.00 35.63 ? 142 MET A SD  1 
ATOM   901  C CE  . MET A 1 154 ? -2.820  -4.155  6.130   1.00 29.66 ? 142 MET A CE  1 
ATOM   902  N N   . GLN A 1 155 ? -2.202  -9.936  4.404   1.00 28.67 ? 143 GLN A N   1 
ATOM   903  C CA  . GLN A 1 155 ? -1.897  -11.234 5.047   1.00 29.76 ? 143 GLN A CA  1 
ATOM   904  C C   . GLN A 1 155 ? -0.407  -11.550 4.874   1.00 29.23 ? 143 GLN A C   1 
ATOM   905  O O   . GLN A 1 155 ? 0.210   -11.921 5.846   1.00 28.59 ? 143 GLN A O   1 
ATOM   906  C CB  . GLN A 1 155 ? -2.736  -12.359 4.463   1.00 31.30 ? 143 GLN A CB  1 
ATOM   907  C CG  . GLN A 1 155 ? -4.199  -12.270 4.856   1.00 41.85 ? 143 GLN A CG  1 
ATOM   908  C CD  . GLN A 1 155 ? -4.988  -13.345 4.136   1.00 46.71 ? 143 GLN A CD  1 
ATOM   909  O OE1 . GLN A 1 155 ? -4.572  -14.500 4.101   1.00 55.56 ? 143 GLN A OE1 1 
ATOM   910  N NE2 . GLN A 1 155 ? -6.100  -12.974 3.511   1.00 48.45 ? 143 GLN A NE2 1 
ATOM   911  N N   . LYS A 1 156 ? 0.139   -11.424 3.671   1.00 25.98 ? 144 LYS A N   1 
ATOM   912  C CA  . LYS A 1 156 ? 1.592   -11.624 3.425   1.00 29.26 ? 144 LYS A CA  1 
ATOM   913  C C   . LYS A 1 156 ? 2.461   -10.678 4.287   1.00 27.47 ? 144 LYS A C   1 
ATOM   914  O O   . LYS A 1 156 ? 3.453   -11.113 4.891   1.00 25.64 ? 144 LYS A O   1 
ATOM   915  C CB  . LYS A 1 156 ? 1.838   -11.414 1.932   1.00 32.39 ? 144 LYS A CB  1 
ATOM   916  C CG  . LYS A 1 156 ? 3.244   -11.755 1.513   1.00 36.43 ? 144 LYS A CG  1 
ATOM   917  C CD  . LYS A 1 156 ? 3.498   -11.707 0.022   1.00 42.06 ? 144 LYS A CD  1 
ATOM   918  C CE  . LYS A 1 156 ? 4.915   -12.196 -0.253  1.00 44.33 ? 144 LYS A CE  1 
ATOM   919  N NZ  . LYS A 1 156 ? 5.260   -12.024 -1.683  1.00 45.07 ? 144 LYS A NZ  1 
ATOM   920  N N   . TRP A 1 157 ? 2.136   -9.393  4.348   1.00 26.50 ? 145 TRP A N   1 
ATOM   921  C CA  . TRP A 1 157 ? 2.998   -8.410  5.055   1.00 28.06 ? 145 TRP A CA  1 
ATOM   922  C C   . TRP A 1 157 ? 2.892   -8.588  6.576   1.00 28.06 ? 145 TRP A C   1 
ATOM   923  O O   . TRP A 1 157 ? 3.919   -8.436  7.299   1.00 30.64 ? 145 TRP A O   1 
ATOM   924  C CB  . TRP A 1 157 ? 2.636   -7.004  4.593   1.00 29.92 ? 145 TRP A CB  1 
ATOM   925  C CG  . TRP A 1 157 ? 2.917   -6.811  3.139   1.00 30.64 ? 145 TRP A CG  1 
ATOM   926  C CD1 . TRP A 1 157 ? 3.961   -7.321  2.423   1.00 32.46 ? 145 TRP A CD1 1 
ATOM   927  C CD2 . TRP A 1 157 ? 2.202   -5.950  2.252   1.00 30.21 ? 145 TRP A CD2 1 
ATOM   928  N NE1 . TRP A 1 157 ? 3.905   -6.880  1.127   1.00 32.97 ? 145 TRP A NE1 1 
ATOM   929  C CE2 . TRP A 1 157 ? 2.837   -6.043  0.996   1.00 30.99 ? 145 TRP A CE2 1 
ATOM   930  C CE3 . TRP A 1 157 ? 1.059   -5.157  2.385   1.00 29.90 ? 145 TRP A CE3 1 
ATOM   931  C CZ2 . TRP A 1 157 ? 2.414   -5.305  -0.101  1.00 32.35 ? 145 TRP A CZ2 1 
ATOM   932  C CZ3 . TRP A 1 157 ? 0.630   -4.454  1.288   1.00 30.50 ? 145 TRP A CZ3 1 
ATOM   933  C CH2 . TRP A 1 157 ? 1.290   -4.537  0.067   1.00 31.77 ? 145 TRP A CH2 1 
ATOM   934  N N   . ILE A 1 158 ? 1.723   -9.005  7.048   1.00 27.21 ? 146 ILE A N   1 
ATOM   935  C CA  . ILE A 1 158 ? 1.531   -9.354  8.484   1.00 26.70 ? 146 ILE A CA  1 
ATOM   936  C C   . ILE A 1 158 ? 2.388   -10.591 8.823   1.00 25.35 ? 146 ILE A C   1 
ATOM   937  O O   . ILE A 1 158 ? 3.053   -10.570 9.868   1.00 27.53 ? 146 ILE A O   1 
ATOM   938  C CB  . ILE A 1 158 ? 0.029   -9.532  8.770   1.00 24.93 ? 146 ILE A CB  1 
ATOM   939  C CG1 . ILE A 1 158 ? -0.647  -8.158  8.807   1.00 25.29 ? 146 ILE A CG1 1 
ATOM   940  C CG2 . ILE A 1 158 ? -0.190  -10.299 10.068  1.00 26.11 ? 146 ILE A CG2 1 
ATOM   941  C CD1 . ILE A 1 158 ? -2.156  -8.173  8.740   1.00 27.26 ? 146 ILE A CD1 1 
ATOM   942  N N   . ALA A 1 159 ? 2.358   -11.618 7.973   1.00 28.16 ? 147 ALA A N   1 
ATOM   943  C CA  . ALA A 1 159 ? 3.051   -12.899 8.219   1.00 32.74 ? 147 ALA A CA  1 
ATOM   944  C C   . ALA A 1 159 ? 4.545   -12.576 8.271   1.00 30.47 ? 147 ALA A C   1 
ATOM   945  O O   . ALA A 1 159 ? 5.206   -13.064 9.192   1.00 29.32 ? 147 ALA A O   1 
ATOM   946  C CB  . ALA A 1 159 ? 2.721   -13.935 7.169   1.00 30.61 ? 147 ALA A CB  1 
ATOM   947  N N   . TYR A 1 160 ? 5.040   -11.699 7.387   1.00 29.83 ? 148 TYR A N   1 
ATOM   948  C CA  . TYR A 1 160 ? 6.483   -11.340 7.398   1.00 28.87 ? 148 TYR A CA  1 
ATOM   949  C C   . TYR A 1 160 ? 6.805   -10.519 8.668   1.00 29.05 ? 148 TYR A C   1 
ATOM   950  O O   . TYR A 1 160 ? 7.804   -10.774 9.353   1.00 27.92 ? 148 TYR A O   1 
ATOM   951  C CB  . TYR A 1 160 ? 6.930   -10.665 6.095   1.00 31.29 ? 148 TYR A CB  1 
ATOM   952  C CG  . TYR A 1 160 ? 8.417   -10.443 6.072   1.00 34.89 ? 148 TYR A CG  1 
ATOM   953  C CD1 . TYR A 1 160 ? 9.281   -11.501 6.281   1.00 39.73 ? 148 TYR A CD1 1 
ATOM   954  C CD2 . TYR A 1 160 ? 8.969   -9.185  5.924   1.00 36.17 ? 148 TYR A CD2 1 
ATOM   955  C CE1 . TYR A 1 160 ? 10.653  -11.331 6.304   1.00 39.10 ? 148 TYR A CE1 1 
ATOM   956  C CE2 . TYR A 1 160 ? 10.341  -9.002  5.940   1.00 38.62 ? 148 TYR A CE2 1 
ATOM   957  C CZ  . TYR A 1 160 ? 11.188  -10.072 6.161   1.00 40.53 ? 148 TYR A CZ  1 
ATOM   958  O OH  . TYR A 1 160 ? 12.553  -9.929  6.219   1.00 52.24 ? 148 TYR A OH  1 
ATOM   959  N N   . THR A 1 161 ? 5.980   -9.559  9.038   1.00 27.80 ? 149 THR A N   1 
ATOM   960  C CA  . THR A 1 161 ? 6.170   -8.807  10.315  1.00 26.70 ? 149 THR A CA  1 
ATOM   961  C C   . THR A 1 161 ? 6.277   -9.799  11.480  1.00 26.05 ? 149 THR A C   1 
ATOM   962  O O   . THR A 1 161 ? 7.162   -9.629  12.347  1.00 29.08 ? 149 THR A O   1 
ATOM   963  C CB  . THR A 1 161 ? 5.035   -7.784  10.525  1.00 24.76 ? 149 THR A CB  1 
ATOM   964  O OG1 . THR A 1 161 ? 4.918   -6.934  9.360   1.00 25.47 ? 149 THR A OG1 1 
ATOM   965  C CG2 . THR A 1 161 ? 5.238   -6.970  11.788  1.00 22.88 ? 149 THR A CG2 1 
ATOM   966  N N   . ALA A 1 162 ? 5.355   -10.759 11.561  1.00 30.57 ? 150 ALA A N   1 
ATOM   967  C CA  . ALA A 1 162 ? 5.315   -11.746 12.673  1.00 30.17 ? 150 ALA A CA  1 
ATOM   968  C C   . ALA A 1 162 ? 6.612   -12.573 12.682  1.00 31.87 ? 150 ALA A C   1 
ATOM   969  O O   . ALA A 1 162 ? 7.194   -12.823 13.775  1.00 32.24 ? 150 ALA A O   1 
ATOM   970  C CB  . ALA A 1 162 ? 4.095   -12.605 12.537  1.00 30.30 ? 150 ALA A CB  1 
ATOM   971  N N   . ALA A 1 163 ? 7.072   -12.981 11.504  1.00 31.82 ? 151 ALA A N   1 
ATOM   972  C CA  . ALA A 1 163 ? 8.280   -13.829 11.348  1.00 34.10 ? 151 ALA A CA  1 
ATOM   973  C C   . ALA A 1 163 ? 9.464   -13.036 11.893  1.00 34.87 ? 151 ALA A C   1 
ATOM   974  O O   . ALA A 1 163 ? 10.289  -13.596 12.618  1.00 34.04 ? 151 ALA A O   1 
ATOM   975  C CB  . ALA A 1 163 ? 8.485   -14.214 9.892   1.00 32.45 ? 151 ALA A CB  1 
ATOM   976  N N   . VAL A 1 164 ? 9.530   -11.741 11.588  1.00 34.01 ? 152 VAL A N   1 
ATOM   977  C CA  . VAL A 1 164 ? 10.697  -10.920 12.012  1.00 33.90 ? 152 VAL A CA  1 
ATOM   978  C C   . VAL A 1 164 ? 10.581  -10.681 13.527  1.00 34.22 ? 152 VAL A C   1 
ATOM   979  O O   . VAL A 1 164 ? 11.606  -10.823 14.185  1.00 33.68 ? 152 VAL A O   1 
ATOM   980  C CB  . VAL A 1 164 ? 10.836  -9.640  11.160  1.00 33.72 ? 152 VAL A CB  1 
ATOM   981  C CG1 . VAL A 1 164 ? 11.959  -8.744  11.644  1.00 30.38 ? 152 VAL A CG1 1 
ATOM   982  C CG2 . VAL A 1 164 ? 11.020  -9.999  9.689   1.00 32.69 ? 152 VAL A CG2 1 
ATOM   983  N N   . ILE A 1 165 ? 9.380   -10.441 14.077  1.00 33.91 ? 153 ILE A N   1 
ATOM   984  C CA  . ILE A 1 165 ? 9.167   -10.291 15.554  1.00 32.32 ? 153 ILE A CA  1 
ATOM   985  C C   . ILE A 1 165 ? 9.606   -11.590 16.245  1.00 32.58 ? 153 ILE A C   1 
ATOM   986  O O   . ILE A 1 165 ? 10.326  -11.488 17.240  1.00 37.90 ? 153 ILE A O   1 
ATOM   987  C CB  . ILE A 1 165 ? 7.707   -9.901  15.916  1.00 31.65 ? 153 ILE A CB  1 
ATOM   988  C CG1 . ILE A 1 165 ? 7.353   -8.482  15.441  1.00 29.75 ? 153 ILE A CG1 1 
ATOM   989  C CG2 . ILE A 1 165 ? 7.465   -10.035 17.412  1.00 32.14 ? 153 ILE A CG2 1 
ATOM   990  C CD1 . ILE A 1 165 ? 5.867   -8.171  15.398  1.00 33.48 ? 153 ILE A CD1 1 
ATOM   991  N N   . ASP A 1 166 ? 9.146   -12.744 15.760  1.00 33.57 ? 154 ASP A N   1 
ATOM   992  C CA  . ASP A 1 166 ? 9.554   -14.092 16.256  1.00 39.09 ? 154 ASP A CA  1 
ATOM   993  C C   . ASP A 1 166 ? 11.087  -14.257 16.235  1.00 39.09 ? 154 ASP A C   1 
ATOM   994  O O   . ASP A 1 166 ? 11.658  -14.625 17.277  1.00 41.07 ? 154 ASP A O   1 
ATOM   995  C CB  . ASP A 1 166 ? 8.838   -15.193 15.473  1.00 38.61 ? 154 ASP A CB  1 
ATOM   996  C CG  . ASP A 1 166 ? 7.426   -15.416 15.981  1.00 40.48 ? 154 ASP A CG  1 
ATOM   997  O OD1 . ASP A 1 166 ? 7.151   -15.067 17.139  1.00 44.84 ? 154 ASP A OD1 1 
ATOM   998  O OD2 . ASP A 1 166 ? 6.615   -15.908 15.218  1.00 44.47 ? 154 ASP A OD2 1 
ATOM   999  N N   . ALA A 1 167 ? 11.754  -13.954 15.127  1.00 38.41 ? 155 ALA A N   1 
ATOM   1000 C CA  . ALA A 1 167 ? 13.231  -14.056 15.032  1.00 40.73 ? 155 ALA A CA  1 
ATOM   1001 C C   . ALA A 1 167 ? 13.856  -13.133 16.082  1.00 42.31 ? 155 ALA A C   1 
ATOM   1002 O O   . ALA A 1 167 ? 14.832  -13.529 16.718  1.00 47.28 ? 155 ALA A O   1 
ATOM   1003 C CB  . ALA A 1 167 ? 13.693  -13.724 13.627  1.00 39.64 ? 155 ALA A CB  1 
ATOM   1004 N N   . GLU A 1 168 ? 13.293  -11.942 16.279  1.00 41.01 ? 156 GLU A N   1 
ATOM   1005 C CA  . GLU A 1 168 ? 13.773  -10.977 17.298  1.00 38.40 ? 156 GLU A CA  1 
ATOM   1006 C C   . GLU A 1 168 ? 13.563  -11.573 18.690  1.00 39.24 ? 156 GLU A C   1 
ATOM   1007 O O   . GLU A 1 168 ? 14.367  -11.260 19.613  1.00 41.58 ? 156 GLU A O   1 
ATOM   1008 C CB  . GLU A 1 168 ? 13.051  -9.634  17.171  1.00 39.03 ? 156 GLU A CB  1 
ATOM   1009 C CG  . GLU A 1 168 ? 13.491  -8.796  15.979  1.00 38.71 ? 156 GLU A CG  1 
ATOM   1010 C CD  . GLU A 1 168 ? 14.921  -8.303  16.119  1.00 37.90 ? 156 GLU A CD  1 
ATOM   1011 O OE1 . GLU A 1 168 ? 15.134  -7.172  16.655  1.00 35.91 ? 156 GLU A OE1 1 
ATOM   1012 O OE2 . GLU A 1 168 ? 15.820  -9.101  15.793  1.00 36.50 ? 156 GLU A OE2 1 
ATOM   1013 N N   . ARG A 1 169 ? 12.503  -12.357 18.876  1.00 37.42 ? 157 ARG A N   1 
ATOM   1014 C CA  . ARG A 1 169 ? 12.242  -12.994 20.195  1.00 38.20 ? 157 ARG A CA  1 
ATOM   1015 C C   . ARG A 1 169 ? 13.189  -14.192 20.370  1.00 39.98 ? 157 ARG A C   1 
ATOM   1016 O O   . ARG A 1 169 ? 13.733  -14.316 21.447  1.00 35.17 ? 157 ARG A O   1 
ATOM   1017 C CB  . ARG A 1 169 ? 10.786  -13.412 20.333  1.00 35.91 ? 157 ARG A CB  1 
ATOM   1018 C CG  . ARG A 1 169 ? 9.844   -12.246 20.595  1.00 34.14 ? 157 ARG A CG  1 
ATOM   1019 C CD  . ARG A 1 169 ? 8.398   -12.664 20.434  1.00 31.50 ? 157 ARG A CD  1 
ATOM   1020 N NE  . ARG A 1 169 ? 7.551   -11.517 20.660  1.00 33.12 ? 157 ARG A NE  1 
ATOM   1021 C CZ  . ARG A 1 169 ? 6.224   -11.565 20.852  1.00 33.25 ? 157 ARG A CZ  1 
ATOM   1022 N NH1 . ARG A 1 169 ? 5.555   -10.460 21.083  1.00 31.92 ? 157 ARG A NH1 1 
ATOM   1023 N NH2 . ARG A 1 169 ? 5.570   -12.699 20.798  1.00 32.47 ? 157 ARG A NH2 1 
ATOM   1024 N N   . ASP A 1 170 ? 13.394  -15.004 19.338  1.00 40.32 ? 158 ASP A N   1 
ATOM   1025 C CA  . ASP A 1 170 ? 14.310  -16.180 19.378  1.00 46.53 ? 158 ASP A CA  1 
ATOM   1026 C C   . ASP A 1 170 ? 15.743  -15.742 19.707  1.00 45.70 ? 158 ASP A C   1 
ATOM   1027 O O   . ASP A 1 170 ? 16.380  -16.474 20.449  1.00 54.34 ? 158 ASP A O   1 
ATOM   1028 C CB  . ASP A 1 170 ? 14.279  -16.954 18.064  1.00 49.46 ? 158 ASP A CB  1 
ATOM   1029 C CG  . ASP A 1 170 ? 12.936  -17.620 17.860  1.00 52.71 ? 158 ASP A CG  1 
ATOM   1030 O OD1 . ASP A 1 170 ? 12.197  -17.719 18.882  1.00 53.01 ? 158 ASP A OD1 1 
ATOM   1031 O OD2 . ASP A 1 170 ? 12.612  -17.964 16.685  1.00 48.78 ? 158 ASP A OD2 1 
ATOM   1032 N N   . ARG A 1 171 ? 16.203  -14.586 19.217  1.00 43.63 ? 159 ARG A N   1 
ATOM   1033 C CA  . ARG A 1 171 ? 17.596  -14.094 19.413  1.00 44.63 ? 159 ARG A CA  1 
ATOM   1034 C C   . ARG A 1 171 ? 17.695  -13.371 20.762  1.00 41.40 ? 159 ARG A C   1 
ATOM   1035 O O   . ARG A 1 171 ? 18.784  -12.952 21.097  1.00 43.82 ? 159 ARG A O   1 
ATOM   1036 C CB  . ARG A 1 171 ? 18.074  -13.279 18.199  1.00 46.86 ? 159 ARG A CB  1 
ATOM   1037 C CG  . ARG A 1 171 ? 17.960  -11.765 18.303  1.00 56.82 ? 159 ARG A CG  1 
ATOM   1038 C CD  . ARG A 1 171 ? 18.617  -11.021 17.139  1.00 58.64 ? 159 ARG A CD  1 
ATOM   1039 N NE  . ARG A 1 171 ? 18.102  -9.648  16.970  1.00 62.34 ? 159 ARG A NE  1 
ATOM   1040 C CZ  . ARG A 1 171 ? 18.577  -8.545  17.563  1.00 60.59 ? 159 ARG A CZ  1 
ATOM   1041 N NH1 . ARG A 1 171 ? 19.596  -8.628  18.399  1.00 68.95 ? 159 ARG A NH1 1 
ATOM   1042 N NH2 . ARG A 1 171 ? 18.036  -7.355  17.328  1.00 51.14 ? 159 ARG A NH2 1 
ATOM   1043 N N   . GLY A 1 172 ? 16.612  -13.267 21.534  1.00 40.99 ? 160 GLY A N   1 
ATOM   1044 C CA  . GLY A 1 172 ? 16.621  -12.615 22.864  1.00 39.82 ? 160 GLY A CA  1 
ATOM   1045 C C   . GLY A 1 172 ? 16.508  -11.100 22.796  1.00 40.82 ? 160 GLY A C   1 
ATOM   1046 O O   . GLY A 1 172 ? 16.566  -10.464 23.853  1.00 40.43 ? 160 GLY A O   1 
ATOM   1047 N N   . ALA A 1 173 ? 16.336  -10.502 21.615  1.00 41.94 ? 161 ALA A N   1 
ATOM   1048 C CA  . ALA A 1 173 ? 16.285  -9.027  21.468  1.00 40.77 ? 161 ALA A CA  1 
ATOM   1049 C C   . ALA A 1 173 ? 14.903  -8.482  21.857  1.00 40.52 ? 161 ALA A C   1 
ATOM   1050 O O   . ALA A 1 173 ? 14.878  -7.446  22.461  1.00 45.76 ? 161 ALA A O   1 
ATOM   1051 C CB  . ALA A 1 173 ? 16.666  -8.657  20.073  1.00 42.74 ? 161 ALA A CB  1 
ATOM   1052 N N   . ALA A 1 174 ? 13.805  -9.219  21.657  1.00 39.03 ? 162 ALA A N   1 
ATOM   1053 C CA  . ALA A 1 174 ? 12.418  -8.752  21.938  1.00 36.82 ? 162 ALA A CA  1 
ATOM   1054 C C   . ALA A 1 174 ? 11.756  -9.660  22.973  1.00 37.55 ? 162 ALA A C   1 
ATOM   1055 O O   . ALA A 1 174 ? 11.963  -10.856 22.935  1.00 38.76 ? 162 ALA A O   1 
ATOM   1056 C CB  . ALA A 1 174 ? 11.661  -8.773  20.647  1.00 37.86 ? 162 ALA A CB  1 
ATOM   1057 N N   . PRO A 1 175 ? 10.954  -9.152  23.924  1.00 37.58 ? 163 PRO A N   1 
ATOM   1058 C CA  . PRO A 1 175 ? 10.325  -10.009 24.931  1.00 40.84 ? 163 PRO A CA  1 
ATOM   1059 C C   . PRO A 1 175 ? 9.078   -10.721 24.389  1.00 42.95 ? 163 PRO A C   1 
ATOM   1060 O O   . PRO A 1 175 ? 8.487   -10.222 23.429  1.00 36.54 ? 163 PRO A O   1 
ATOM   1061 C CB  . PRO A 1 175 ? 9.959   -8.993  26.009  1.00 45.86 ? 163 PRO A CB  1 
ATOM   1062 C CG  . PRO A 1 175 ? 9.610   -7.738  25.214  1.00 43.77 ? 163 PRO A CG  1 
ATOM   1063 C CD  . PRO A 1 175 ? 10.630  -7.725  24.098  1.00 42.15 ? 163 PRO A CD  1 
ATOM   1064 N N   . ARG A 1 176 ? 8.741   -11.885 24.954  1.00 36.55 ? 164 ARG A N   1 
ATOM   1065 C CA  . ARG A 1 176 ? 7.585   -12.694 24.503  1.00 40.18 ? 164 ARG A CA  1 
ATOM   1066 C C   . ARG A 1 176 ? 6.349   -12.109 25.178  1.00 38.20 ? 164 ARG A C   1 
ATOM   1067 O O   . ARG A 1 176 ? 6.007   -12.571 26.269  1.00 37.71 ? 164 ARG A O   1 
ATOM   1068 C CB  . ARG A 1 176 ? 7.777   -14.190 24.803  1.00 43.27 ? 164 ARG A CB  1 
ATOM   1069 C CG  . ARG A 1 176 ? 8.867   -14.818 23.946  1.00 51.72 ? 164 ARG A CG  1 
ATOM   1070 C CD  . ARG A 1 176 ? 9.060   -16.328 24.044  1.00 56.91 ? 164 ARG A CD  1 
ATOM   1071 N NE  . ARG A 1 176 ? 10.280  -16.719 23.338  1.00 58.19 ? 164 ARG A NE  1 
ATOM   1072 C CZ  . ARG A 1 176 ? 10.421  -16.858 22.008  1.00 58.07 ? 164 ARG A CZ  1 
ATOM   1073 N NH1 . ARG A 1 176 ? 11.594  -17.204 21.502  1.00 60.33 ? 164 ARG A NH1 1 
ATOM   1074 N NH2 . ARG A 1 176 ? 9.415   -16.653 21.175  1.00 54.05 ? 164 ARG A NH2 1 
ATOM   1075 N N   . THR A 1 177 ? 5.730   -11.114 24.554  1.00 34.10 ? 165 THR A N   1 
ATOM   1076 C CA  . THR A 1 177 ? 4.571   -10.372 25.113  1.00 37.81 ? 165 THR A CA  1 
ATOM   1077 C C   . THR A 1 177 ? 3.328   -10.928 24.419  1.00 34.36 ? 165 THR A C   1 
ATOM   1078 O O   . THR A 1 177 ? 3.076   -12.104 24.571  1.00 34.58 ? 165 THR A O   1 
ATOM   1079 C CB  . THR A 1 177 ? 4.781   -8.850  25.011  1.00 35.17 ? 165 THR A CB  1 
ATOM   1080 O OG1 . THR A 1 177 ? 5.165   -8.541  23.675  1.00 32.60 ? 165 THR A OG1 1 
ATOM   1081 C CG2 . THR A 1 177 ? 5.816   -8.332  25.979  1.00 36.65 ? 165 THR A CG2 1 
ATOM   1082 N N   . LEU A 1 178 ? 2.646   -10.136 23.608  1.00 35.79 ? 166 LEU A N   1 
ATOM   1083 C CA  . LEU A 1 178 ? 1.501   -10.615 22.795  1.00 36.79 ? 166 LEU A CA  1 
ATOM   1084 C C   . LEU A 1 178 ? 1.954   -11.700 21.821  1.00 32.43 ? 166 LEU A C   1 
ATOM   1085 O O   . LEU A 1 178 ? 3.082   -11.680 21.338  1.00 33.30 ? 166 LEU A O   1 
ATOM   1086 C CB  . LEU A 1 178 ? 0.927   -9.466  21.964  1.00 36.48 ? 166 LEU A CB  1 
ATOM   1087 C CG  . LEU A 1 178 ? 0.507   -8.194  22.691  1.00 35.34 ? 166 LEU A CG  1 
ATOM   1088 C CD1 . LEU A 1 178 ? 0.127   -7.149  21.650  1.00 32.95 ? 166 LEU A CD1 1 
ATOM   1089 C CD2 . LEU A 1 178 ? -0.632  -8.464  23.674  1.00 35.29 ? 166 LEU A CD2 1 
ATOM   1090 N N   . PRO A 1 179 ? 1.021   -12.576 21.411  1.00 33.83 ? 167 PRO A N   1 
ATOM   1091 C CA  . PRO A 1 179 ? 1.164   -13.367 20.187  1.00 33.82 ? 167 PRO A CA  1 
ATOM   1092 C C   . PRO A 1 179 ? 1.644   -12.468 19.029  1.00 35.66 ? 167 PRO A C   1 
ATOM   1093 O O   . PRO A 1 179 ? 1.036   -11.428 18.778  1.00 33.49 ? 167 PRO A O   1 
ATOM   1094 C CB  . PRO A 1 179 ? -0.270  -13.850 19.897  1.00 33.14 ? 167 PRO A CB  1 
ATOM   1095 C CG  . PRO A 1 179 ? -0.933  -13.891 21.282  1.00 37.52 ? 167 PRO A CG  1 
ATOM   1096 C CD  . PRO A 1 179 ? -0.324  -12.714 22.010  1.00 35.54 ? 167 PRO A CD  1 
ATOM   1097 N N   . ALA A 1 180 ? 2.708   -12.891 18.359  1.00 32.26 ? 168 ALA A N   1 
ATOM   1098 C CA  . ALA A 1 180 ? 3.439   -12.095 17.360  1.00 32.90 ? 168 ALA A CA  1 
ATOM   1099 C C   . ALA A 1 180 ? 2.489   -11.730 16.244  1.00 29.48 ? 168 ALA A C   1 
ATOM   1100 O O   . ALA A 1 180 ? 2.599   -10.599 15.735  1.00 29.28 ? 168 ALA A O   1 
ATOM   1101 C CB  . ALA A 1 180 ? 4.635   -12.844 16.847  1.00 30.20 ? 168 ALA A CB  1 
ATOM   1102 N N   . HIS A 1 181 ? 1.598   -12.642 15.881  1.00 27.50 ? 169 HIS A N   1 
ATOM   1103 C CA  . HIS A 1 181 ? 0.764   -12.504 14.660  1.00 30.04 ? 169 HIS A CA  1 
ATOM   1104 C C   . HIS A 1 181 ? -0.369  -11.505 14.947  1.00 30.50 ? 169 HIS A C   1 
ATOM   1105 O O   . HIS A 1 181 ? -0.738  -10.755 14.002  1.00 27.51 ? 169 HIS A O   1 
ATOM   1106 C CB  . HIS A 1 181 ? 0.297   -13.864 14.115  1.00 31.59 ? 169 HIS A CB  1 
ATOM   1107 C CG  . HIS A 1 181 ? -0.366  -13.769 12.780  1.00 27.85 ? 169 HIS A CG  1 
ATOM   1108 N ND1 . HIS A 1 181 ? -1.723  -13.514 12.651  1.00 27.69 ? 169 HIS A ND1 1 
ATOM   1109 C CD2 . HIS A 1 181 ? 0.124   -13.868 11.523  1.00 27.43 ? 169 HIS A CD2 1 
ATOM   1110 C CE1 . HIS A 1 181 ? -2.058  -13.474 11.353  1.00 25.24 ? 169 HIS A CE1 1 
ATOM   1111 N NE2 . HIS A 1 181 ? -0.947  -13.702 10.635  1.00 29.06 ? 169 HIS A NE2 1 
ATOM   1112 N N   . GLU A 1 182 ? -0.832  -11.455 16.204  1.00 27.20 ? 170 GLU A N   1 
ATOM   1113 C CA  . GLU A 1 182 ? -1.868  -10.497 16.663  1.00 28.40 ? 170 GLU A CA  1 
ATOM   1114 C C   . GLU A 1 182 ? -1.230  -9.098  16.738  1.00 27.82 ? 170 GLU A C   1 
ATOM   1115 O O   . GLU A 1 182 ? -1.841  -8.171  16.228  1.00 25.19 ? 170 GLU A O   1 
ATOM   1116 C CB  . GLU A 1 182 ? -2.502  -10.963 17.980  1.00 30.68 ? 170 GLU A CB  1 
ATOM   1117 C CG  . GLU A 1 182 ? -3.264  -12.272 17.785  1.00 30.29 ? 170 GLU A CG  1 
ATOM   1118 C CD  . GLU A 1 182 ? -3.794  -12.955 19.032  1.00 33.61 ? 170 GLU A CD  1 
ATOM   1119 O OE1 . GLU A 1 182 ? -3.692  -12.352 20.130  1.00 29.85 ? 170 GLU A OE1 1 
ATOM   1120 O OE2 . GLU A 1 182 ? -4.294  -14.114 18.885  1.00 35.50 ? 170 GLU A OE2 1 
ATOM   1121 N N   . LEU A 1 183 ? -0.019  -8.973  17.286  1.00 28.61 ? 171 LEU A N   1 
ATOM   1122 C CA  . LEU A 1 183 ? 0.709   -7.679  17.350  1.00 27.19 ? 171 LEU A CA  1 
ATOM   1123 C C   . LEU A 1 183 ? 1.015   -7.209  15.917  1.00 25.79 ? 171 LEU A C   1 
ATOM   1124 O O   . LEU A 1 183 ? 0.720   -6.018  15.573  1.00 26.89 ? 171 LEU A O   1 
ATOM   1125 C CB  . LEU A 1 183 ? 1.959   -7.846  18.206  1.00 26.34 ? 171 LEU A CB  1 
ATOM   1126 C CG  . LEU A 1 183 ? 2.943   -6.682  18.184  1.00 26.49 ? 171 LEU A CG  1 
ATOM   1127 C CD1 . LEU A 1 183 ? 2.302   -5.424  18.730  1.00 26.26 ? 171 LEU A CD1 1 
ATOM   1128 C CD2 . LEU A 1 183 ? 4.232   -7.031  18.946  1.00 28.19 ? 171 LEU A CD2 1 
ATOM   1129 N N   . ALA A 1 184 ? 1.473   -8.117  15.069  1.00 24.25 ? 172 ALA A N   1 
ATOM   1130 C CA  . ALA A 1 184 ? 1.701   -7.817  13.632  1.00 25.87 ? 172 ALA A CA  1 
ATOM   1131 C C   . ALA A 1 184 ? 0.435   -7.263  12.978  1.00 25.75 ? 172 ALA A C   1 
ATOM   1132 O O   . ALA A 1 184 ? 0.518   -6.211  12.265  1.00 25.55 ? 172 ALA A O   1 
ATOM   1133 C CB  . ALA A 1 184 ? 2.227   -9.019  12.909  1.00 26.97 ? 172 ALA A CB  1 
ATOM   1134 N N   . THR A 1 185 ? -0.702  -7.932  13.176  1.00 25.24 ? 173 THR A N   1 
ATOM   1135 C CA  . THR A 1 185 ? -1.982  -7.517  12.559  1.00 27.30 ? 173 THR A CA  1 
ATOM   1136 C C   . THR A 1 185 ? -2.294  -6.061  12.960  1.00 25.54 ? 173 THR A C   1 
ATOM   1137 O O   . THR A 1 185 ? -2.490  -5.276  12.038  1.00 23.83 ? 173 THR A O   1 
ATOM   1138 C CB  . THR A 1 185 ? -3.109  -8.522  12.828  1.00 29.82 ? 173 THR A CB  1 
ATOM   1139 O OG1 . THR A 1 185 ? -2.636  -9.772  12.317  1.00 27.25 ? 173 THR A OG1 1 
ATOM   1140 C CG2 . THR A 1 185 ? -4.410  -8.145  12.162  1.00 26.08 ? 173 THR A CG2 1 
ATOM   1141 N N   . ALA A 1 186 ? -2.339  -5.710  14.258  1.00 24.24 ? 174 ALA A N   1 
ATOM   1142 C CA  . ALA A 1 186 ? -2.724  -4.360  14.731  1.00 25.26 ? 174 ALA A CA  1 
ATOM   1143 C C   . ALA A 1 186 ? -1.764  -3.307  14.175  1.00 25.01 ? 174 ALA A C   1 
ATOM   1144 O O   . ALA A 1 186 ? -2.262  -2.274  13.735  1.00 24.04 ? 174 ALA A O   1 
ATOM   1145 C CB  . ALA A 1 186 ? -2.769  -4.320  16.244  1.00 25.68 ? 174 ALA A CB  1 
ATOM   1146 N N   . LEU A 1 187 ? -0.439  -3.595  14.144  1.00 23.80 ? 175 LEU A N   1 
ATOM   1147 C CA  . LEU A 1 187 ? 0.601   -2.654  13.686  1.00 21.90 ? 175 LEU A CA  1 
ATOM   1148 C C   . LEU A 1 187 ? 0.413   -2.401  12.181  1.00 23.53 ? 175 LEU A C   1 
ATOM   1149 O O   . LEU A 1 187 ? 0.536   -1.268  11.792  1.00 23.99 ? 175 LEU A O   1 
ATOM   1150 C CB  . LEU A 1 187 ? 2.018   -3.185  14.002  1.00 23.65 ? 175 LEU A CB  1 
ATOM   1151 C CG  . LEU A 1 187 ? 2.452   -3.215  15.479  1.00 26.93 ? 175 LEU A CG  1 
ATOM   1152 C CD1 . LEU A 1 187 ? 3.875   -3.753  15.595  1.00 30.58 ? 175 LEU A CD1 1 
ATOM   1153 C CD2 . LEU A 1 187 ? 2.349   -1.845  16.157  1.00 27.34 ? 175 LEU A CD2 1 
ATOM   1154 N N   . ASN A 1 188 ? 0.110   -3.422  11.386  1.00 22.54 ? 176 ASN A N   1 
ATOM   1155 C CA  . ASN A 1 188 ? -0.122  -3.330  9.923   1.00 23.76 ? 176 ASN A CA  1 
ATOM   1156 C C   . ASN A 1 188 ? -1.436  -2.557  9.654   1.00 25.58 ? 176 ASN A C   1 
ATOM   1157 O O   . ASN A 1 188 ? -1.463  -1.754  8.703   1.00 25.31 ? 176 ASN A O   1 
ATOM   1158 C CB  . ASN A 1 188 ? -0.102  -4.721  9.259   1.00 25.38 ? 176 ASN A CB  1 
ATOM   1159 C CG  . ASN A 1 188 ? 1.280   -5.181  8.791   1.00 24.96 ? 176 ASN A CG  1 
ATOM   1160 O OD1 . ASN A 1 188 ? 1.555   -5.250  7.591   1.00 27.94 ? 176 ASN A OD1 1 
ATOM   1161 N ND2 . ASN A 1 188 ? 2.168   -5.484  9.716   1.00 24.41 ? 176 ASN A ND2 1 
ATOM   1162 N N   . LEU A 1 189 ? -2.508  -2.776  10.429  1.00 26.13 ? 177 LEU A N   1 
ATOM   1163 C CA  . LEU A 1 189 ? -3.789  -2.043  10.207  1.00 23.61 ? 177 LEU A CA  1 
ATOM   1164 C C   . LEU A 1 189 ? -3.605  -0.585  10.638  1.00 25.49 ? 177 LEU A C   1 
ATOM   1165 O O   . LEU A 1 189 ? -4.144  0.294   9.982   1.00 27.96 ? 177 LEU A O   1 
ATOM   1166 C CB  . LEU A 1 189 ? -4.913  -2.713  10.999  1.00 25.22 ? 177 LEU A CB  1 
ATOM   1167 C CG  . LEU A 1 189 ? -5.375  -4.065  10.471  1.00 24.88 ? 177 LEU A CG  1 
ATOM   1168 C CD1 . LEU A 1 189 ? -6.399  -4.655  11.399  1.00 25.28 ? 177 LEU A CD1 1 
ATOM   1169 C CD2 . LEU A 1 189 ? -5.915  -3.959  9.049   1.00 24.14 ? 177 LEU A CD2 1 
ATOM   1170 N N   . MET A 1 190 ? -2.892  -0.355  11.741  1.00 28.00 ? 178 MET A N   1 
ATOM   1171 C CA  . MET A 1 190 ? -2.482  1.008   12.112  1.00 27.93 ? 178 MET A CA  1 
ATOM   1172 C C   . MET A 1 190 ? -1.834  1.691   10.897  1.00 26.44 ? 178 MET A C   1 
ATOM   1173 O O   . MET A 1 190 ? -2.218  2.789   10.626  1.00 25.55 ? 178 MET A O   1 
ATOM   1174 C CB  . MET A 1 190 ? -1.480  1.050   13.240  1.00 23.98 ? 178 MET A CB  1 
ATOM   1175 C CG  . MET A 1 190 ? -0.978  2.486   13.456  1.00 24.97 ? 178 MET A CG  1 
ATOM   1176 S SD  . MET A 1 190 ? -0.034  2.715   14.964  1.00 26.39 ? 178 MET A SD  1 
ATOM   1177 C CE  . MET A 1 190 ? 1.470   1.812   14.564  1.00 27.54 ? 178 MET A CE  1 
ATOM   1178 N N   . ASN A 1 191 ? -0.785  1.118   10.318  1.00 27.59 ? 179 ASN A N   1 
ATOM   1179 C CA  . ASN A 1 191 ? -0.026  1.751   9.212   1.00 30.45 ? 179 ASN A CA  1 
ATOM   1180 C C   . ASN A 1 191 ? -0.936  2.003   8.016   1.00 29.17 ? 179 ASN A C   1 
ATOM   1181 O O   . ASN A 1 191 ? -0.790  3.052   7.406   1.00 29.29 ? 179 ASN A O   1 
ATOM   1182 C CB  . ASN A 1 191 ? 1.173   0.918   8.787   1.00 25.75 ? 179 ASN A CB  1 
ATOM   1183 C CG  . ASN A 1 191 ? 2.297   1.066   9.782   1.00 26.94 ? 179 ASN A CG  1 
ATOM   1184 O OD1 . ASN A 1 191 ? 2.056   1.466   10.907  1.00 25.69 ? 179 ASN A OD1 1 
ATOM   1185 N ND2 . ASN A 1 191 ? 3.519   0.760   9.379   1.00 25.89 ? 179 ASN A ND2 1 
ATOM   1186 N N   . GLU A 1 192 ? -1.749  1.030   7.613   1.00 28.23 ? 180 GLU A N   1 
ATOM   1187 C CA  . GLU A 1 192 ? -2.718  1.183   6.494   1.00 28.32 ? 180 GLU A CA  1 
ATOM   1188 C C   . GLU A 1 192 ? -3.591  2.433   6.749   1.00 30.37 ? 180 GLU A C   1 
ATOM   1189 O O   . GLU A 1 192 ? -3.706  3.315   5.853   1.00 28.00 ? 180 GLU A O   1 
ATOM   1190 C CB  . GLU A 1 192 ? -3.577  -0.075  6.360   1.00 27.07 ? 180 GLU A CB  1 
ATOM   1191 C CG  . GLU A 1 192 ? -4.757  0.086   5.418   1.00 32.16 ? 180 GLU A CG  1 
ATOM   1192 C CD  . GLU A 1 192 ? -5.744  -1.075  5.417   1.00 32.54 ? 180 GLU A CD  1 
ATOM   1193 O OE1 . GLU A 1 192 ? -5.309  -2.221  5.417   1.00 37.01 ? 180 GLU A OE1 1 
ATOM   1194 O OE2 . GLU A 1 192 ? -6.930  -0.832  5.443   1.00 38.66 ? 180 GLU A OE2 1 
ATOM   1195 N N   . ARG A 1 193 ? -4.158  2.550   7.954   1.00 28.86 ? 181 ARG A N   1 
ATOM   1196 C CA  . ARG A 1 193 ? -5.136  3.621   8.250   1.00 27.53 ? 181 ARG A CA  1 
ATOM   1197 C C   . ARG A 1 193 ? -4.376  4.948   8.355   1.00 26.59 ? 181 ARG A C   1 
ATOM   1198 O O   . ARG A 1 193 ? -4.906  5.983   7.842   1.00 24.83 ? 181 ARG A O   1 
ATOM   1199 C CB  . ARG A 1 193 ? -5.901  3.388   9.552   1.00 26.50 ? 181 ARG A CB  1 
ATOM   1200 C CG  . ARG A 1 193 ? -6.995  4.419   9.766   1.00 30.29 ? 181 ARG A CG  1 
ATOM   1201 C CD  . ARG A 1 193 ? -8.132  4.180   8.785   1.00 30.94 ? 181 ARG A CD  1 
ATOM   1202 N NE  . ARG A 1 193 ? -9.139  5.199   8.915   1.00 33.60 ? 181 ARG A NE  1 
ATOM   1203 C CZ  . ARG A 1 193 ? -9.138  6.384   8.300   1.00 34.90 ? 181 ARG A CZ  1 
ATOM   1204 N NH1 . ARG A 1 193 ? -10.123 7.225   8.518   1.00 37.13 ? 181 ARG A NH1 1 
ATOM   1205 N NH2 . ARG A 1 193 ? -8.163  6.740   7.500   1.00 38.44 ? 181 ARG A NH2 1 
ATOM   1206 N N   . THR A 1 194 ? -3.225  4.932   9.048   1.00 28.21 ? 182 THR A N   1 
ATOM   1207 C CA  . THR A 1 194 ? -2.474  6.167   9.377   1.00 29.69 ? 182 THR A CA  1 
ATOM   1208 C C   . THR A 1 194 ? -1.789  6.684   8.105   1.00 28.80 ? 182 THR A C   1 
ATOM   1209 O O   . THR A 1 194 ? -1.894  7.888   7.870   1.00 24.29 ? 182 THR A O   1 
ATOM   1210 C CB  . THR A 1 194 ? -1.551  6.004   10.585  1.00 31.23 ? 182 THR A CB  1 
ATOM   1211 O OG1 . THR A 1 194 ? -2.252  5.434   11.687  1.00 29.35 ? 182 THR A OG1 1 
ATOM   1212 C CG2 . THR A 1 194 ? -1.009  7.346   11.020  1.00 29.79 ? 182 THR A CG2 1 
ATOM   1213 N N   . LEU A 1 195 ? -1.157  5.822   7.296   1.00 27.06 ? 183 LEU A N   1 
ATOM   1214 C CA  . LEU A 1 195 ? -0.407  6.288   6.105   1.00 29.50 ? 183 LEU A CA  1 
ATOM   1215 C C   . LEU A 1 195 ? -1.421  6.900   5.150   1.00 30.31 ? 183 LEU A C   1 
ATOM   1216 O O   . LEU A 1 195 ? -1.175  8.020   4.605   1.00 28.24 ? 183 LEU A O   1 
ATOM   1217 C CB  . LEU A 1 195 ? 0.390   5.176   5.437   1.00 30.20 ? 183 LEU A CB  1 
ATOM   1218 C CG  . LEU A 1 195 ? 1.685   4.773   6.145   1.00 31.40 ? 183 LEU A CG  1 
ATOM   1219 C CD1 . LEU A 1 195 ? 2.329   3.600   5.438   1.00 34.09 ? 183 LEU A CD1 1 
ATOM   1220 C CD2 . LEU A 1 195 ? 2.658   5.939   6.272   1.00 31.83 ? 183 LEU A CD2 1 
ATOM   1221 N N   . PHE A 1 196 ? -2.506  6.184   4.941   1.00 31.55 ? 184 PHE A N   1 
ATOM   1222 C CA  . PHE A 1 196 ? -3.543  6.565   3.945   1.00 32.94 ? 184 PHE A CA  1 
ATOM   1223 C C   . PHE A 1 196 ? -4.265  7.832   4.411   1.00 31.55 ? 184 PHE A C   1 
ATOM   1224 O O   . PHE A 1 196 ? -4.457  8.689   3.567   1.00 31.97 ? 184 PHE A O   1 
ATOM   1225 C CB  . PHE A 1 196 ? -4.406  5.358   3.565   1.00 33.94 ? 184 PHE A CB  1 
ATOM   1226 C CG  . PHE A 1 196 ? -3.619  4.246   2.891   1.00 36.08 ? 184 PHE A CG  1 
ATOM   1227 C CD1 . PHE A 1 196 ? -2.286  4.422   2.504   1.00 35.81 ? 184 PHE A CD1 1 
ATOM   1228 C CD2 . PHE A 1 196 ? -4.206  3.018   2.624   1.00 40.74 ? 184 PHE A CD2 1 
ATOM   1229 C CE1 . PHE A 1 196 ? -1.557  3.386   1.942   1.00 35.13 ? 184 PHE A CE1 1 
ATOM   1230 C CE2 . PHE A 1 196 ? -3.489  1.991   2.015   1.00 35.51 ? 184 PHE A CE2 1 
ATOM   1231 C CZ  . PHE A 1 196 ? -2.166  2.173   1.674   1.00 37.64 ? 184 PHE A CZ  1 
ATOM   1232 N N   . ALA A 1 197 ? -4.572  8.010   5.696   1.00 28.86 ? 185 ALA A N   1 
ATOM   1233 C CA  . ALA A 1 197 ? -5.145  9.284   6.193   1.00 32.41 ? 185 ALA A CA  1 
ATOM   1234 C C   . ALA A 1 197 ? -4.164  10.443  5.941   1.00 30.54 ? 185 ALA A C   1 
ATOM   1235 O O   . ALA A 1 197 ? -4.620  11.517  5.491   1.00 30.36 ? 185 ALA A O   1 
ATOM   1236 C CB  . ALA A 1 197 ? -5.481  9.173   7.664   1.00 33.36 ? 185 ALA A CB  1 
ATOM   1237 N N   . SER A 1 198 ? -2.869  10.250  6.252   1.00 32.53 ? 186 SER A N   1 
ATOM   1238 C CA  . SER A 1 198 ? -1.806  11.278  6.089   1.00 29.05 ? 186 SER A CA  1 
ATOM   1239 C C   . SER A 1 198 ? -1.728  11.652  4.609   1.00 32.41 ? 186 SER A C   1 
ATOM   1240 O O   . SER A 1 198 ? -1.719  12.869  4.296   1.00 28.56 ? 186 SER A O   1 
ATOM   1241 C CB  . SER A 1 198 ? -0.445  10.840  6.589   1.00 30.89 ? 186 SER A CB  1 
ATOM   1242 O OG  . SER A 1 198 ? -0.374  10.859  8.015   1.00 44.19 ? 186 SER A OG  1 
ATOM   1243 N N   . PHE A 1 199 ? -1.675  10.653  3.724   1.00 26.93 ? 187 PHE A N   1 
ATOM   1244 C CA  . PHE A 1 199 ? -1.568  10.916  2.267   1.00 28.19 ? 187 PHE A CA  1 
ATOM   1245 C C   . PHE A 1 199 ? -2.776  11.713  1.774   1.00 31.22 ? 187 PHE A C   1 
ATOM   1246 O O   . PHE A 1 199 ? -2.554  12.630  1.032   1.00 36.88 ? 187 PHE A O   1 
ATOM   1247 C CB  . PHE A 1 199 ? -1.441  9.632   1.470   1.00 26.58 ? 187 PHE A CB  1 
ATOM   1248 C CG  . PHE A 1 199 ? -0.181  8.850   1.703   1.00 27.73 ? 187 PHE A CG  1 
ATOM   1249 C CD1 . PHE A 1 199 ? 1.002   9.477   2.059   1.00 29.96 ? 187 PHE A CD1 1 
ATOM   1250 C CD2 . PHE A 1 199 ? -0.184  7.488   1.508   1.00 28.94 ? 187 PHE A CD2 1 
ATOM   1251 C CE1 . PHE A 1 199 ? 2.154   8.734   2.273   1.00 33.12 ? 187 PHE A CE1 1 
ATOM   1252 C CE2 . PHE A 1 199 ? 0.980   6.757   1.668   1.00 31.66 ? 187 PHE A CE2 1 
ATOM   1253 C CZ  . PHE A 1 199 ? 2.135   7.371   2.079   1.00 34.22 ? 187 PHE A CZ  1 
ATOM   1254 N N   . ALA A 1 200 ? -3.999  11.363  2.154   1.00 34.02 ? 188 ALA A N   1 
ATOM   1255 C CA  . ALA A 1 200 ? -5.220  12.049  1.672   1.00 35.00 ? 188 ALA A CA  1 
ATOM   1256 C C   . ALA A 1 200 ? -5.459  13.369  2.415   1.00 36.35 ? 188 ALA A C   1 
ATOM   1257 O O   . ALA A 1 200 ? -6.467  13.987  2.156   1.00 42.58 ? 188 ALA A O   1 
ATOM   1258 C CB  . ALA A 1 200 ? -6.401  11.117  1.798   1.00 34.31 ? 188 ALA A CB  1 
ATOM   1259 N N   . GLY A 1 201 ? -4.596  13.788  3.334   1.00 34.11 ? 189 GLY A N   1 
ATOM   1260 C CA  . GLY A 1 201 ? -4.827  14.996  4.147   1.00 37.74 ? 189 GLY A CA  1 
ATOM   1261 C C   . GLY A 1 201 ? -6.135  14.941  4.937   1.00 39.70 ? 189 GLY A C   1 
ATOM   1262 O O   . GLY A 1 201 ? -6.673  15.998  5.198   1.00 39.08 ? 189 GLY A O   1 
ATOM   1263 N N   . GLU A 1 202 ? -6.582  13.773  5.409   1.00 35.91 ? 190 GLU A N   1 
ATOM   1264 C CA  . GLU A 1 202 ? -7.848  13.640  6.182   1.00 34.34 ? 190 GLU A CA  1 
ATOM   1265 C C   . GLU A 1 202 ? -7.751  14.440  7.485   1.00 34.96 ? 190 GLU A C   1 
ATOM   1266 O O   . GLU A 1 202 ? -6.621  14.646  8.014   1.00 30.76 ? 190 GLU A O   1 
ATOM   1267 C CB  . GLU A 1 202 ? -8.161  12.191  6.552   1.00 34.32 ? 190 GLU A CB  1 
ATOM   1268 C CG  . GLU A 1 202 ? -8.503  11.315  5.370   1.00 38.87 ? 190 GLU A CG  1 
ATOM   1269 C CD  . GLU A 1 202 ? -8.953  9.914   5.769   1.00 41.10 ? 190 GLU A CD  1 
ATOM   1270 O OE1 . GLU A 1 202 ? -9.199  9.674   6.971   1.00 40.68 ? 190 GLU A OE1 1 
ATOM   1271 O OE2 . GLU A 1 202 ? -9.018  9.051   4.889   1.00 44.95 ? 190 GLU A OE2 1 
ATOM   1272 N N   . GLN A 1 203 ? -8.912  14.827  8.008   1.00 35.18 ? 191 GLN A N   1 
ATOM   1273 C CA  . GLN A 1 203 ? -9.051  15.348  9.381   1.00 43.01 ? 191 GLN A CA  1 
ATOM   1274 C C   . GLN A 1 203 ? -9.805  14.310  10.197  1.00 40.90 ? 191 GLN A C   1 
ATOM   1275 O O   . GLN A 1 203 ? -11.000 14.101  10.007  1.00 42.18 ? 191 GLN A O   1 
ATOM   1276 C CB  . GLN A 1 203 ? -9.698  16.730  9.370   1.00 53.29 ? 191 GLN A CB  1 
ATOM   1277 C CG  . GLN A 1 203 ? -8.693  17.818  9.743   1.00 63.04 ? 191 GLN A CG  1 
ATOM   1278 C CD  . GLN A 1 203 ? -9.332  19.004  10.426  1.00 69.74 ? 191 GLN A CD  1 
ATOM   1279 O OE1 . GLN A 1 203 ? -10.553 19.155  10.461  1.00 76.07 ? 191 GLN A OE1 1 
ATOM   1280 N NE2 . GLN A 1 203 ? -8.501  19.872  10.971  1.00 64.90 ? 191 GLN A NE2 1 
ATOM   1281 N N   . PRO A 1 204 ? -9.133  13.617  11.137  1.00 35.83 ? 192 PRO A N   1 
ATOM   1282 C CA  . PRO A 1 204 ? -7.775  13.952  11.558  1.00 33.57 ? 192 PRO A CA  1 
ATOM   1283 C C   . PRO A 1 204 ? -6.701  13.098  10.860  1.00 29.37 ? 192 PRO A C   1 
ATOM   1284 O O   . PRO A 1 204 ? -6.984  11.991  10.406  1.00 30.10 ? 192 PRO A O   1 
ATOM   1285 C CB  . PRO A 1 204 ? -7.840  13.580  13.053  1.00 36.93 ? 192 PRO A CB  1 
ATOM   1286 C CG  . PRO A 1 204 ? -8.694  12.311  13.058  1.00 40.72 ? 192 PRO A CG  1 
ATOM   1287 C CD  . PRO A 1 204 ? -9.677  12.472  11.897  1.00 40.12 ? 192 PRO A CD  1 
ATOM   1288 N N   . SER A 1 205 ? -5.452  13.541  10.906  1.00 27.48 ? 193 SER A N   1 
ATOM   1289 C CA  . SER A 1 205 ? -4.331  12.755  10.369  1.00 26.64 ? 193 SER A CA  1 
ATOM   1290 C C   . SER A 1 205 ? -3.022  13.243  10.980  1.00 28.97 ? 193 SER A C   1 
ATOM   1291 O O   . SER A 1 205 ? -2.976  14.358  11.434  1.00 28.73 ? 193 SER A O   1 
ATOM   1292 C CB  . SER A 1 205 ? -4.332  12.794  8.844   1.00 28.80 ? 193 SER A CB  1 
ATOM   1293 O OG  . SER A 1 205 ? -4.131  14.121  8.350   1.00 28.52 ? 193 SER A OG  1 
ATOM   1294 N N   . VAL A 1 206 ? -2.009  12.388  11.028  1.00 26.95 ? 194 VAL A N   1 
ATOM   1295 C CA  . VAL A 1 206 ? -0.605  12.804  11.301  1.00 29.36 ? 194 VAL A CA  1 
ATOM   1296 C C   . VAL A 1 206 ? -0.140  13.510  10.037  1.00 30.93 ? 194 VAL A C   1 
ATOM   1297 O O   . VAL A 1 206 ? -0.361  13.036  8.930   1.00 28.13 ? 194 VAL A O   1 
ATOM   1298 C CB  . VAL A 1 206 ? 0.287   11.609  11.661  1.00 27.19 ? 194 VAL A CB  1 
ATOM   1299 C CG1 . VAL A 1 206 ? 1.724   11.998  11.980  1.00 28.28 ? 194 VAL A CG1 1 
ATOM   1300 C CG2 . VAL A 1 206 ? -0.301  10.814  12.824  1.00 28.73 ? 194 VAL A CG2 1 
ATOM   1301 N N   . PRO A 1 207 ? 0.501   14.680  10.162  1.00 29.99 ? 195 PRO A N   1 
ATOM   1302 C CA  . PRO A 1 207 ? 1.104   15.319  9.001   1.00 28.05 ? 195 PRO A CA  1 
ATOM   1303 C C   . PRO A 1 207 ? 2.105   14.336  8.378   1.00 31.44 ? 195 PRO A C   1 
ATOM   1304 O O   . PRO A 1 207 ? 2.876   13.621  9.096   1.00 28.38 ? 195 PRO A O   1 
ATOM   1305 C CB  . PRO A 1 207 ? 1.762   16.598  9.553   1.00 30.08 ? 195 PRO A CB  1 
ATOM   1306 C CG  . PRO A 1 207 ? 1.157   16.791  10.974  1.00 28.94 ? 195 PRO A CG  1 
ATOM   1307 C CD  . PRO A 1 207 ? 0.701   15.417  11.422  1.00 29.75 ? 195 PRO A CD  1 
ATOM   1308 N N   . GLU A 1 208 ? 2.087   14.297  7.047   1.00 26.60 ? 196 GLU A N   1 
ATOM   1309 C CA  . GLU A 1 208 ? 2.924   13.402  6.227   1.00 28.45 ? 196 GLU A CA  1 
ATOM   1310 C C   . GLU A 1 208 ? 4.389   13.493  6.654   1.00 29.40 ? 196 GLU A C   1 
ATOM   1311 O O   . GLU A 1 208 ? 5.086   12.447  6.649   1.00 27.04 ? 196 GLU A O   1 
ATOM   1312 C CB  . GLU A 1 208 ? 2.710   13.769  4.754   1.00 31.66 ? 196 GLU A CB  1 
ATOM   1313 C CG  . GLU A 1 208 ? 3.531   12.906  3.830   1.00 38.47 ? 196 GLU A CG  1 
ATOM   1314 C CD  . GLU A 1 208 ? 3.157   12.946  2.360   1.00 41.05 ? 196 GLU A CD  1 
ATOM   1315 O OE1 . GLU A 1 208 ? 2.027   13.338  2.048   1.00 43.01 ? 196 GLU A OE1 1 
ATOM   1316 O OE2 . GLU A 1 208 ? 3.978   12.489  1.552   1.00 52.99 ? 196 GLU A OE2 1 
ATOM   1317 N N   . ALA A 1 209 ? 4.881   14.692  6.982   1.00 28.73 ? 197 ALA A N   1 
ATOM   1318 C CA  . ALA A 1 209 ? 6.300   14.847  7.361   1.00 28.07 ? 197 ALA A CA  1 
ATOM   1319 C C   . ALA A 1 209 ? 6.533   14.326  8.786   1.00 29.50 ? 197 ALA A C   1 
ATOM   1320 O O   . ALA A 1 209 ? 7.683   14.360  9.200   1.00 27.92 ? 197 ALA A O   1 
ATOM   1321 C CB  . ALA A 1 209 ? 6.730   16.301  7.239   1.00 30.28 ? 197 ALA A CB  1 
ATOM   1322 N N   . ARG A 1 210 ? 5.512   13.899  9.532   1.00 24.83 ? 198 ARG A N   1 
ATOM   1323 C CA  . ARG A 1 210 ? 5.727   13.344  10.907  1.00 26.87 ? 198 ARG A CA  1 
ATOM   1324 C C   . ARG A 1 210 ? 5.288   11.878  10.980  1.00 27.43 ? 198 ARG A C   1 
ATOM   1325 O O   . ARG A 1 210 ? 5.482   11.267  12.039  1.00 25.20 ? 198 ARG A O   1 
ATOM   1326 C CB  . ARG A 1 210 ? 4.960   14.177  11.929  1.00 27.36 ? 198 ARG A CB  1 
ATOM   1327 C CG  . ARG A 1 210 ? 5.516   15.585  12.128  1.00 28.80 ? 198 ARG A CG  1 
ATOM   1328 C CD  . ARG A 1 210 ? 6.866   15.606  12.830  1.00 30.38 ? 198 ARG A CD  1 
ATOM   1329 N NE  . ARG A 1 210 ? 6.839   14.756  14.017  1.00 32.28 ? 198 ARG A NE  1 
ATOM   1330 C CZ  . ARG A 1 210 ? 7.834   13.961  14.408  1.00 35.80 ? 198 ARG A CZ  1 
ATOM   1331 N NH1 . ARG A 1 210 ? 8.984   13.958  13.752  1.00 34.83 ? 198 ARG A NH1 1 
ATOM   1332 N NH2 . ARG A 1 210 ? 7.682   13.158  15.446  1.00 35.23 ? 198 ARG A NH2 1 
ATOM   1333 N N   . VAL A 1 211 ? 4.715   11.326  9.915   1.00 27.10 ? 199 VAL A N   1 
ATOM   1334 C CA  . VAL A 1 211 ? 4.022   10.003  10.029  1.00 26.93 ? 199 VAL A CA  1 
ATOM   1335 C C   . VAL A 1 211 ? 5.024   8.831   10.093  1.00 26.14 ? 199 VAL A C   1 
ATOM   1336 O O   . VAL A 1 211 ? 4.834   7.905   10.931  1.00 30.17 ? 199 VAL A O   1 
ATOM   1337 C CB  . VAL A 1 211 ? 2.945   9.819   8.960   1.00 28.46 ? 199 VAL A CB  1 
ATOM   1338 C CG1 . VAL A 1 211 ? 3.526   9.656   7.570   1.00 27.63 ? 199 VAL A CG1 1 
ATOM   1339 C CG2 . VAL A 1 211 ? 2.061   8.657   9.349   1.00 29.44 ? 199 VAL A CG2 1 
ATOM   1340 N N   . LEU A 1 212 ? 6.138   8.903   9.390   1.00 27.35 ? 200 LEU A N   1 
ATOM   1341 C CA  . LEU A 1 212 ? 7.146   7.821   9.476   1.00 28.38 ? 200 LEU A CA  1 
ATOM   1342 C C   . LEU A 1 212 ? 7.653   7.726   10.921  1.00 29.05 ? 200 LEU A C   1 
ATOM   1343 O O   . LEU A 1 212 ? 7.650   6.611   11.490  1.00 27.89 ? 200 LEU A O   1 
ATOM   1344 C CB  . LEU A 1 212 ? 8.255   8.079   8.459   1.00 31.49 ? 200 LEU A CB  1 
ATOM   1345 C CG  . LEU A 1 212 ? 9.314   6.977   8.362   1.00 33.36 ? 200 LEU A CG  1 
ATOM   1346 C CD1 . LEU A 1 212 ? 8.669   5.663   7.971   1.00 34.03 ? 200 LEU A CD1 1 
ATOM   1347 C CD2 . LEU A 1 212 ? 10.422  7.364   7.382   1.00 34.61 ? 200 LEU A CD2 1 
ATOM   1348 N N   . ASP A 1 213 ? 8.081   8.839   11.504  1.00 30.93 ? 201 ASP A N   1 
ATOM   1349 C CA  . ASP A 1 213 ? 8.617   8.883   12.895  1.00 29.94 ? 201 ASP A CA  1 
ATOM   1350 C C   . ASP A 1 213 ? 7.556   8.400   13.903  1.00 27.09 ? 201 ASP A C   1 
ATOM   1351 O O   . ASP A 1 213 ? 7.905   7.691   14.873  1.00 26.96 ? 201 ASP A O   1 
ATOM   1352 C CB  . ASP A 1 213 ? 9.128   10.276  13.257  1.00 32.91 ? 201 ASP A CB  1 
ATOM   1353 C CG  . ASP A 1 213 ? 10.535  10.622  12.760  1.00 38.71 ? 201 ASP A CG  1 
ATOM   1354 O OD1 . ASP A 1 213 ? 11.239  9.740   12.231  1.00 38.75 ? 201 ASP A OD1 1 
ATOM   1355 O OD2 . ASP A 1 213 ? 10.929  11.797  12.928  1.00 41.46 ? 201 ASP A OD2 1 
ATOM   1356 N N   . THR A 1 214 ? 6.301   8.795   13.712  1.00 26.65 ? 202 THR A N   1 
ATOM   1357 C CA  . THR A 1 214 ? 5.185   8.404   14.592  1.00 27.04 ? 202 THR A CA  1 
ATOM   1358 C C   . THR A 1 214 ? 5.063   6.873   14.581  1.00 26.83 ? 202 THR A C   1 
ATOM   1359 O O   . THR A 1 214 ? 5.046   6.278   15.653  1.00 24.16 ? 202 THR A O   1 
ATOM   1360 C CB  . THR A 1 214 ? 3.891   9.114   14.152  1.00 30.50 ? 202 THR A CB  1 
ATOM   1361 O OG1 . THR A 1 214 ? 4.131   10.519  14.208  1.00 28.10 ? 202 THR A OG1 1 
ATOM   1362 C CG2 . THR A 1 214 ? 2.714   8.735   15.036  1.00 30.52 ? 202 THR A CG2 1 
ATOM   1363 N N   . LEU A 1 215 ? 4.994   6.256   13.393  1.00 24.63 ? 203 LEU A N   1 
ATOM   1364 C CA  . LEU A 1 215 ? 4.778   4.804   13.233  1.00 24.53 ? 203 LEU A CA  1 
ATOM   1365 C C   . LEU A 1 215 ? 6.009   4.042   13.742  1.00 25.07 ? 203 LEU A C   1 
ATOM   1366 O O   . LEU A 1 215 ? 5.805   3.077   14.517  1.00 28.62 ? 203 LEU A O   1 
ATOM   1367 C CB  . LEU A 1 215 ? 4.444   4.500   11.770  1.00 24.87 ? 203 LEU A CB  1 
ATOM   1368 C CG  . LEU A 1 215 ? 3.152   5.118   11.256  1.00 24.75 ? 203 LEU A CG  1 
ATOM   1369 C CD1 . LEU A 1 215 ? 2.982   4.829   9.773   1.00 26.85 ? 203 LEU A CD1 1 
ATOM   1370 C CD2 . LEU A 1 215 ? 1.977   4.601   12.053  1.00 24.64 ? 203 LEU A CD2 1 
ATOM   1371 N N   . VAL A 1 216 ? 7.223   4.524   13.489  1.00 24.07 ? 204 VAL A N   1 
ATOM   1372 C CA  . VAL A 1 216 ? 8.438   3.779   13.933  1.00 24.54 ? 204 VAL A CA  1 
ATOM   1373 C C   . VAL A 1 216 ? 8.436   3.711   15.464  1.00 26.46 ? 204 VAL A C   1 
ATOM   1374 O O   . VAL A 1 216 ? 8.626   2.589   16.014  1.00 27.57 ? 204 VAL A O   1 
ATOM   1375 C CB  . VAL A 1 216 ? 9.720   4.400   13.371  1.00 26.63 ? 204 VAL A CB  1 
ATOM   1376 C CG1 . VAL A 1 216 ? 10.949  3.857   14.061  1.00 27.56 ? 204 VAL A CG1 1 
ATOM   1377 C CG2 . VAL A 1 216 ? 9.808   4.185   11.857  1.00 28.89 ? 204 VAL A CG2 1 
ATOM   1378 N N   . HIS A 1 217 ? 8.135   4.823   16.134  1.00 27.22 ? 205 HIS A N   1 
ATOM   1379 C CA  . HIS A 1 217 ? 8.099   4.869   17.628  1.00 28.48 ? 205 HIS A CA  1 
ATOM   1380 C C   . HIS A 1 217 ? 7.150   3.784   18.187  1.00 29.28 ? 205 HIS A C   1 
ATOM   1381 O O   . HIS A 1 217 ? 7.571   3.022   19.085  1.00 25.93 ? 205 HIS A O   1 
ATOM   1382 C CB  . HIS A 1 217 ? 7.683   6.252   18.117  1.00 27.78 ? 205 HIS A CB  1 
ATOM   1383 C CG  . HIS A 1 217 ? 7.361   6.265   19.569  1.00 27.04 ? 205 HIS A CG  1 
ATOM   1384 N ND1 . HIS A 1 217 ? 8.330   6.352   20.523  1.00 29.05 ? 205 HIS A ND1 1 
ATOM   1385 C CD2 . HIS A 1 217 ? 6.203   6.127   20.228  1.00 29.72 ? 205 HIS A CD2 1 
ATOM   1386 C CE1 . HIS A 1 217 ? 7.791   6.337   21.720  1.00 31.69 ? 205 HIS A CE1 1 
ATOM   1387 N NE2 . HIS A 1 217 ? 6.478   6.154   21.570  1.00 30.66 ? 205 HIS A NE2 1 
ATOM   1388 N N   . ILE A 1 218 ? 5.912   3.712   17.686  1.00 28.11 ? 206 ILE A N   1 
ATOM   1389 C CA  . ILE A 1 218 ? 4.854   2.777   18.177  1.00 26.45 ? 206 ILE A CA  1 
ATOM   1390 C C   . ILE A 1 218 ? 5.247   1.332   17.849  1.00 28.27 ? 206 ILE A C   1 
ATOM   1391 O O   . ILE A 1 218 ? 5.007   0.458   18.702  1.00 26.51 ? 206 ILE A O   1 
ATOM   1392 C CB  . ILE A 1 218 ? 3.484   3.137   17.573  1.00 27.08 ? 206 ILE A CB  1 
ATOM   1393 C CG1 . ILE A 1 218 ? 3.095   4.552   17.970  1.00 26.99 ? 206 ILE A CG1 1 
ATOM   1394 C CG2 . ILE A 1 218 ? 2.434   2.087   17.967  1.00 23.68 ? 206 ILE A CG2 1 
ATOM   1395 C CD1 . ILE A 1 218 ? 1.873   5.098   17.261  1.00 28.91 ? 206 ILE A CD1 1 
ATOM   1396 N N   . TRP A 1 219 ? 5.854   1.090   16.669  1.00 27.46 ? 207 TRP A N   1 
ATOM   1397 C CA  . TRP A 1 219 ? 6.354   -0.255  16.278  1.00 29.22 ? 207 TRP A CA  1 
ATOM   1398 C C   . TRP A 1 219 ? 7.460   -0.684  17.241  1.00 29.04 ? 207 TRP A C   1 
ATOM   1399 O O   . TRP A 1 219 ? 7.367   -1.809  17.811  1.00 24.22 ? 207 TRP A O   1 
ATOM   1400 C CB  . TRP A 1 219 ? 6.856   -0.312  14.827  1.00 29.69 ? 207 TRP A CB  1 
ATOM   1401 C CG  . TRP A 1 219 ? 5.770   -0.489  13.816  1.00 26.44 ? 207 TRP A CG  1 
ATOM   1402 C CD1 . TRP A 1 219 ? 4.687   0.322   13.639  1.00 24.98 ? 207 TRP A CD1 1 
ATOM   1403 C CD2 . TRP A 1 219 ? 5.685   -1.509  12.804  1.00 27.84 ? 207 TRP A CD2 1 
ATOM   1404 N NE1 . TRP A 1 219 ? 3.921   -0.151  12.612  1.00 28.59 ? 207 TRP A NE1 1 
ATOM   1405 C CE2 . TRP A 1 219 ? 4.508   -1.264  12.073  1.00 27.82 ? 207 TRP A CE2 1 
ATOM   1406 C CE3 . TRP A 1 219 ? 6.461   -2.623  12.462  1.00 28.02 ? 207 TRP A CE3 1 
ATOM   1407 C CZ2 . TRP A 1 219 ? 4.083   -2.102  11.043  1.00 30.72 ? 207 TRP A CZ2 1 
ATOM   1408 C CZ3 . TRP A 1 219 ? 6.052   -3.440  11.429  1.00 27.29 ? 207 TRP A CZ3 1 
ATOM   1409 C CH2 . TRP A 1 219 ? 4.883   -3.186  10.735  1.00 27.49 ? 207 TRP A CH2 1 
ATOM   1410 N N   . VAL A 1 220 ? 8.466   0.168   17.416  1.00 26.39 ? 208 VAL A N   1 
ATOM   1411 C CA  . VAL A 1 220 ? 9.686   -0.233  18.171  1.00 28.74 ? 208 VAL A CA  1 
ATOM   1412 C C   . VAL A 1 220 ? 9.331   -0.369  19.654  1.00 28.84 ? 208 VAL A C   1 
ATOM   1413 O O   . VAL A 1 220 ? 9.738   -1.367  20.282  1.00 29.01 ? 208 VAL A O   1 
ATOM   1414 C CB  . VAL A 1 220 ? 10.827  0.768   17.910  1.00 30.69 ? 208 VAL A CB  1 
ATOM   1415 C CG1 . VAL A 1 220 ? 11.983  0.536   18.867  1.00 38.73 ? 208 VAL A CG1 1 
ATOM   1416 C CG2 . VAL A 1 220 ? 11.279  0.661   16.455  1.00 30.32 ? 208 VAL A CG2 1 
ATOM   1417 N N   . THR A 1 221 ? 8.528   0.540   20.193  1.00 29.64 ? 209 THR A N   1 
ATOM   1418 C CA  . THR A 1 221 ? 8.136   0.442   21.615  1.00 30.78 ? 209 THR A CA  1 
ATOM   1419 C C   . THR A 1 221 ? 7.193   -0.766  21.820  1.00 32.40 ? 209 THR A C   1 
ATOM   1420 O O   . THR A 1 221 ? 7.282   -1.376  22.885  1.00 30.49 ? 209 THR A O   1 
ATOM   1421 C CB  . THR A 1 221 ? 7.547   1.740   22.162  1.00 34.77 ? 209 THR A CB  1 
ATOM   1422 O OG1 . THR A 1 221 ? 6.411   2.049   21.360  1.00 30.83 ? 209 THR A OG1 1 
ATOM   1423 C CG2 . THR A 1 221 ? 8.568   2.858   22.267  1.00 31.46 ? 209 THR A CG2 1 
ATOM   1424 N N   . SER A 1 222 ? 6.318   -1.126  20.881  1.00 30.32 ? 210 SER A N   1 
ATOM   1425 C CA  . SER A 1 222 ? 5.347   -2.217  21.154  1.00 28.94 ? 210 SER A CA  1 
ATOM   1426 C C   . SER A 1 222 ? 6.027   -3.577  20.928  1.00 31.75 ? 210 SER A C   1 
ATOM   1427 O O   . SER A 1 222 ? 5.670   -4.550  21.627  1.00 29.52 ? 210 SER A O   1 
ATOM   1428 C CB  . SER A 1 222 ? 4.077   -2.071  20.394  1.00 31.07 ? 210 SER A CB  1 
ATOM   1429 O OG  . SER A 1 222 ? 4.271   -2.239  19.010  1.00 28.35 ? 210 SER A OG  1 
ATOM   1430 N N   . ILE A 1 223 ? 7.000   -3.636  20.024  1.00 30.52 ? 211 ILE A N   1 
ATOM   1431 C CA  . ILE A 1 223 ? 7.745   -4.876  19.694  1.00 32.66 ? 211 ILE A CA  1 
ATOM   1432 C C   . ILE A 1 223 ? 8.788   -5.152  20.786  1.00 36.35 ? 211 ILE A C   1 
ATOM   1433 O O   . ILE A 1 223 ? 8.940   -6.355  21.140  1.00 33.92 ? 211 ILE A O   1 
ATOM   1434 C CB  . ILE A 1 223 ? 8.380   -4.796  18.298  1.00 33.11 ? 211 ILE A CB  1 
ATOM   1435 C CG1 . ILE A 1 223 ? 7.293   -4.877  17.222  1.00 31.18 ? 211 ILE A CG1 1 
ATOM   1436 C CG2 . ILE A 1 223 ? 9.446   -5.888  18.149  1.00 34.95 ? 211 ILE A CG2 1 
ATOM   1437 C CD1 . ILE A 1 223 ? 7.741   -4.497  15.821  1.00 32.01 ? 211 ILE A CD1 1 
ATOM   1438 N N   . TYR A 1 224 ? 9.497   -4.130  21.285  1.00 29.95 ? 212 TYR A N   1 
ATOM   1439 C CA  . TYR A 1 224 ? 10.643  -4.342  22.208  1.00 32.69 ? 212 TYR A CA  1 
ATOM   1440 C C   . TYR A 1 224 ? 10.217  -4.097  23.657  1.00 31.76 ? 212 TYR A C   1 
ATOM   1441 O O   . TYR A 1 224 ? 11.001  -4.474  24.504  1.00 34.04 ? 212 TYR A O   1 
ATOM   1442 C CB  . TYR A 1 224 ? 11.882  -3.560  21.729  1.00 30.63 ? 212 TYR A CB  1 
ATOM   1443 C CG  . TYR A 1 224 ? 12.331  -4.032  20.359  1.00 30.75 ? 212 TYR A CG  1 
ATOM   1444 C CD1 . TYR A 1 224 ? 13.076  -5.199  20.219  1.00 31.83 ? 212 TYR A CD1 1 
ATOM   1445 C CD2 . TYR A 1 224 ? 12.020  -3.331  19.202  1.00 29.96 ? 212 TYR A CD2 1 
ATOM   1446 C CE1 . TYR A 1 224 ? 13.450  -5.685  18.977  1.00 29.78 ? 212 TYR A CE1 1 
ATOM   1447 C CE2 . TYR A 1 224 ? 12.419  -3.783  17.950  1.00 30.90 ? 212 TYR A CE2 1 
ATOM   1448 C CZ  . TYR A 1 224 ? 13.170  -4.950  17.841  1.00 28.86 ? 212 TYR A CZ  1 
ATOM   1449 O OH  . TYR A 1 224 ? 13.560  -5.457  16.630  1.00 31.67 ? 212 TYR A OH  1 
ATOM   1450 N N   . GLY A 1 225 ? 9.046   -3.504  23.922  1.00 33.77 ? 213 GLY A N   1 
ATOM   1451 C CA  . GLY A 1 225 ? 8.641   -3.080  25.273  1.00 36.28 ? 213 GLY A CA  1 
ATOM   1452 C C   . GLY A 1 225 ? 7.975   -4.204  26.056  1.00 39.95 ? 213 GLY A C   1 
ATOM   1453 O O   . GLY A 1 225 ? 7.305   -5.016  25.436  1.00 42.00 ? 213 GLY A O   1 
ATOM   1454 N N   . GLU A 1 226 ? 8.117   -4.196  27.389  1.00 52.14 ? 214 GLU A N   1 
ATOM   1455 C CA  . GLU A 1 226 ? 7.668   -5.256  28.341  1.00 57.32 ? 214 GLU A CA  1 
ATOM   1456 C C   . GLU A 1 226 ? 6.257   -4.959  28.853  1.00 60.19 ? 214 GLU A C   1 
ATOM   1457 O O   . GLU A 1 226 ? 6.046   -3.888  29.425  1.00 56.98 ? 214 GLU A O   1 
ATOM   1458 C CB  . GLU A 1 226 ? 8.637   -5.307  29.521  1.00 66.16 ? 214 GLU A CB  1 
ATOM   1459 C CG  . GLU A 1 226 ? 9.963   -5.959  29.184  1.00 67.02 ? 214 GLU A CG  1 
ATOM   1460 C CD  . GLU A 1 226 ? 9.906   -7.478  29.247  1.00 82.49 ? 214 GLU A CD  1 
ATOM   1461 O OE1 . GLU A 1 226 ? 10.984  -8.103  29.082  1.00 81.65 ? 214 GLU A OE1 1 
ATOM   1462 O OE2 . GLU A 1 226 ? 8.777   -8.040  29.464  1.00 68.56 ? 214 GLU A OE2 1 
HETATM 1463 C C1  . GOL B 2 .   ? -12.335 5.266   -6.113  1.00 66.85 ? 301 GOL A C1  1 
HETATM 1464 O O1  . GOL B 2 .   ? -11.890 4.246   -7.010  1.00 51.80 ? 301 GOL A O1  1 
HETATM 1465 C C2  . GOL B 2 .   ? -12.481 6.639   -6.757  1.00 62.11 ? 301 GOL A C2  1 
HETATM 1466 O O2  . GOL B 2 .   ? -13.462 7.414   -6.070  1.00 74.09 ? 301 GOL A O2  1 
HETATM 1467 C C3  . GOL B 2 .   ? -11.221 7.467   -6.740  1.00 64.26 ? 301 GOL A C3  1 
HETATM 1468 O O3  . GOL B 2 .   ? -11.029 8.070   -5.460  1.00 57.62 ? 301 GOL A O3  1 
HETATM 1469 C C4  . GFW C 3 .   ? 11.607  -4.755  8.815   1.00 42.70 ? 302 GFW A C4  1 
HETATM 1470 C C14 . GFW C 3 .   ? 0.952   -2.669  5.382   1.00 41.53 ? 302 GFW A C14 1 
HETATM 1471 C C5  . GFW C 3 .   ? 10.227  -5.229  8.421   1.00 38.54 ? 302 GFW A C5  1 
HETATM 1472 C C6  . GFW C 3 .   ? 8.058   -5.100  7.724   1.00 30.69 ? 302 GFW A C6  1 
HETATM 1473 C C11 . GFW C 3 .   ? 4.539   -2.834  7.145   1.00 26.86 ? 302 GFW A C11 1 
HETATM 1474 C C7  . GFW C 3 .   ? 8.078   -6.452  8.003   1.00 34.55 ? 302 GFW A C7  1 
HETATM 1475 C C8  . GFW C 3 .   ? 6.846   -4.342  7.454   1.00 27.27 ? 302 GFW A C8  1 
HETATM 1476 C C9  . GFW C 3 .   ? 5.682   -4.981  7.066   1.00 29.05 ? 302 GFW A C9  1 
HETATM 1477 C C10 . GFW C 3 .   ? 4.524   -4.206  6.909   1.00 25.70 ? 302 GFW A C10 1 
HETATM 1478 C C12 . GFW C 3 .   ? 5.710   -2.201  7.540   1.00 27.69 ? 302 GFW A C12 1 
HETATM 1479 C C13 . GFW C 3 .   ? 6.865   -2.956  7.703   1.00 26.08 ? 302 GFW A C13 1 
HETATM 1480 N N1  . GFW C 3 .   ? 9.242   -4.460  7.941   1.00 32.93 ? 302 GFW A N1  1 
HETATM 1481 N N2  . GFW C 3 .   ? 2.377   -2.377  5.388   1.00 31.74 ? 302 GFW A N2  1 
HETATM 1482 C C3  . GFW C 3 .   ? 12.594  -5.359  7.845   1.00 47.21 ? 302 GFW A C3  1 
HETATM 1483 C C1  . GFW C 3 .   ? 15.659  -6.023  7.554   1.00 69.98 ? 302 GFW A C1  1 
HETATM 1484 C C2  . GFW C 3 .   ? 14.449  -6.915  7.281   1.00 66.53 ? 302 GFW A C2  1 
HETATM 1485 O O1  . GFW C 3 .   ? 13.323  -6.569  8.119   1.00 63.32 ? 302 GFW A O1  1 
HETATM 1486 O O2  . GFW C 3 .   ? 12.814  -4.824  6.789   1.00 57.78 ? 302 GFW A O2  1 
HETATM 1487 S S1  . GFW C 3 .   ? 9.708   -6.869  8.499   1.00 35.94 ? 302 GFW A S1  1 
HETATM 1488 S S2  . GFW C 3 .   ? 3.003   -1.927  6.946   1.00 30.27 ? 302 GFW A S2  1 
HETATM 1489 O O3  . GFW C 3 .   ? 3.412   -0.487  6.856   1.00 30.95 ? 302 GFW A O3  1 
HETATM 1490 O O4  . GFW C 3 .   ? 2.423   -2.170  8.241   1.00 29.24 ? 302 GFW A O4  1 
HETATM 1491 C C15 . GFW C 3 .   ? 0.105   -1.402  5.347   1.00 43.91 ? 302 GFW A C15 1 
HETATM 1492 C C16 . GFW C 3 .   ? -0.010  -0.651  4.033   1.00 45.00 ? 302 GFW A C16 1 
HETATM 1493 C C17 . GFW C 3 .   ? 0.834   0.574   4.165   1.00 40.73 ? 302 GFW A C17 1 
HETATM 1494 C C18 . GFW C 3 .   ? 0.390   -1.437  2.801   1.00 54.78 ? 302 GFW A C18 1 
HETATM 1495 O O   . HOH D 4 .   ? 6.473   -6.437  23.472  1.00 30.94 ? 401 HOH A O   1 
HETATM 1496 O O   . HOH D 4 .   ? 4.189   -15.973 14.554  1.00 38.88 ? 402 HOH A O   1 
HETATM 1497 O O   . HOH D 4 .   ? -4.178  -15.271 16.640  0.50 27.85 ? 403 HOH A O   1 
HETATM 1498 O O   . HOH D 4 .   ? -8.897  10.301  9.432   1.00 31.65 ? 404 HOH A O   1 
HETATM 1499 O O   . HOH D 4 .   ? 10.366  7.473   15.573  1.00 29.34 ? 405 HOH A O   1 
HETATM 1500 O O   . HOH D 4 .   ? 7.949   -8.803  21.194  1.00 30.90 ? 406 HOH A O   1 
HETATM 1501 O O   . HOH D 4 .   ? 11.479  8.464   3.161   1.00 29.44 ? 407 HOH A O   1 
HETATM 1502 O O   . HOH D 4 .   ? -2.574  -10.191 21.239  1.00 33.34 ? 408 HOH A O   1 
HETATM 1503 O O   . HOH D 4 .   ? -4.686  7.932   0.976   1.00 33.79 ? 409 HOH A O   1 
HETATM 1504 O O   . HOH D 4 .   ? -1.086  -13.427 7.892   1.00 28.77 ? 410 HOH A O   1 
HETATM 1505 O O   . HOH D 4 .   ? -2.464  9.942   9.633   1.00 29.51 ? 411 HOH A O   1 
HETATM 1506 O O   . HOH D 4 .   ? -1.145  7.564   -8.076  1.00 37.34 ? 412 HOH A O   1 
HETATM 1507 O O   . HOH D 4 .   ? 13.443  2.083   3.028   1.00 39.83 ? 413 HOH A O   1 
HETATM 1508 O O   . HOH D 4 .   ? 6.716   -9.965  1.381   1.00 44.37 ? 414 HOH A O   1 
HETATM 1509 O O   . HOH D 4 .   ? 7.274   11.143  7.780   1.00 25.64 ? 415 HOH A O   1 
HETATM 1510 O O   . HOH D 4 .   ? 1.374   10.508  -5.605  1.00 39.26 ? 416 HOH A O   1 
HETATM 1511 O O   . HOH D 4 .   ? -3.519  9.055   -1.088  1.00 36.12 ? 417 HOH A O   1 
HETATM 1512 O O   . HOH D 4 .   ? 8.324   11.323  10.065  1.00 26.22 ? 418 HOH A O   1 
HETATM 1513 O O   . HOH D 4 .   ? 3.732   17.221  6.168   1.00 31.98 ? 419 HOH A O   1 
HETATM 1514 O O   . HOH D 4 .   ? -0.437  10.371  -7.166  1.00 40.09 ? 420 HOH A O   1 
HETATM 1515 O O   . HOH D 4 .   ? -3.456  -12.354 8.297   1.00 33.19 ? 421 HOH A O   1 
HETATM 1516 O O   . HOH D 4 .   ? 9.178   11.464  6.068   1.00 40.81 ? 422 HOH A O   1 
# 
